data_4YO5
#
_entry.id   4YO5
#
_cell.length_a   112.280
_cell.length_b   90.630
_cell.length_c   120.090
_cell.angle_alpha   90.00
_cell.angle_beta   101.96
_cell.angle_gamma   90.00
#
_symmetry.space_group_name_H-M   'P 1 21 1'
#
loop_
_entity.id
_entity.type
_entity.pdbx_description
1 polymer TssA
2 water water
#
_entity_poly.entity_id   1
_entity_poly.type   'polypeptide(L)'
_entity_poly.pdbx_seq_one_letter_code
;AALSLEPEALQIADNEGTEAALSWLQARPGIQSDRSNWLLRLL(MSE)ARVAEQTGKNDLALHLLAELDERATRLTLSQW
EPELVFEVKARRLKLLR(MSE)KSAKTESDRVRLQPD(MSE)EHLLAGLIAIDAARAAVLCNS
;
_entity_poly.pdbx_strand_id   A,B,C,D,E,F,G,H,I,J,K,L
#
# COMPACT_ATOMS: atom_id res chain seq x y z
N ALA A 1 5.07 -36.83 14.04
CA ALA A 1 5.54 -36.23 15.28
C ALA A 1 5.10 -37.01 16.54
N ALA A 2 3.85 -37.56 16.51
CA ALA A 2 3.20 -38.34 17.57
C ALA A 2 1.88 -38.95 17.06
N LEU A 3 0.96 -38.08 16.54
CA LEU A 3 -0.36 -38.44 16.01
C LEU A 3 -0.34 -38.67 14.50
N SER A 4 0.76 -39.24 14.02
CA SER A 4 1.02 -39.56 12.61
C SER A 4 0.93 -41.06 12.38
N LEU A 5 1.13 -41.83 13.46
CA LEU A 5 1.12 -43.30 13.50
C LEU A 5 -0.31 -43.85 13.40
N GLU A 6 -0.98 -43.68 12.23
CA GLU A 6 -2.35 -44.16 12.02
C GLU A 6 -2.57 -44.99 10.72
N PRO A 7 -2.12 -46.26 10.71
CA PRO A 7 -2.35 -47.12 9.53
C PRO A 7 -3.71 -47.82 9.61
N GLU A 8 -4.39 -47.72 10.78
CA GLU A 8 -5.72 -48.31 11.03
C GLU A 8 -6.78 -47.55 10.26
N ALA A 9 -6.52 -46.23 10.04
CA ALA A 9 -7.36 -45.33 9.28
C ALA A 9 -7.47 -45.82 7.83
N LEU A 10 -6.36 -46.40 7.31
CA LEU A 10 -6.28 -46.98 5.97
C LEU A 10 -7.16 -48.25 5.87
N GLN A 11 -7.23 -49.05 6.96
CA GLN A 11 -8.08 -50.26 7.01
C GLN A 11 -9.54 -49.88 6.90
N ILE A 12 -9.99 -48.89 7.72
CA ILE A 12 -11.37 -48.35 7.77
C ILE A 12 -11.86 -47.96 6.37
N ALA A 13 -10.95 -47.40 5.57
CA ALA A 13 -11.21 -46.98 4.19
C ALA A 13 -11.61 -48.15 3.28
N ASP A 14 -11.00 -49.32 3.51
CA ASP A 14 -11.24 -50.54 2.74
C ASP A 14 -12.47 -51.31 3.24
N ASN A 15 -12.59 -51.47 4.58
CA ASN A 15 -13.71 -52.16 5.25
C ASN A 15 -15.01 -51.36 5.06
N GLU A 16 -15.05 -50.14 5.63
CA GLU A 16 -16.20 -49.24 5.50
C GLU A 16 -15.95 -48.33 4.27
N GLY A 17 -16.62 -47.18 4.22
CA GLY A 17 -16.46 -46.21 3.13
C GLY A 17 -15.25 -45.31 3.29
N THR A 18 -15.05 -44.41 2.33
CA THR A 18 -13.96 -43.43 2.38
C THR A 18 -14.31 -42.28 3.33
N GLU A 19 -15.61 -41.91 3.37
CA GLU A 19 -16.15 -40.89 4.26
C GLU A 19 -15.94 -41.32 5.72
N ALA A 20 -16.12 -42.62 6.01
CA ALA A 20 -15.94 -43.22 7.34
C ALA A 20 -14.49 -43.10 7.80
N ALA A 21 -13.53 -43.31 6.87
CA ALA A 21 -12.09 -43.22 7.13
C ALA A 21 -11.70 -41.79 7.52
N LEU A 22 -12.21 -40.79 6.78
CA LEU A 22 -11.96 -39.37 7.06
C LEU A 22 -12.66 -38.96 8.35
N SER A 23 -13.95 -39.36 8.49
CA SER A 23 -14.81 -39.08 9.63
C SER A 23 -14.16 -39.50 10.93
N TRP A 24 -13.41 -40.62 10.89
CA TRP A 24 -12.67 -41.13 12.04
C TRP A 24 -11.52 -40.18 12.39
N LEU A 25 -10.66 -39.85 11.41
CA LEU A 25 -9.54 -38.94 11.61
C LEU A 25 -10.01 -37.64 12.24
N GLN A 26 -11.10 -37.04 11.68
CA GLN A 26 -11.72 -35.79 12.15
C GLN A 26 -12.13 -35.85 13.64
N ALA A 27 -12.40 -37.06 14.16
CA ALA A 27 -12.82 -37.28 15.54
C ALA A 27 -11.75 -37.97 16.43
N ARG A 28 -10.47 -37.59 16.29
CA ARG A 28 -9.39 -38.14 17.12
C ARG A 28 -9.36 -37.39 18.46
N PRO A 29 -8.63 -37.83 19.56
CA PRO A 29 -8.63 -37.03 20.81
C PRO A 29 -8.40 -35.56 20.52
N GLY A 30 -9.00 -34.69 21.33
CA GLY A 30 -8.94 -33.24 21.22
C GLY A 30 -7.56 -32.64 21.30
N ILE A 31 -6.80 -32.91 20.24
CA ILE A 31 -5.48 -32.41 19.93
C ILE A 31 -5.75 -31.06 19.28
N GLN A 32 -4.95 -30.04 19.59
CA GLN A 32 -5.30 -28.77 18.99
C GLN A 32 -4.18 -28.07 18.29
N SER A 33 -2.93 -28.49 18.54
CA SER A 33 -1.79 -27.88 17.85
C SER A 33 -2.10 -27.79 16.36
N ASP A 34 -1.69 -26.67 15.70
CA ASP A 34 -1.88 -26.54 14.26
C ASP A 34 -1.01 -27.57 13.53
N ARG A 35 0.06 -28.04 14.23
CA ARG A 35 0.99 -29.10 13.81
C ARG A 35 0.18 -30.41 13.68
N SER A 36 -0.47 -30.85 14.77
CA SER A 36 -1.29 -32.06 14.81
C SER A 36 -2.43 -32.05 13.79
N ASN A 37 -3.07 -30.86 13.59
CA ASN A 37 -4.15 -30.68 12.63
C ASN A 37 -3.64 -30.92 11.19
N TRP A 38 -2.51 -30.27 10.82
CA TRP A 38 -1.85 -30.37 9.52
C TRP A 38 -1.42 -31.82 9.25
N LEU A 39 -0.89 -32.51 10.27
CA LEU A 39 -0.45 -33.91 10.12
C LEU A 39 -1.64 -34.82 9.90
N LEU A 40 -2.72 -34.63 10.68
CA LEU A 40 -3.98 -35.36 10.59
C LEU A 40 -4.57 -35.20 9.19
N ARG A 41 -4.50 -33.97 8.67
CA ARG A 41 -4.98 -33.61 7.35
C ARG A 41 -4.11 -34.23 6.25
N LEU A 42 -2.81 -34.49 6.54
CA LEU A 42 -1.89 -35.16 5.62
C LEU A 42 -2.31 -36.62 5.50
N LEU A 43 -2.69 -37.25 6.64
CA LEU A 43 -3.17 -38.63 6.68
C LEU A 43 -4.41 -38.76 5.81
N MSE A 44 -5.31 -37.75 5.88
CA MSE A 44 -6.51 -37.69 5.08
C MSE A 44 -6.15 -37.70 3.59
O MSE A 44 -6.80 -38.39 2.81
CB MSE A 44 -7.29 -36.43 5.39
CG MSE A 44 -7.83 -36.36 6.81
SE MSE A 44 -9.14 -34.92 7.12
CE MSE A 44 -8.90 -33.92 5.48
N ALA A 45 -5.11 -36.92 3.20
CA ALA A 45 -4.65 -36.83 1.81
C ALA A 45 -4.02 -38.15 1.36
N ARG A 46 -3.29 -38.82 2.29
CA ARG A 46 -2.63 -40.09 2.05
C ARG A 46 -3.67 -41.18 1.83
N VAL A 47 -4.70 -41.23 2.71
CA VAL A 47 -5.78 -42.21 2.64
C VAL A 47 -6.62 -42.02 1.36
N ALA A 48 -6.74 -40.77 0.88
CA ALA A 48 -7.47 -40.46 -0.34
C ALA A 48 -6.68 -40.85 -1.62
N GLU A 49 -5.43 -41.27 -1.45
CA GLU A 49 -4.62 -41.68 -2.58
C GLU A 49 -4.71 -43.19 -2.77
N GLN A 50 -5.30 -43.91 -1.80
CA GLN A 50 -5.41 -45.37 -1.87
C GLN A 50 -6.45 -45.82 -2.87
N THR A 51 -7.76 -45.61 -2.65
CA THR A 51 -8.70 -46.00 -3.70
C THR A 51 -8.94 -44.72 -4.56
N GLY A 52 -9.90 -44.77 -5.49
CA GLY A 52 -10.28 -43.70 -6.43
C GLY A 52 -9.87 -42.31 -6.02
N LYS A 53 -10.77 -41.64 -5.22
CA LYS A 53 -10.68 -40.31 -4.57
C LYS A 53 -9.97 -39.23 -5.43
N ASN A 54 -8.60 -39.26 -5.55
CA ASN A 54 -7.73 -38.42 -6.39
C ASN A 54 -8.02 -36.92 -6.32
N ASP A 55 -9.15 -36.47 -6.89
CA ASP A 55 -9.63 -35.08 -6.87
C ASP A 55 -9.70 -34.61 -5.41
N LEU A 56 -10.19 -35.49 -4.50
CA LEU A 56 -10.27 -35.22 -3.06
C LEU A 56 -8.86 -35.04 -2.53
N ALA A 57 -7.95 -35.97 -2.87
CA ALA A 57 -6.56 -35.90 -2.44
C ALA A 57 -5.88 -34.63 -2.94
N LEU A 58 -6.16 -34.21 -4.18
CA LEU A 58 -5.59 -33.01 -4.79
C LEU A 58 -6.01 -31.75 -4.05
N HIS A 59 -7.31 -31.67 -3.66
CA HIS A 59 -7.88 -30.56 -2.91
C HIS A 59 -7.21 -30.48 -1.53
N LEU A 60 -7.08 -31.64 -0.87
CA LEU A 60 -6.47 -31.82 0.45
C LEU A 60 -5.01 -31.40 0.44
N LEU A 61 -4.26 -31.83 -0.60
CA LEU A 61 -2.84 -31.53 -0.77
C LEU A 61 -2.59 -30.07 -1.09
N ALA A 62 -3.46 -29.45 -1.90
CA ALA A 62 -3.34 -28.03 -2.27
C ALA A 62 -3.43 -27.14 -1.02
N GLU A 63 -4.35 -27.49 -0.09
CA GLU A 63 -4.61 -26.84 1.20
C GLU A 63 -3.38 -26.94 2.08
N LEU A 64 -2.81 -28.16 2.20
CA LEU A 64 -1.63 -28.42 3.02
C LEU A 64 -0.42 -27.65 2.51
N ASP A 65 -0.26 -27.64 1.17
CA ASP A 65 0.84 -26.96 0.49
C ASP A 65 0.77 -25.47 0.68
N GLU A 66 -0.45 -24.90 0.61
CA GLU A 66 -0.72 -23.48 0.80
C GLU A 66 -0.39 -23.05 2.24
N ARG A 67 -0.82 -23.86 3.24
CA ARG A 67 -0.54 -23.63 4.66
C ARG A 67 0.96 -23.72 4.98
N ALA A 68 1.67 -24.64 4.30
CA ALA A 68 3.10 -24.85 4.44
C ALA A 68 3.88 -23.64 3.91
N THR A 69 3.36 -23.03 2.81
CA THR A 69 3.96 -21.86 2.19
C THR A 69 3.87 -20.67 3.13
N ARG A 70 2.68 -20.46 3.74
CA ARG A 70 2.42 -19.40 4.71
C ARG A 70 3.31 -19.58 5.94
N LEU A 71 3.24 -20.76 6.58
CA LEU A 71 4.01 -21.11 7.76
C LEU A 71 5.54 -21.26 7.51
N THR A 72 5.98 -21.09 6.23
CA THR A 72 7.36 -21.24 5.70
C THR A 72 8.01 -22.54 6.26
N LEU A 73 7.26 -23.64 6.09
CA LEU A 73 7.59 -24.98 6.56
C LEU A 73 8.64 -25.67 5.70
N SER A 74 9.01 -25.09 4.55
CA SER A 74 10.06 -25.67 3.70
C SER A 74 11.40 -25.64 4.46
N GLN A 75 11.54 -24.72 5.46
CA GLN A 75 12.73 -24.53 6.29
C GLN A 75 12.74 -25.45 7.52
N TRP A 76 11.63 -25.48 8.26
CA TRP A 76 11.41 -26.31 9.43
C TRP A 76 10.52 -27.46 8.94
N GLU A 77 10.99 -28.72 8.92
CA GLU A 77 10.21 -29.89 8.39
C GLU A 77 10.13 -29.91 6.82
N PRO A 78 11.28 -29.97 6.09
CA PRO A 78 11.24 -29.97 4.62
C PRO A 78 10.73 -31.25 3.99
N GLU A 79 10.97 -32.40 4.67
CA GLU A 79 10.59 -33.73 4.20
C GLU A 79 9.09 -33.82 3.99
N LEU A 80 8.32 -33.25 4.94
CA LEU A 80 6.86 -33.23 4.90
C LEU A 80 6.38 -32.41 3.73
N VAL A 81 6.99 -31.22 3.51
CA VAL A 81 6.65 -30.34 2.38
C VAL A 81 6.97 -31.02 1.06
N PHE A 82 8.15 -31.64 0.97
CA PHE A 82 8.59 -32.39 -0.21
C PHE A 82 7.55 -33.44 -0.57
N GLU A 83 7.09 -34.21 0.45
CA GLU A 83 6.07 -35.25 0.29
C GLU A 83 4.80 -34.67 -0.34
N VAL A 84 4.25 -33.59 0.28
CA VAL A 84 3.04 -32.90 -0.17
C VAL A 84 3.19 -32.44 -1.62
N LYS A 85 4.29 -31.73 -1.93
CA LYS A 85 4.55 -31.20 -3.27
C LYS A 85 4.66 -32.32 -4.31
N ALA A 86 5.40 -33.39 -3.96
CA ALA A 86 5.60 -34.54 -4.85
C ALA A 86 4.30 -35.27 -5.14
N ARG A 87 3.49 -35.55 -4.08
CA ARG A 87 2.18 -36.21 -4.18
C ARG A 87 1.27 -35.36 -5.07
N ARG A 88 1.29 -34.04 -4.86
CA ARG A 88 0.49 -33.07 -5.63
C ARG A 88 0.88 -33.10 -7.11
N LEU A 89 2.19 -33.14 -7.40
CA LEU A 89 2.73 -33.19 -8.76
C LEU A 89 2.32 -34.50 -9.47
N LYS A 90 2.49 -35.65 -8.78
CA LYS A 90 2.16 -37.00 -9.26
C LYS A 90 0.70 -37.06 -9.77
N LEU A 91 -0.24 -36.64 -8.91
CA LEU A 91 -1.67 -36.63 -9.16
C LEU A 91 -2.09 -35.63 -10.24
N LEU A 92 -1.39 -34.48 -10.32
CA LEU A 92 -1.68 -33.47 -11.34
C LEU A 92 -1.26 -34.00 -12.71
N ARG A 93 -0.13 -34.76 -12.75
CA ARG A 93 0.39 -35.39 -13.96
C ARG A 93 -0.59 -36.43 -14.48
N MSE A 94 -1.27 -37.14 -13.57
CA MSE A 94 -2.30 -38.14 -13.90
C MSE A 94 -3.56 -37.46 -14.43
O MSE A 94 -4.14 -37.96 -15.40
CB MSE A 94 -2.65 -38.96 -12.66
CG MSE A 94 -1.56 -39.88 -12.21
SE MSE A 94 -2.04 -40.68 -10.53
CE MSE A 94 -0.35 -41.80 -10.29
N LYS A 95 -3.97 -36.33 -13.81
CA LYS A 95 -5.13 -35.54 -14.25
C LYS A 95 -4.85 -34.93 -15.63
N SER A 96 -3.58 -34.54 -15.87
CA SER A 96 -3.07 -33.99 -17.13
C SER A 96 -2.99 -35.09 -18.22
N ALA A 97 -2.83 -36.37 -17.79
CA ALA A 97 -2.76 -37.57 -18.65
C ALA A 97 -4.13 -38.04 -19.13
N LYS A 98 -5.18 -37.81 -18.33
CA LYS A 98 -6.57 -38.17 -18.64
C LYS A 98 -7.15 -37.28 -19.74
N THR A 99 -6.95 -35.95 -19.64
CA THR A 99 -7.46 -34.98 -20.61
C THR A 99 -6.41 -33.91 -20.90
N GLU A 100 -6.09 -33.69 -22.19
CA GLU A 100 -5.08 -32.72 -22.61
C GLU A 100 -5.60 -31.28 -22.63
N SER A 101 -6.92 -31.09 -22.43
CA SER A 101 -7.57 -29.77 -22.41
C SER A 101 -7.10 -28.98 -21.20
N ASP A 102 -6.95 -29.67 -20.03
CA ASP A 102 -6.47 -29.06 -18.79
C ASP A 102 -4.95 -29.13 -18.65
N ARG A 103 -4.25 -29.97 -19.46
CA ARG A 103 -2.78 -30.10 -19.46
C ARG A 103 -2.11 -28.70 -19.58
N VAL A 104 -2.68 -27.83 -20.42
CA VAL A 104 -2.20 -26.47 -20.64
C VAL A 104 -2.46 -25.56 -19.41
N ARG A 105 -3.62 -25.73 -18.71
CA ARG A 105 -3.92 -24.91 -17.54
C ARG A 105 -3.24 -25.44 -16.26
N LEU A 106 -2.87 -26.74 -16.23
CA LEU A 106 -2.17 -27.36 -15.11
C LEU A 106 -0.65 -27.18 -15.21
N GLN A 107 -0.14 -26.93 -16.44
CA GLN A 107 1.29 -26.71 -16.74
C GLN A 107 1.96 -25.69 -15.81
N PRO A 108 1.42 -24.47 -15.53
CA PRO A 108 2.10 -23.56 -14.61
C PRO A 108 2.24 -24.12 -13.18
N ASP A 109 1.16 -24.75 -12.64
CA ASP A 109 1.10 -25.35 -11.31
C ASP A 109 2.12 -26.46 -11.14
N MSE A 110 2.28 -27.28 -12.18
CA MSE A 110 3.22 -28.40 -12.19
C MSE A 110 4.67 -27.95 -12.24
O MSE A 110 5.52 -28.58 -11.61
CB MSE A 110 2.92 -29.31 -13.37
CG MSE A 110 1.93 -30.41 -13.03
SE MSE A 110 1.31 -31.43 -14.57
CE MSE A 110 3.08 -31.75 -15.54
N GLU A 111 4.96 -26.87 -13.01
CA GLU A 111 6.31 -26.34 -13.12
C GLU A 111 6.74 -25.71 -11.80
N HIS A 112 5.80 -25.02 -11.14
CA HIS A 112 6.00 -24.38 -9.85
C HIS A 112 6.27 -25.40 -8.74
N LEU A 113 5.56 -26.52 -8.77
CA LEU A 113 5.68 -27.63 -7.81
C LEU A 113 7.04 -28.28 -7.95
N LEU A 114 7.47 -28.52 -9.20
CA LEU A 114 8.77 -29.11 -9.51
C LEU A 114 9.90 -28.18 -9.06
N ALA A 115 9.74 -26.85 -9.31
CA ALA A 115 10.68 -25.82 -8.89
C ALA A 115 10.83 -25.82 -7.38
N GLY A 116 9.70 -26.01 -6.69
CA GLY A 116 9.59 -26.07 -5.23
C GLY A 116 10.29 -27.29 -4.68
N LEU A 117 10.09 -28.45 -5.34
CA LEU A 117 10.70 -29.73 -4.96
C LEU A 117 12.21 -29.68 -5.13
N ILE A 118 12.67 -29.07 -6.25
CA ILE A 118 14.07 -28.86 -6.59
C ILE A 118 14.71 -27.98 -5.52
N ALA A 119 13.98 -26.93 -5.08
CA ALA A 119 14.41 -26.00 -4.04
C ALA A 119 14.63 -26.68 -2.69
N ILE A 120 13.76 -27.66 -2.33
CA ILE A 120 13.82 -28.42 -1.07
C ILE A 120 14.98 -29.45 -1.07
N ASP A 121 14.98 -30.36 -2.07
CA ASP A 121 15.98 -31.40 -2.24
C ASP A 121 16.17 -31.67 -3.72
N ALA A 122 17.18 -31.02 -4.31
CA ALA A 122 17.49 -31.15 -5.74
C ALA A 122 17.75 -32.59 -6.17
N ALA A 123 18.61 -33.30 -5.42
CA ALA A 123 18.97 -34.69 -5.69
C ALA A 123 17.71 -35.54 -5.79
N ARG A 124 16.84 -35.47 -4.78
CA ARG A 124 15.58 -36.22 -4.73
C ARG A 124 14.63 -35.83 -5.87
N ALA A 125 14.56 -34.53 -6.19
CA ALA A 125 13.68 -34.00 -7.23
C ALA A 125 14.16 -34.25 -8.66
N ALA A 126 15.48 -34.46 -8.84
CA ALA A 126 16.12 -34.67 -10.15
C ALA A 126 15.42 -35.71 -11.04
N VAL A 127 15.05 -36.84 -10.41
CA VAL A 127 14.36 -37.97 -11.05
C VAL A 127 12.97 -37.59 -11.60
N LEU A 128 12.33 -36.57 -10.99
CA LEU A 128 10.98 -36.11 -11.33
C LEU A 128 10.92 -35.10 -12.47
N CYS A 129 12.10 -34.67 -13.01
CA CYS A 129 12.19 -33.70 -14.12
C CYS A 129 11.68 -34.25 -15.46
N ASN A 130 11.86 -35.56 -15.68
CA ASN A 130 11.44 -36.29 -16.86
C ASN A 130 10.16 -37.08 -16.52
N SER A 131 9.06 -36.82 -17.26
CA SER A 131 7.76 -37.47 -17.05
C SER A 131 7.55 -38.69 -17.95
N ALA B 1 -32.09 -19.55 14.93
CA ALA B 1 -31.20 -19.95 16.00
C ALA B 1 -31.29 -19.01 17.20
N ALA B 2 -32.47 -18.50 17.47
CA ALA B 2 -33.72 -19.14 17.08
C ALA B 2 -34.38 -18.45 15.90
N LEU B 3 -33.67 -17.52 15.28
CA LEU B 3 -34.23 -16.79 14.15
C LEU B 3 -34.52 -17.79 13.07
N SER B 4 -33.75 -18.86 13.05
CA SER B 4 -33.74 -19.76 11.92
C SER B 4 -35.11 -20.37 11.75
N LEU B 5 -35.80 -20.64 12.84
CA LEU B 5 -36.95 -21.51 12.75
C LEU B 5 -38.09 -20.68 12.27
N GLU B 6 -38.03 -20.30 11.00
CA GLU B 6 -39.23 -20.14 10.20
C GLU B 6 -39.35 -21.20 9.12
N PRO B 7 -40.54 -21.93 9.11
CA PRO B 7 -40.99 -22.25 7.77
C PRO B 7 -42.15 -21.36 7.47
N GLU B 8 -42.97 -21.10 8.46
CA GLU B 8 -44.11 -20.30 8.05
C GLU B 8 -43.79 -19.37 6.93
N ALA B 9 -42.49 -19.07 6.71
CA ALA B 9 -42.08 -18.24 5.58
C ALA B 9 -42.34 -19.10 4.35
N LEU B 10 -42.03 -20.40 4.46
CA LEU B 10 -42.21 -21.40 3.40
C LEU B 10 -43.66 -21.56 3.03
N GLN B 11 -44.57 -21.45 4.05
CA GLN B 11 -46.02 -21.48 3.89
C GLN B 11 -46.45 -20.31 3.04
N ILE B 12 -46.18 -19.07 3.51
CA ILE B 12 -46.50 -17.83 2.79
C ILE B 12 -46.14 -17.96 1.30
N ALA B 13 -44.96 -18.58 1.01
CA ALA B 13 -44.43 -18.79 -0.34
C ALA B 13 -45.36 -19.59 -1.21
N ASP B 14 -45.99 -20.64 -0.68
CA ASP B 14 -46.91 -21.48 -1.44
C ASP B 14 -48.28 -20.84 -1.52
N ASN B 15 -48.77 -20.27 -0.37
CA ASN B 15 -50.09 -19.63 -0.25
C ASN B 15 -50.19 -18.36 -1.07
N GLU B 16 -49.39 -17.36 -0.68
CA GLU B 16 -49.21 -16.07 -1.35
C GLU B 16 -48.01 -16.29 -2.29
N GLY B 17 -47.50 -15.25 -2.93
CA GLY B 17 -46.37 -15.42 -3.83
C GLY B 17 -45.01 -15.69 -3.18
N THR B 18 -43.96 -15.53 -3.99
CA THR B 18 -42.58 -15.65 -3.52
C THR B 18 -42.13 -14.31 -2.94
N GLU B 19 -42.57 -13.20 -3.57
CA GLU B 19 -42.31 -11.83 -3.15
C GLU B 19 -42.87 -11.60 -1.74
N ALA B 20 -44.08 -12.14 -1.49
CA ALA B 20 -44.77 -12.06 -0.21
C ALA B 20 -44.02 -12.78 0.90
N ALA B 21 -43.43 -13.97 0.61
CA ALA B 21 -42.67 -14.74 1.59
C ALA B 21 -41.43 -13.96 2.00
N LEU B 22 -40.68 -13.39 1.01
CA LEU B 22 -39.47 -12.59 1.25
C LEU B 22 -39.85 -11.31 1.97
N SER B 23 -40.91 -10.62 1.50
CA SER B 23 -41.44 -9.37 2.07
C SER B 23 -41.73 -9.52 3.56
N TRP B 24 -42.28 -10.67 3.94
CA TRP B 24 -42.48 -10.96 5.33
C TRP B 24 -41.17 -11.03 6.04
N LEU B 25 -40.23 -11.76 5.46
CA LEU B 25 -38.99 -12.00 6.16
C LEU B 25 -38.35 -10.67 6.33
N GLN B 26 -38.44 -9.87 5.29
CA GLN B 26 -37.65 -8.66 5.27
C GLN B 26 -38.11 -7.83 6.43
N ALA B 27 -39.41 -7.81 6.67
CA ALA B 27 -39.92 -7.04 7.78
C ALA B 27 -39.79 -7.86 9.05
N ARG B 28 -38.53 -8.06 9.44
CA ARG B 28 -38.09 -8.54 10.74
C ARG B 28 -39.17 -9.13 11.61
N PRO B 29 -40.04 -8.25 12.28
CA PRO B 29 -39.40 -7.48 13.37
C PRO B 29 -39.03 -8.28 14.59
N GLY B 30 -38.06 -7.81 15.37
CA GLY B 30 -37.12 -6.80 14.93
C GLY B 30 -35.77 -7.41 14.82
N ILE B 31 -35.20 -7.34 13.62
CA ILE B 31 -33.80 -7.69 13.41
C ILE B 31 -32.95 -6.67 14.15
N GLN B 32 -31.83 -7.11 14.68
CA GLN B 32 -30.85 -6.16 15.21
C GLN B 32 -29.48 -6.49 14.65
N SER B 33 -28.97 -7.63 15.07
CA SER B 33 -27.65 -8.15 14.81
C SER B 33 -27.36 -8.46 13.35
N ASP B 34 -26.07 -8.63 13.02
CA ASP B 34 -25.63 -9.01 11.68
C ASP B 34 -25.82 -10.52 11.56
N ARG B 35 -25.80 -11.23 12.72
CA ARG B 35 -26.06 -12.67 12.84
C ARG B 35 -27.50 -12.88 12.40
N SER B 36 -28.47 -12.21 13.07
CA SER B 36 -29.90 -12.30 12.75
C SER B 36 -30.21 -11.89 11.31
N ASN B 37 -29.53 -10.86 10.78
CA ASN B 37 -29.70 -10.43 9.39
C ASN B 37 -29.27 -11.54 8.40
N TRP B 38 -28.06 -12.09 8.60
CA TRP B 38 -27.48 -13.16 7.81
C TRP B 38 -28.33 -14.41 7.86
N LEU B 39 -28.85 -14.74 9.05
CA LEU B 39 -29.70 -15.93 9.22
C LEU B 39 -31.01 -15.76 8.45
N LEU B 40 -31.63 -14.58 8.60
CA LEU B 40 -32.88 -14.19 7.95
C LEU B 40 -32.71 -14.29 6.44
N ARG B 41 -31.55 -13.82 5.95
CA ARG B 41 -31.16 -13.84 4.55
C ARG B 41 -30.90 -15.26 4.06
N LEU B 42 -30.49 -16.20 4.97
CA LEU B 42 -30.29 -17.61 4.64
C LEU B 42 -31.67 -18.25 4.41
N LEU B 43 -32.67 -17.86 5.24
CA LEU B 43 -34.06 -18.32 5.10
C LEU B 43 -34.59 -17.91 3.74
N MSE B 44 -34.28 -16.69 3.33
CA MSE B 44 -34.67 -16.17 2.04
C MSE B 44 -34.09 -17.04 0.92
O MSE B 44 -34.79 -17.31 -0.05
CB MSE B 44 -34.14 -14.75 1.87
CG MSE B 44 -34.76 -13.75 2.84
SE MSE B 44 -34.37 -11.88 2.36
CE MSE B 44 -33.02 -12.18 1.02
N ALA B 45 -32.81 -17.47 1.05
CA ALA B 45 -32.14 -18.32 0.06
C ALA B 45 -32.74 -19.71 0.06
N ARG B 46 -33.13 -20.20 1.24
CA ARG B 46 -33.74 -21.51 1.43
C ARG B 46 -35.13 -21.53 0.80
N VAL B 47 -35.93 -20.47 1.05
CA VAL B 47 -37.28 -20.34 0.52
C VAL B 47 -37.25 -20.18 -1.02
N ALA B 48 -36.18 -19.58 -1.56
CA ALA B 48 -36.01 -19.41 -2.99
C ALA B 48 -35.57 -20.70 -3.68
N GLU B 49 -35.29 -21.74 -2.91
CA GLU B 49 -34.90 -23.02 -3.48
C GLU B 49 -36.12 -23.92 -3.59
N GLN B 50 -37.28 -23.52 -3.01
CA GLN B 50 -38.49 -24.31 -3.05
C GLN B 50 -39.16 -24.29 -4.41
N THR B 51 -39.75 -23.16 -4.86
CA THR B 51 -40.29 -23.19 -6.22
C THR B 51 -39.17 -22.64 -7.15
N GLY B 52 -39.50 -22.38 -8.43
CA GLY B 52 -38.59 -21.90 -9.48
C GLY B 52 -37.34 -21.21 -8.98
N LYS B 53 -37.47 -19.86 -8.77
CA LYS B 53 -36.52 -18.87 -8.23
C LYS B 53 -35.06 -19.09 -8.69
N ASN B 54 -34.32 -20.11 -8.11
CA ASN B 54 -32.96 -20.59 -8.44
C ASN B 54 -31.91 -19.49 -8.64
N ASP B 55 -32.02 -18.68 -9.70
CA ASP B 55 -31.17 -17.54 -9.98
C ASP B 55 -31.19 -16.58 -8.78
N LEU B 56 -32.38 -16.37 -8.18
CA LEU B 56 -32.57 -15.56 -6.98
C LEU B 56 -31.81 -16.19 -5.83
N ALA B 57 -31.98 -17.50 -5.65
CA ALA B 57 -31.29 -18.24 -4.59
C ALA B 57 -29.78 -18.17 -4.74
N LEU B 58 -29.27 -18.27 -5.99
CA LEU B 58 -27.85 -18.19 -6.30
C LEU B 58 -27.25 -16.87 -5.91
N HIS B 59 -27.97 -15.77 -6.20
CA HIS B 59 -27.59 -14.41 -5.89
C HIS B 59 -27.51 -14.22 -4.38
N LEU B 60 -28.54 -14.71 -3.69
CA LEU B 60 -28.70 -14.67 -2.24
C LEU B 60 -27.56 -15.43 -1.56
N LEU B 61 -27.25 -16.64 -2.07
CA LEU B 61 -26.22 -17.51 -1.53
C LEU B 61 -24.83 -16.95 -1.74
N ALA B 62 -24.58 -16.29 -2.89
CA ALA B 62 -23.28 -15.70 -3.22
C ALA B 62 -22.92 -14.60 -2.22
N GLU B 63 -23.93 -13.77 -1.86
CA GLU B 63 -23.87 -12.69 -0.90
C GLU B 63 -23.54 -13.22 0.49
N LEU B 64 -24.25 -14.28 0.93
CA LEU B 64 -24.06 -14.91 2.23
C LEU B 64 -22.66 -15.51 2.34
N ASP B 65 -22.21 -16.17 1.26
CA ASP B 65 -20.91 -16.82 1.19
C ASP B 65 -19.78 -15.81 1.28
N GLU B 66 -19.96 -14.66 0.60
CA GLU B 66 -18.99 -13.58 0.59
C GLU B 66 -18.86 -12.95 1.99
N ARG B 67 -20.00 -12.71 2.67
CA ARG B 67 -20.05 -12.16 4.02
C ARG B 67 -19.44 -13.11 5.04
N ALA B 68 -19.63 -14.43 4.84
CA ALA B 68 -19.10 -15.50 5.70
C ALA B 68 -17.57 -15.55 5.61
N THR B 69 -17.04 -15.31 4.39
CA THR B 69 -15.60 -15.31 4.11
C THR B 69 -14.96 -14.14 4.86
N ARG B 70 -15.57 -12.94 4.75
CA ARG B 70 -15.13 -11.71 5.43
C ARG B 70 -15.16 -11.91 6.95
N LEU B 71 -16.33 -12.28 7.50
CA LEU B 71 -16.54 -12.51 8.93
C LEU B 71 -15.81 -13.75 9.50
N THR B 72 -15.07 -14.51 8.60
CA THR B 72 -14.33 -15.76 8.85
C THR B 72 -15.20 -16.72 9.71
N LEU B 73 -16.43 -16.95 9.21
CA LEU B 73 -17.47 -17.75 9.83
C LEU B 73 -17.23 -19.24 9.64
N SER B 74 -16.25 -19.65 8.83
CA SER B 74 -15.92 -21.06 8.67
C SER B 74 -15.43 -21.63 10.01
N GLN B 75 -14.90 -20.76 10.90
CA GLN B 75 -14.36 -21.09 12.22
C GLN B 75 -15.45 -21.13 13.30
N TRP B 76 -16.27 -20.08 13.37
CA TRP B 76 -17.39 -19.95 14.30
C TRP B 76 -18.62 -20.23 13.43
N GLU B 77 -19.39 -21.31 13.70
CA GLU B 77 -20.57 -21.69 12.88
C GLU B 77 -20.18 -22.31 11.50
N PRO B 78 -19.43 -23.45 11.45
CA PRO B 78 -19.03 -24.04 10.15
C PRO B 78 -20.15 -24.71 9.39
N GLU B 79 -21.13 -25.27 10.12
CA GLU B 79 -22.26 -26.01 9.56
C GLU B 79 -23.07 -25.12 8.65
N LEU B 80 -23.26 -23.84 9.06
CA LEU B 80 -24.00 -22.83 8.31
C LEU B 80 -23.28 -22.51 7.02
N VAL B 81 -21.94 -22.32 7.11
CA VAL B 81 -21.11 -22.03 5.94
C VAL B 81 -21.13 -23.21 4.96
N PHE B 82 -20.97 -24.44 5.50
CA PHE B 82 -21.01 -25.68 4.71
C PHE B 82 -22.32 -25.74 3.92
N GLU B 83 -23.45 -25.44 4.59
CA GLU B 83 -24.78 -25.40 4.00
C GLU B 83 -24.82 -24.44 2.81
N VAL B 84 -24.39 -23.18 3.03
CA VAL B 84 -24.35 -22.12 2.01
C VAL B 84 -23.52 -22.56 0.80
N LYS B 85 -22.29 -23.03 1.06
CA LYS B 85 -21.37 -23.48 0.01
C LYS B 85 -21.94 -24.66 -0.80
N ALA B 86 -22.52 -25.67 -0.09
CA ALA B 86 -23.12 -26.85 -0.71
C ALA B 86 -24.33 -26.50 -1.56
N ARG B 87 -25.24 -25.66 -1.03
CA ARG B 87 -26.43 -25.18 -1.75
C ARG B 87 -26.00 -24.42 -3.01
N ARG B 88 -24.97 -23.56 -2.88
CA ARG B 88 -24.44 -22.77 -3.98
C ARG B 88 -23.86 -23.66 -5.06
N LEU B 89 -23.10 -24.72 -4.66
CA LEU B 89 -22.51 -25.70 -5.57
C LEU B 89 -23.59 -26.48 -6.35
N LYS B 90 -24.63 -26.99 -5.61
CA LYS B 90 -25.79 -27.74 -6.15
C LYS B 90 -26.45 -26.97 -7.30
N LEU B 91 -26.84 -25.72 -7.03
CA LEU B 91 -27.52 -24.81 -7.95
C LEU B 91 -26.65 -24.39 -9.13
N LEU B 92 -25.35 -24.25 -8.91
CA LEU B 92 -24.42 -23.88 -9.99
C LEU B 92 -24.27 -25.05 -10.95
N ARG B 93 -24.27 -26.29 -10.40
CA ARG B 93 -24.18 -27.52 -11.16
C ARG B 93 -25.40 -27.68 -12.07
N MSE B 94 -26.59 -27.24 -11.58
CA MSE B 94 -27.85 -27.24 -12.31
C MSE B 94 -27.84 -26.20 -13.42
O MSE B 94 -28.31 -26.50 -14.51
CB MSE B 94 -29.03 -26.96 -11.37
CG MSE B 94 -29.28 -28.08 -10.39
SE MSE B 94 -30.58 -27.60 -9.01
CE MSE B 94 -30.67 -29.34 -8.09
N LYS B 95 -27.30 -25.00 -13.15
CA LYS B 95 -27.17 -23.91 -14.13
C LYS B 95 -26.17 -24.31 -15.21
N SER B 96 -25.11 -25.05 -14.80
CA SER B 96 -24.07 -25.58 -15.67
C SER B 96 -24.60 -26.75 -16.54
N ALA B 97 -25.64 -27.46 -16.05
CA ALA B 97 -26.27 -28.57 -16.77
C ALA B 97 -27.21 -28.07 -17.87
N LYS B 98 -27.93 -26.95 -17.61
CA LYS B 98 -28.88 -26.31 -18.54
C LYS B 98 -28.20 -25.84 -19.82
N THR B 99 -27.06 -25.13 -19.70
CA THR B 99 -26.30 -24.60 -20.82
C THR B 99 -24.80 -24.80 -20.61
N GLU B 100 -24.11 -25.44 -21.59
CA GLU B 100 -22.67 -25.71 -21.49
C GLU B 100 -21.78 -24.51 -21.81
N SER B 101 -22.40 -23.40 -22.30
CA SER B 101 -21.70 -22.16 -22.64
C SER B 101 -21.14 -21.50 -21.39
N ASP B 102 -21.92 -21.53 -20.28
CA ASP B 102 -21.51 -20.99 -18.99
C ASP B 102 -20.78 -22.02 -18.11
N ARG B 103 -20.85 -23.34 -18.45
CA ARG B 103 -20.16 -24.41 -17.73
C ARG B 103 -18.67 -24.09 -17.55
N VAL B 104 -18.04 -23.54 -18.59
CA VAL B 104 -16.65 -23.13 -18.60
C VAL B 104 -16.39 -21.88 -17.69
N ARG B 105 -17.34 -20.91 -17.64
CA ARG B 105 -17.17 -19.72 -16.79
C ARG B 105 -17.56 -19.97 -15.34
N LEU B 106 -18.40 -21.00 -15.08
CA LEU B 106 -18.82 -21.37 -13.73
C LEU B 106 -17.83 -22.34 -13.08
N GLN B 107 -17.03 -23.06 -13.90
CA GLN B 107 -16.01 -24.04 -13.47
C GLN B 107 -15.05 -23.50 -12.38
N PRO B 108 -14.46 -22.28 -12.46
CA PRO B 108 -13.59 -21.83 -11.34
C PRO B 108 -14.33 -21.67 -10.00
N ASP B 109 -15.56 -21.09 -10.03
CA ASP B 109 -16.43 -20.86 -8.88
C ASP B 109 -16.81 -22.16 -8.19
N MSE B 110 -17.10 -23.21 -8.98
CA MSE B 110 -17.49 -24.53 -8.50
C MSE B 110 -16.34 -25.28 -7.85
O MSE B 110 -16.55 -25.98 -6.86
CB MSE B 110 -18.08 -25.36 -9.64
CG MSE B 110 -19.59 -25.18 -9.78
SE MSE B 110 -20.36 -26.01 -11.40
CE MSE B 110 -19.38 -27.82 -11.35
N GLU B 111 -15.12 -25.13 -8.41
CA GLU B 111 -13.92 -25.79 -7.88
C GLU B 111 -13.56 -25.18 -6.53
N HIS B 112 -13.69 -23.85 -6.43
CA HIS B 112 -13.40 -23.08 -5.23
C HIS B 112 -14.36 -23.42 -4.09
N LEU B 113 -15.65 -23.61 -4.42
CA LEU B 113 -16.72 -23.97 -3.49
C LEU B 113 -16.48 -25.36 -2.92
N LEU B 114 -16.11 -26.30 -3.79
CA LEU B 114 -15.79 -27.68 -3.41
C LEU B 114 -14.57 -27.71 -2.48
N ALA B 115 -13.52 -26.90 -2.81
CA ALA B 115 -12.28 -26.75 -2.03
C ALA B 115 -12.61 -26.22 -0.63
N GLY B 116 -13.57 -25.29 -0.58
CA GLY B 116 -14.07 -24.67 0.64
C GLY B 116 -14.82 -25.66 1.50
N LEU B 117 -15.69 -26.48 0.87
CA LEU B 117 -16.49 -27.51 1.53
C LEU B 117 -15.58 -28.60 2.13
N ILE B 118 -14.56 -29.00 1.36
CA ILE B 118 -13.55 -29.97 1.75
C ILE B 118 -12.79 -29.44 2.96
N ALA B 119 -12.45 -28.14 2.96
CA ALA B 119 -11.76 -27.45 4.06
C ALA B 119 -12.56 -27.47 5.36
N ILE B 120 -13.91 -27.30 5.28
CA ILE B 120 -14.83 -27.28 6.43
C ILE B 120 -15.05 -28.69 7.02
N ASP B 121 -15.49 -29.64 6.20
CA ASP B 121 -15.74 -31.03 6.60
C ASP B 121 -15.46 -31.92 5.40
N ALA B 122 -14.22 -32.46 5.36
CA ALA B 122 -13.74 -33.32 4.29
C ALA B 122 -14.63 -34.53 4.07
N ALA B 123 -14.96 -35.25 5.15
CA ALA B 123 -15.80 -36.45 5.12
C ALA B 123 -17.14 -36.16 4.43
N ARG B 124 -17.84 -35.10 4.89
CA ARG B 124 -19.12 -34.67 4.33
C ARG B 124 -18.99 -34.26 2.85
N ALA B 125 -17.90 -33.54 2.52
CA ALA B 125 -17.67 -33.05 1.16
C ALA B 125 -17.18 -34.11 0.15
N ALA B 126 -16.54 -35.19 0.64
CA ALA B 126 -15.98 -36.27 -0.17
C ALA B 126 -16.91 -36.80 -1.28
N VAL B 127 -18.19 -37.01 -0.90
CA VAL B 127 -19.28 -37.50 -1.76
C VAL B 127 -19.58 -36.55 -2.93
N LEU B 128 -19.30 -35.24 -2.75
CA LEU B 128 -19.57 -34.18 -3.72
C LEU B 128 -18.48 -33.99 -4.76
N CYS B 129 -17.35 -34.74 -4.67
CA CYS B 129 -16.22 -34.66 -5.62
C CYS B 129 -16.55 -35.17 -7.01
N ASN B 130 -17.40 -36.19 -7.08
CA ASN B 130 -17.90 -36.81 -8.30
C ASN B 130 -19.32 -36.28 -8.61
N SER B 131 -19.51 -35.66 -9.81
CA SER B 131 -20.80 -35.09 -10.23
C SER B 131 -21.66 -36.06 -11.05
N ALA C 1 15.78 -31.41 18.59
CA ALA C 1 15.35 -32.23 17.46
C ALA C 1 16.33 -33.38 17.18
N ALA C 2 17.66 -33.11 17.33
CA ALA C 2 18.78 -34.06 17.13
C ALA C 2 20.10 -33.41 17.60
N LEU C 3 20.42 -32.20 17.04
CA LEU C 3 21.63 -31.40 17.31
C LEU C 3 21.41 -30.38 18.45
N SER C 4 20.60 -30.79 19.45
CA SER C 4 20.23 -30.01 20.63
C SER C 4 20.92 -30.57 21.87
N LEU C 5 21.30 -31.85 21.80
CA LEU C 5 21.96 -32.59 22.87
C LEU C 5 23.45 -32.22 23.00
N GLU C 6 23.74 -30.99 23.46
CA GLU C 6 25.12 -30.51 23.61
C GLU C 6 25.45 -29.88 24.99
N PRO C 7 25.64 -30.73 26.03
CA PRO C 7 26.03 -30.20 27.36
C PRO C 7 27.54 -30.01 27.48
N GLU C 8 28.32 -30.52 26.49
CA GLU C 8 29.77 -30.40 26.42
C GLU C 8 30.18 -28.97 26.10
N ALA C 9 29.28 -28.25 25.36
CA ALA C 9 29.42 -26.85 24.99
C ALA C 9 29.47 -26.00 26.25
N LEU C 10 28.70 -26.41 27.27
CA LEU C 10 28.66 -25.76 28.57
C LEU C 10 29.98 -25.92 29.33
N GLN C 11 30.64 -27.10 29.19
CA GLN C 11 31.94 -27.38 29.81
C GLN C 11 33.01 -26.45 29.23
N ILE C 12 33.07 -26.34 27.87
CA ILE C 12 34.01 -25.49 27.11
C ILE C 12 33.96 -24.06 27.62
N ALA C 13 32.75 -23.57 27.96
CA ALA C 13 32.51 -22.24 28.50
C ALA C 13 33.23 -22.00 29.82
N ASP C 14 33.31 -23.04 30.68
CA ASP C 14 33.95 -22.96 31.99
C ASP C 14 35.46 -23.17 31.91
N ASN C 15 35.89 -24.19 31.14
CA ASN C 15 37.31 -24.54 30.93
C ASN C 15 38.01 -23.42 30.16
N GLU C 16 37.59 -23.19 28.90
CA GLU C 16 38.11 -22.12 28.04
C GLU C 16 37.24 -20.87 28.26
N GLY C 17 37.26 -19.94 27.30
CA GLY C 17 36.45 -18.72 27.39
C GLY C 17 35.01 -18.91 26.93
N THR C 18 34.24 -17.82 26.97
CA THR C 18 32.85 -17.82 26.50
C THR C 18 32.81 -17.75 24.98
N GLU C 19 33.77 -17.00 24.39
CA GLU C 19 33.95 -16.85 22.95
C GLU C 19 34.23 -18.22 22.34
N ALA C 20 35.08 -19.03 23.01
CA ALA C 20 35.45 -20.38 22.60
C ALA C 20 34.25 -21.32 22.54
N ALA C 21 33.34 -21.21 23.54
CA ALA C 21 32.13 -22.01 23.63
C ALA C 21 31.21 -21.71 22.44
N LEU C 22 30.99 -20.40 22.13
CA LEU C 22 30.15 -19.95 21.01
C LEU C 22 30.80 -20.32 19.69
N SER C 23 32.12 -20.02 19.57
CA SER C 23 32.93 -20.30 18.40
C SER C 23 32.86 -21.80 18.04
N TRP C 24 32.83 -22.66 19.10
CA TRP C 24 32.71 -24.11 18.99
C TRP C 24 31.39 -24.46 18.35
N LEU C 25 30.32 -23.86 18.83
CA LEU C 25 29.02 -24.16 18.35
C LEU C 25 28.95 -23.80 16.90
N GLN C 26 29.48 -22.64 16.57
CA GLN C 26 29.46 -22.21 15.19
C GLN C 26 30.26 -23.23 14.43
N ALA C 27 31.31 -23.72 15.06
CA ALA C 27 32.36 -24.43 14.37
C ALA C 27 31.77 -25.65 13.73
N ARG C 28 30.83 -26.28 14.41
CA ARG C 28 30.89 -27.70 14.71
C ARG C 28 30.91 -28.52 13.40
N PRO C 29 30.36 -27.92 12.26
CA PRO C 29 29.10 -27.24 12.54
C PRO C 29 28.10 -28.27 12.96
N GLY C 30 28.05 -29.39 12.24
CA GLY C 30 28.15 -29.34 10.78
C GLY C 30 26.78 -29.00 10.23
N ILE C 31 26.36 -27.77 10.53
CA ILE C 31 24.97 -27.34 10.41
C ILE C 31 24.59 -27.20 8.95
N GLN C 32 23.33 -27.46 8.63
CA GLN C 32 22.64 -26.64 7.64
C GLN C 32 21.33 -25.98 8.09
N SER C 33 20.34 -26.77 8.47
CA SER C 33 18.96 -26.42 8.18
C SER C 33 18.47 -25.26 9.03
N ASP C 34 17.57 -24.42 8.53
CA ASP C 34 17.35 -23.21 9.30
C ASP C 34 16.88 -23.61 10.73
N ARG C 35 16.33 -24.85 10.86
CA ARG C 35 15.91 -25.52 12.08
C ARG C 35 17.15 -25.74 12.95
N SER C 36 18.17 -26.46 12.42
CA SER C 36 19.43 -26.72 13.11
C SER C 36 20.17 -25.44 13.51
N ASN C 37 20.13 -24.40 12.65
CA ASN C 37 20.75 -23.09 12.93
C ASN C 37 20.07 -22.44 14.15
N TRP C 38 18.73 -22.36 14.10
CA TRP C 38 17.89 -21.82 15.17
C TRP C 38 18.21 -22.54 16.50
N LEU C 39 18.19 -23.88 16.50
CA LEU C 39 18.46 -24.69 17.69
C LEU C 39 19.85 -24.47 18.25
N LEU C 40 20.84 -24.43 17.36
CA LEU C 40 22.24 -24.17 17.69
C LEU C 40 22.36 -22.80 18.37
N ARG C 41 21.60 -21.82 17.82
CA ARG C 41 21.55 -20.45 18.31
C ARG C 41 20.86 -20.39 19.68
N LEU C 42 19.94 -21.34 19.94
CA LEU C 42 19.24 -21.46 21.22
C LEU C 42 20.20 -21.99 22.33
N LEU C 43 21.15 -22.85 21.93
CA LEU C 43 22.19 -23.38 22.81
C LEU C 43 23.13 -22.23 23.18
N MSE C 44 23.44 -21.37 22.20
CA MSE C 44 24.28 -20.19 22.41
C MSE C 44 23.68 -19.28 23.47
O MSE C 44 24.40 -18.79 24.32
CB MSE C 44 24.41 -19.41 21.10
CG MSE C 44 25.15 -20.17 20.01
SE MSE C 44 25.60 -19.08 18.47
CE MSE C 44 24.61 -17.46 18.92
N ALA C 45 22.35 -19.06 23.41
CA ALA C 45 21.65 -18.21 24.37
C ALA C 45 21.64 -18.85 25.76
N ARG C 46 21.52 -20.21 25.82
CA ARG C 46 21.51 -21.02 27.05
C ARG C 46 22.88 -20.95 27.72
N VAL C 47 23.95 -21.12 26.92
CA VAL C 47 25.33 -21.05 27.39
C VAL C 47 25.70 -19.63 27.86
N ALA C 48 25.09 -18.61 27.27
CA ALA C 48 25.30 -17.23 27.67
C ALA C 48 24.57 -16.88 28.98
N GLU C 49 23.76 -17.80 29.52
CA GLU C 49 23.11 -17.50 30.79
C GLU C 49 23.96 -17.97 31.94
N GLN C 50 24.89 -18.92 31.66
CA GLN C 50 25.71 -19.54 32.68
C GLN C 50 26.61 -18.56 33.41
N THR C 51 27.66 -18.01 32.78
CA THR C 51 28.45 -17.00 33.51
C THR C 51 27.81 -15.62 33.12
N GLY C 52 28.44 -14.51 33.53
CA GLY C 52 27.98 -13.13 33.33
C GLY C 52 27.03 -12.94 32.17
N LYS C 53 27.62 -12.73 30.95
CA LYS C 53 27.01 -12.58 29.61
C LYS C 53 25.70 -11.76 29.61
N ASN C 54 24.53 -12.37 30.04
CA ASN C 54 23.20 -11.77 30.20
C ASN C 54 22.71 -10.90 29.05
N ASP C 55 23.32 -9.72 28.84
CA ASP C 55 23.04 -8.80 27.74
C ASP C 55 23.21 -9.54 26.41
N LEU C 56 24.27 -10.39 26.29
CA LEU C 56 24.51 -11.25 25.13
C LEU C 56 23.37 -12.24 24.97
N ALA C 57 22.96 -12.90 26.07
CA ALA C 57 21.85 -13.84 26.06
C ALA C 57 20.53 -13.18 25.64
N LEU C 58 20.26 -11.93 26.09
CA LEU C 58 19.06 -11.15 25.77
C LEU C 58 18.98 -10.85 24.32
N HIS C 59 20.14 -10.49 23.73
CA HIS C 59 20.25 -10.20 22.31
C HIS C 59 20.00 -11.43 21.47
N LEU C 60 20.58 -12.55 21.89
CA LEU C 60 20.46 -13.87 21.26
C LEU C 60 19.01 -14.36 21.28
N LEU C 61 18.33 -14.23 22.44
CA LEU C 61 16.96 -14.69 22.68
C LEU C 61 15.94 -13.92 21.85
N ALA C 62 16.10 -12.59 21.81
CA ALA C 62 15.26 -11.68 21.06
C ALA C 62 15.27 -12.04 19.58
N GLU C 63 16.48 -12.31 19.00
CA GLU C 63 16.69 -12.74 17.62
C GLU C 63 15.91 -14.03 17.35
N LEU C 64 15.99 -15.01 18.27
CA LEU C 64 15.33 -16.30 18.18
C LEU C 64 13.84 -16.15 18.24
N ASP C 65 13.39 -15.25 19.13
CA ASP C 65 11.99 -14.94 19.35
C ASP C 65 11.37 -14.22 18.14
N GLU C 66 12.12 -13.30 17.52
CA GLU C 66 11.73 -12.56 16.31
C GLU C 66 11.57 -13.55 15.13
N ARG C 67 12.52 -14.49 14.97
CA ARG C 67 12.50 -15.54 13.93
C ARG C 67 11.32 -16.47 14.14
N ALA C 68 10.99 -16.73 15.42
CA ALA C 68 9.88 -17.57 15.81
C ALA C 68 8.56 -16.94 15.40
N THR C 69 8.43 -15.60 15.57
CA THR C 69 7.25 -14.81 15.25
C THR C 69 6.99 -14.86 13.74
N ARG C 70 8.06 -14.65 12.95
CA ARG C 70 8.02 -14.71 11.49
C ARG C 70 7.60 -16.10 11.02
N LEU C 71 8.32 -17.14 11.45
CA LEU C 71 8.07 -18.55 11.11
C LEU C 71 6.77 -19.12 11.70
N THR C 72 6.04 -18.30 12.52
CA THR C 72 4.79 -18.60 13.27
C THR C 72 4.93 -20.00 13.97
N LEU C 73 6.00 -20.12 14.79
CA LEU C 73 6.47 -21.30 15.52
C LEU C 73 5.68 -21.63 16.77
N SER C 74 4.84 -20.69 17.27
CA SER C 74 3.99 -20.92 18.43
C SER C 74 2.91 -22.00 18.12
N GLN C 75 2.74 -22.34 16.82
CA GLN C 75 1.84 -23.34 16.29
C GLN C 75 2.64 -24.67 16.16
N TRP C 76 3.57 -24.74 15.20
CA TRP C 76 4.45 -25.90 14.96
C TRP C 76 5.62 -25.77 15.92
N GLU C 77 5.79 -26.70 16.90
CA GLU C 77 6.87 -26.66 17.93
C GLU C 77 6.70 -25.46 18.94
N PRO C 78 5.58 -25.45 19.71
CA PRO C 78 5.36 -24.34 20.65
C PRO C 78 6.20 -24.35 21.92
N GLU C 79 6.45 -25.56 22.46
CA GLU C 79 7.23 -25.74 23.68
C GLU C 79 8.49 -24.88 23.67
N LEU C 80 9.22 -24.93 22.53
CA LEU C 80 10.47 -24.22 22.32
C LEU C 80 10.29 -22.71 22.42
N VAL C 81 9.24 -22.17 21.75
CA VAL C 81 8.88 -20.75 21.73
C VAL C 81 8.67 -20.30 23.17
N PHE C 82 7.93 -21.11 23.97
CA PHE C 82 7.71 -20.85 25.39
C PHE C 82 9.07 -20.70 26.06
N GLU C 83 9.96 -21.69 25.91
CA GLU C 83 11.29 -21.66 26.51
C GLU C 83 12.02 -20.33 26.26
N VAL C 84 12.07 -19.90 24.99
CA VAL C 84 12.73 -18.68 24.50
C VAL C 84 12.15 -17.43 25.19
N LYS C 85 10.81 -17.31 25.21
CA LYS C 85 10.08 -16.19 25.80
C LYS C 85 10.24 -16.18 27.29
N ALA C 86 10.12 -17.36 27.91
CA ALA C 86 10.25 -17.53 29.34
C ALA C 86 11.65 -17.10 29.82
N ARG C 87 12.74 -17.63 29.18
CA ARG C 87 14.14 -17.29 29.44
C ARG C 87 14.34 -15.78 29.26
N ARG C 88 13.70 -15.22 28.22
CA ARG C 88 13.75 -13.80 27.87
C ARG C 88 13.09 -12.92 28.91
N LEU C 89 11.92 -13.33 29.42
CA LEU C 89 11.20 -12.62 30.47
C LEU C 89 12.04 -12.68 31.75
N LYS C 90 12.51 -13.90 32.11
CA LYS C 90 13.35 -14.25 33.28
C LYS C 90 14.55 -13.34 33.38
N LEU C 91 15.27 -13.15 32.29
CA LEU C 91 16.48 -12.33 32.26
C LEU C 91 16.17 -10.86 32.38
N LEU C 92 15.05 -10.43 31.77
CA LEU C 92 14.59 -9.05 31.82
C LEU C 92 14.08 -8.68 33.20
N ARG C 93 13.44 -9.65 33.92
CA ARG C 93 12.92 -9.48 35.28
C ARG C 93 14.09 -9.31 36.25
N MSE C 94 15.20 -9.95 35.92
CA MSE C 94 16.51 -9.67 36.45
C MSE C 94 17.07 -8.31 36.14
O MSE C 94 17.70 -7.73 37.02
CB MSE C 94 17.44 -10.66 35.76
CG MSE C 94 18.30 -11.44 36.74
SE MSE C 94 18.34 -13.35 36.27
CE MSE C 94 17.23 -13.95 37.79
N LYS C 95 16.93 -7.82 34.93
CA LYS C 95 17.42 -6.48 34.61
C LYS C 95 16.64 -5.52 35.44
N SER C 96 15.37 -5.81 35.57
CA SER C 96 14.50 -5.04 36.41
C SER C 96 14.99 -5.38 37.79
N ALA C 97 14.50 -4.66 38.79
CA ALA C 97 14.87 -4.95 40.16
C ALA C 97 16.24 -4.39 40.37
N LYS C 98 17.15 -4.70 39.45
CA LYS C 98 18.47 -4.14 39.55
C LYS C 98 18.31 -2.67 39.26
N THR C 99 18.52 -2.27 38.02
CA THR C 99 18.56 -0.84 37.70
C THR C 99 17.16 -0.30 37.45
N GLU C 100 16.36 -0.19 38.49
CA GLU C 100 14.93 -0.20 38.28
C GLU C 100 14.54 1.20 37.89
N SER C 101 15.12 1.64 36.79
CA SER C 101 14.86 2.97 36.27
C SER C 101 14.27 2.87 34.90
N ASP C 102 14.98 2.16 34.04
CA ASP C 102 14.49 1.66 32.76
C ASP C 102 13.35 0.73 33.06
N ARG C 103 13.48 0.00 34.16
CA ARG C 103 12.78 -1.25 34.36
C ARG C 103 11.31 -0.91 34.25
N VAL C 104 10.95 0.24 34.76
CA VAL C 104 9.72 0.85 34.33
C VAL C 104 9.87 1.04 32.84
N ARG C 105 11.09 1.34 32.42
CA ARG C 105 11.35 1.53 31.02
C ARG C 105 10.96 0.26 30.32
N LEU C 106 11.31 -0.87 30.94
CA LEU C 106 11.12 -2.20 30.36
C LEU C 106 9.66 -2.59 30.13
N GLN C 107 8.79 -2.22 31.03
CA GLN C 107 7.78 -3.15 31.52
C GLN C 107 6.91 -3.57 30.37
N PRO C 108 6.81 -2.64 29.32
CA PRO C 108 5.84 -3.03 28.30
C PRO C 108 6.29 -4.33 27.68
N ASP C 109 7.58 -4.44 27.36
CA ASP C 109 8.02 -5.60 26.61
C ASP C 109 7.72 -6.77 27.46
N MSE C 110 8.00 -6.61 28.74
CA MSE C 110 7.86 -7.67 29.68
C MSE C 110 6.43 -8.06 29.66
O MSE C 110 6.12 -9.24 29.84
CB MSE C 110 8.22 -7.15 31.04
CG MSE C 110 9.02 -8.19 31.79
SE MSE C 110 10.22 -7.21 32.95
CE MSE C 110 9.78 -8.11 34.63
N GLU C 111 5.55 -7.10 29.48
CA GLU C 111 4.15 -7.44 29.38
C GLU C 111 3.93 -8.35 28.19
N HIS C 112 4.58 -8.07 27.07
CA HIS C 112 4.24 -8.77 25.86
C HIS C 112 4.54 -10.23 26.10
N LEU C 113 5.69 -10.47 26.69
CA LEU C 113 6.26 -11.80 26.82
C LEU C 113 5.37 -12.68 27.69
N LEU C 114 4.77 -12.08 28.73
CA LEU C 114 3.88 -12.80 29.62
C LEU C 114 2.63 -13.19 28.82
N ALA C 115 2.06 -12.19 28.05
CA ALA C 115 0.90 -12.38 27.20
C ALA C 115 1.20 -13.54 26.25
N GLY C 116 2.39 -13.50 25.65
CA GLY C 116 2.91 -14.52 24.74
C GLY C 116 2.98 -15.89 25.36
N LEU C 117 3.47 -15.95 26.62
CA LEU C 117 3.62 -17.21 27.37
C LEU C 117 2.28 -17.78 27.74
N ILE C 118 1.34 -16.92 28.17
CA ILE C 118 -0.04 -17.28 28.50
C ILE C 118 -0.68 -17.96 27.27
N ALA C 119 -0.57 -17.32 26.08
CA ALA C 119 -1.14 -17.75 24.79
C ALA C 119 -0.72 -19.15 24.36
N ILE C 120 0.52 -19.54 24.73
CA ILE C 120 1.07 -20.86 24.39
C ILE C 120 0.55 -21.90 25.40
N ASP C 121 1.00 -21.82 26.67
CA ASP C 121 0.58 -22.72 27.73
C ASP C 121 0.20 -21.89 28.93
N ALA C 122 -1.10 -21.53 29.03
CA ALA C 122 -1.67 -20.74 30.12
C ALA C 122 -1.42 -21.37 31.51
N ALA C 123 -1.59 -22.71 31.63
CA ALA C 123 -1.33 -23.48 32.85
C ALA C 123 0.14 -23.30 33.30
N ARG C 124 1.09 -23.54 32.37
CA ARG C 124 2.53 -23.38 32.61
C ARG C 124 2.91 -21.95 32.94
N ALA C 125 2.33 -20.97 32.25
CA ALA C 125 2.63 -19.56 32.46
C ALA C 125 1.96 -18.96 33.68
N ALA C 126 0.88 -19.58 34.18
CA ALA C 126 0.11 -19.10 35.34
C ALA C 126 0.99 -18.76 36.54
N VAL C 127 1.97 -19.63 36.84
CA VAL C 127 2.93 -19.51 37.94
C VAL C 127 3.81 -18.24 37.82
N LEU C 128 4.06 -17.80 36.59
CA LEU C 128 4.92 -16.67 36.26
C LEU C 128 4.22 -15.30 36.34
N CYS C 129 2.90 -15.26 36.59
CA CYS C 129 2.13 -14.01 36.65
C CYS C 129 2.44 -13.16 37.87
N ASN C 130 2.76 -13.82 38.98
CA ASN C 130 3.13 -13.21 40.26
C ASN C 130 4.68 -13.30 40.41
N SER C 131 5.35 -12.13 40.54
CA SER C 131 6.82 -12.06 40.65
C SER C 131 7.27 -11.94 42.11
N ALA D 1 -21.94 -22.56 24.22
CA ALA D 1 -22.41 -23.25 23.02
C ALA D 1 -22.58 -24.76 23.23
N ALA D 2 -21.63 -25.38 23.98
CA ALA D 2 -21.60 -26.81 24.33
C ALA D 2 -20.57 -27.08 25.46
N LEU D 3 -19.31 -26.71 25.21
CA LEU D 3 -18.19 -26.90 26.15
C LEU D 3 -17.92 -25.66 27.01
N SER D 4 -19.00 -24.97 27.39
CA SER D 4 -19.01 -23.76 28.20
C SER D 4 -19.51 -24.06 29.60
N LEU D 5 -20.27 -25.14 29.72
CA LEU D 5 -20.92 -25.57 30.96
C LEU D 5 -19.92 -26.28 31.90
N GLU D 6 -18.95 -25.51 32.47
CA GLU D 6 -17.92 -26.05 33.35
C GLU D 6 -17.72 -25.29 34.68
N PRO D 7 -18.63 -25.50 35.66
CA PRO D 7 -18.44 -24.84 36.97
C PRO D 7 -17.56 -25.66 37.90
N GLU D 8 -17.24 -26.91 37.51
CA GLU D 8 -16.37 -27.84 38.25
C GLU D 8 -14.92 -27.37 38.18
N ALA D 9 -14.57 -26.67 37.06
CA ALA D 9 -13.26 -26.06 36.82
C ALA D 9 -12.97 -25.02 37.90
N LEU D 10 -14.03 -24.30 38.33
CA LEU D 10 -13.98 -23.31 39.40
C LEU D 10 -13.66 -23.97 40.75
N GLN D 11 -14.21 -25.18 41.00
CA GLN D 11 -13.97 -25.94 42.23
C GLN D 11 -12.50 -26.34 42.32
N ILE D 12 -11.92 -26.90 41.22
CA ILE D 12 -10.53 -27.33 41.09
C ILE D 12 -9.57 -26.21 41.48
N ALA D 13 -9.92 -24.96 41.11
CA ALA D 13 -9.16 -23.75 41.41
C ALA D 13 -9.03 -23.51 42.91
N ASP D 14 -10.10 -23.81 43.67
CA ASP D 14 -10.15 -23.62 45.12
C ASP D 14 -9.52 -24.79 45.89
N ASN D 15 -9.84 -26.04 45.48
CA ASN D 15 -9.33 -27.29 46.08
C ASN D 15 -7.83 -27.42 45.80
N GLU D 16 -7.45 -27.52 44.52
CA GLU D 16 -6.07 -27.60 44.07
C GLU D 16 -5.59 -26.15 43.77
N GLY D 17 -4.51 -26.02 43.01
CA GLY D 17 -3.98 -24.71 42.63
C GLY D 17 -4.71 -24.06 41.47
N THR D 18 -4.23 -22.87 41.06
CA THR D 18 -4.79 -22.15 39.91
C THR D 18 -4.29 -22.77 38.62
N GLU D 19 -3.01 -23.23 38.62
CA GLU D 19 -2.36 -23.91 37.52
C GLU D 19 -3.14 -25.19 37.18
N ALA D 20 -3.57 -25.93 38.22
CA ALA D 20 -4.33 -27.18 38.10
C ALA D 20 -5.67 -26.96 37.44
N ALA D 21 -6.34 -25.83 37.76
CA ALA D 21 -7.62 -25.47 37.19
C ALA D 21 -7.49 -25.24 35.69
N LEU D 22 -6.47 -24.43 35.29
CA LEU D 22 -6.18 -24.12 33.88
C LEU D 22 -5.72 -25.37 33.15
N SER D 23 -4.80 -26.15 33.77
CA SER D 23 -4.24 -27.41 33.26
C SER D 23 -5.33 -28.41 32.98
N TRP D 24 -6.32 -28.48 33.90
CA TRP D 24 -7.50 -29.33 33.81
C TRP D 24 -8.43 -28.87 32.66
N LEU D 25 -8.59 -27.54 32.49
CA LEU D 25 -9.37 -26.96 31.39
C LEU D 25 -8.64 -27.21 30.06
N GLN D 26 -7.29 -27.41 30.10
CA GLN D 26 -6.46 -27.71 28.93
C GLN D 26 -6.64 -29.17 28.54
N ALA D 27 -7.03 -30.04 29.51
CA ALA D 27 -7.37 -31.45 29.24
C ALA D 27 -8.77 -31.34 28.59
N ARG D 28 -8.72 -31.11 27.25
CA ARG D 28 -9.78 -30.80 26.30
C ARG D 28 -11.19 -31.39 26.66
N PRO D 29 -11.63 -32.64 26.32
CA PRO D 29 -10.92 -33.76 25.66
C PRO D 29 -11.07 -33.88 24.15
N GLY D 30 -11.98 -33.13 23.51
CA GLY D 30 -12.25 -33.23 22.07
C GLY D 30 -12.32 -31.95 21.25
N ILE D 31 -11.38 -31.00 21.50
CA ILE D 31 -11.26 -29.71 20.81
C ILE D 31 -10.94 -29.84 19.32
N GLN D 32 -11.59 -28.99 18.50
CA GLN D 32 -11.44 -28.92 17.05
C GLN D 32 -11.66 -27.49 16.59
N SER D 33 -12.88 -26.95 16.83
CA SER D 33 -13.24 -25.61 16.38
C SER D 33 -12.50 -24.53 17.15
N ASP D 34 -12.39 -23.35 16.53
CA ASP D 34 -11.79 -22.17 17.11
C ASP D 34 -12.81 -21.54 18.10
N ARG D 35 -14.11 -21.88 17.93
CA ARG D 35 -15.26 -21.50 18.76
C ARG D 35 -15.05 -22.08 20.17
N SER D 36 -14.91 -23.43 20.24
CA SER D 36 -14.68 -24.18 21.48
C SER D 36 -13.44 -23.69 22.22
N ASN D 37 -12.34 -23.40 21.47
CA ASN D 37 -11.08 -22.90 22.02
C ASN D 37 -11.29 -21.56 22.70
N TRP D 38 -11.94 -20.59 22.00
CA TRP D 38 -12.25 -19.25 22.48
C TRP D 38 -13.14 -19.29 23.74
N LEU D 39 -14.12 -20.18 23.76
CA LEU D 39 -15.02 -20.34 24.90
C LEU D 39 -14.29 -20.93 26.10
N LEU D 40 -13.46 -21.96 25.86
CA LEU D 40 -12.61 -22.60 26.85
C LEU D 40 -11.67 -21.57 27.48
N ARG D 41 -11.12 -20.71 26.62
CA ARG D 41 -10.21 -19.64 27.01
C ARG D 41 -10.93 -18.55 27.81
N LEU D 42 -12.26 -18.38 27.58
CA LEU D 42 -13.09 -17.43 28.33
C LEU D 42 -13.27 -17.96 29.75
N LEU D 43 -13.48 -19.28 29.88
CA LEU D 43 -13.61 -19.95 31.18
C LEU D 43 -12.34 -19.73 31.98
N MSE D 44 -11.18 -19.84 31.31
CA MSE D 44 -9.88 -19.62 31.92
C MSE D 44 -9.79 -18.20 32.47
O MSE D 44 -9.27 -18.02 33.57
CB MSE D 44 -8.78 -19.82 30.89
CG MSE D 44 -8.66 -21.25 30.38
SE MSE D 44 -7.05 -21.54 29.26
CE MSE D 44 -6.41 -19.72 29.09
N ALA D 45 -10.31 -17.20 31.72
CA ALA D 45 -10.30 -15.79 32.14
C ALA D 45 -11.26 -15.56 33.30
N ARG D 46 -12.39 -16.30 33.29
CA ARG D 46 -13.41 -16.23 34.33
C ARG D 46 -12.86 -16.81 35.63
N VAL D 47 -12.22 -18.01 35.54
CA VAL D 47 -11.62 -18.68 36.68
C VAL D 47 -10.45 -17.86 37.27
N ALA D 48 -9.73 -17.09 36.43
CA ALA D 48 -8.64 -16.24 36.86
C ALA D 48 -9.14 -14.95 37.55
N GLU D 49 -10.46 -14.72 37.54
CA GLU D 49 -11.01 -13.54 38.19
C GLU D 49 -11.47 -13.92 39.58
N GLN D 50 -11.48 -15.23 39.87
CA GLN D 50 -11.90 -15.72 41.17
C GLN D 50 -10.84 -15.41 42.20
N THR D 51 -9.71 -16.14 42.31
CA THR D 51 -8.78 -15.69 43.34
C THR D 51 -7.88 -14.60 42.70
N GLY D 52 -6.80 -14.19 43.41
CA GLY D 52 -5.84 -13.16 43.01
C GLY D 52 -5.76 -12.89 41.53
N LYS D 53 -4.91 -13.71 40.83
CA LYS D 53 -4.65 -13.80 39.39
C LYS D 53 -4.62 -12.44 38.67
N ASN D 54 -5.80 -11.80 38.39
CA ASN D 54 -6.03 -10.46 37.81
C ASN D 54 -5.18 -10.14 36.60
N ASP D 55 -3.85 -9.98 36.76
CA ASP D 55 -2.90 -9.74 35.68
C ASP D 55 -3.02 -10.85 34.65
N LEU D 56 -3.20 -12.12 35.12
CA LEU D 56 -3.45 -13.34 34.35
C LEU D 56 -4.74 -13.14 33.55
N ALA D 57 -5.86 -12.92 34.26
CA ALA D 57 -7.16 -12.61 33.66
C ALA D 57 -7.07 -11.49 32.60
N LEU D 58 -6.35 -10.38 32.88
CA LEU D 58 -6.19 -9.26 31.96
C LEU D 58 -5.53 -9.68 30.66
N HIS D 59 -4.46 -10.51 30.75
CA HIS D 59 -3.75 -11.04 29.58
C HIS D 59 -4.69 -11.91 28.75
N LEU D 60 -5.39 -12.82 29.44
CA LEU D 60 -6.38 -13.76 28.88
C LEU D 60 -7.48 -13.02 28.15
N LEU D 61 -8.04 -11.97 28.77
CA LEU D 61 -9.12 -11.15 28.23
C LEU D 61 -8.69 -10.32 27.04
N ALA D 62 -7.44 -9.79 27.07
CA ALA D 62 -6.89 -8.97 26.00
C ALA D 62 -6.80 -9.80 24.72
N GLU D 63 -6.37 -11.08 24.85
CA GLU D 63 -6.22 -12.08 23.80
C GLU D 63 -7.58 -12.38 23.18
N LEU D 64 -8.61 -12.65 24.01
CA LEU D 64 -9.97 -12.95 23.57
C LEU D 64 -10.58 -11.77 22.85
N ASP D 65 -10.37 -10.56 23.39
CA ASP D 65 -10.90 -9.32 22.82
C ASP D 65 -10.27 -9.03 21.48
N GLU D 66 -8.95 -9.29 21.32
CA GLU D 66 -8.18 -9.09 20.09
C GLU D 66 -8.68 -10.06 19.01
N ARG D 67 -8.92 -11.34 19.37
CA ARG D 67 -9.45 -12.38 18.46
C ARG D 67 -10.86 -12.05 18.02
N ALA D 68 -11.67 -11.48 18.94
CA ALA D 68 -13.05 -11.04 18.71
C ALA D 68 -13.07 -9.88 17.70
N THR D 69 -12.08 -8.97 17.77
CA THR D 69 -11.95 -7.81 16.88
C THR D 69 -11.64 -8.30 15.46
N ARG D 70 -10.69 -9.25 15.34
CA ARG D 70 -10.30 -9.86 14.07
C ARG D 70 -11.49 -10.59 13.45
N LEU D 71 -12.10 -11.53 14.20
CA LEU D 71 -13.25 -12.32 13.77
C LEU D 71 -14.57 -11.53 13.64
N THR D 72 -14.52 -10.18 13.95
CA THR D 72 -15.63 -9.21 13.99
C THR D 72 -16.87 -9.84 14.69
N LEU D 73 -16.61 -10.36 15.92
CA LEU D 73 -17.53 -11.07 16.79
C LEU D 73 -18.49 -10.14 17.51
N SER D 74 -18.28 -8.82 17.43
CA SER D 74 -19.23 -7.88 18.04
C SER D 74 -20.60 -7.98 17.34
N GLN D 75 -20.61 -8.46 16.06
CA GLN D 75 -21.79 -8.63 15.21
C GLN D 75 -22.48 -9.99 15.44
N TRP D 76 -21.69 -11.07 15.41
CA TRP D 76 -22.13 -12.45 15.67
C TRP D 76 -21.69 -12.75 17.11
N GLU D 77 -22.59 -12.96 18.08
CA GLU D 77 -22.26 -13.20 19.51
C GLU D 77 -21.81 -11.89 20.26
N PRO D 78 -22.66 -10.82 20.33
CA PRO D 78 -22.24 -9.58 21.00
C PRO D 78 -22.17 -9.64 22.51
N GLU D 79 -23.04 -10.46 23.13
CA GLU D 79 -23.13 -10.62 24.59
C GLU D 79 -21.81 -11.12 25.16
N LEU D 80 -21.14 -12.07 24.45
CA LEU D 80 -19.85 -12.63 24.84
C LEU D 80 -18.79 -11.57 24.77
N VAL D 81 -18.78 -10.75 23.69
CA VAL D 81 -17.84 -9.65 23.51
C VAL D 81 -18.05 -8.60 24.60
N PHE D 82 -19.32 -8.22 24.87
CA PHE D 82 -19.66 -7.27 25.93
C PHE D 82 -19.07 -7.73 27.26
N GLU D 83 -19.24 -9.02 27.60
CA GLU D 83 -18.70 -9.63 28.83
C GLU D 83 -17.18 -9.44 28.90
N VAL D 84 -16.45 -9.83 27.83
CA VAL D 84 -15.00 -9.73 27.71
C VAL D 84 -14.56 -8.26 27.90
N LYS D 85 -15.16 -7.34 27.14
CA LYS D 85 -14.84 -5.91 27.20
C LYS D 85 -15.07 -5.32 28.58
N ALA D 86 -16.23 -5.64 29.19
CA ALA D 86 -16.60 -5.16 30.52
C ALA D 86 -15.64 -5.67 31.61
N ARG D 87 -15.32 -6.99 31.59
CA ARG D 87 -14.39 -7.63 32.52
C ARG D 87 -13.02 -6.97 32.38
N ARG D 88 -12.59 -6.75 31.12
CA ARG D 88 -11.32 -6.12 30.81
C ARG D 88 -11.24 -4.69 31.36
N LEU D 89 -12.32 -3.91 31.18
CA LEU D 89 -12.43 -2.55 31.67
C LEU D 89 -12.37 -2.50 33.21
N LYS D 90 -13.12 -3.41 33.89
CA LYS D 90 -13.18 -3.53 35.35
C LYS D 90 -11.80 -3.67 35.95
N LEU D 91 -11.03 -4.63 35.41
CA LEU D 91 -9.70 -4.99 35.88
C LEU D 91 -8.61 -3.98 35.51
N LEU D 92 -8.85 -3.20 34.46
CA LEU D 92 -7.92 -2.14 34.05
C LEU D 92 -8.12 -0.94 34.97
N ARG D 93 -9.38 -0.69 35.37
CA ARG D 93 -9.74 0.38 36.29
C ARG D 93 -9.08 0.16 37.64
N MSE D 94 -8.99 -1.13 38.02
CA MSE D 94 -8.36 -1.59 39.25
C MSE D 94 -6.85 -1.40 39.22
O MSE D 94 -6.29 -0.95 40.23
CB MSE D 94 -8.71 -3.05 39.49
CG MSE D 94 -10.17 -3.26 39.77
SE MSE D 94 -10.54 -5.11 40.26
CE MSE D 94 -12.49 -4.99 40.50
N LYS D 95 -6.17 -1.77 38.11
CA LYS D 95 -4.72 -1.61 37.95
C LYS D 95 -4.36 -0.13 38.04
N SER D 96 -5.11 0.70 37.29
CA SER D 96 -5.02 2.15 37.23
C SER D 96 -5.22 2.75 38.64
N ALA D 97 -6.13 2.16 39.44
CA ALA D 97 -6.37 2.61 40.82
C ALA D 97 -5.14 2.34 41.70
N LYS D 98 -4.57 1.10 41.67
CA LYS D 98 -3.41 0.63 42.44
C LYS D 98 -2.21 1.59 42.33
N THR D 99 -2.01 2.14 41.14
CA THR D 99 -0.90 3.05 40.84
C THR D 99 -1.33 4.10 39.78
N GLU D 100 -1.43 5.39 40.21
CA GLU D 100 -1.85 6.53 39.37
C GLU D 100 -0.80 6.93 38.28
N SER D 101 0.31 6.14 38.19
CA SER D 101 1.37 6.30 37.21
C SER D 101 0.97 5.61 35.90
N ASP D 102 0.27 4.43 35.96
CA ASP D 102 -0.20 3.72 34.76
C ASP D 102 -1.65 4.09 34.38
N ARG D 103 -2.34 4.91 35.20
CA ARG D 103 -3.69 5.42 34.92
C ARG D 103 -3.67 6.20 33.60
N VAL D 104 -2.60 7.00 33.37
CA VAL D 104 -2.42 7.81 32.17
C VAL D 104 -2.13 6.94 30.90
N ARG D 105 -1.36 5.83 31.04
CA ARG D 105 -1.06 4.95 29.90
C ARG D 105 -2.21 3.98 29.59
N LEU D 106 -3.05 3.70 30.60
CA LEU D 106 -4.19 2.79 30.43
C LEU D 106 -5.44 3.54 29.95
N GLN D 107 -5.47 4.88 30.14
CA GLN D 107 -6.56 5.78 29.72
C GLN D 107 -7.02 5.57 28.26
N PRO D 108 -6.14 5.49 27.23
CA PRO D 108 -6.66 5.25 25.86
C PRO D 108 -7.39 3.91 25.68
N ASP D 109 -6.82 2.81 26.26
CA ASP D 109 -7.36 1.45 26.22
C ASP D 109 -8.73 1.36 26.89
N MSE D 110 -8.90 2.07 28.03
CA MSE D 110 -10.13 2.10 28.79
C MSE D 110 -11.23 2.86 28.08
O MSE D 110 -12.39 2.45 28.17
CB MSE D 110 -9.88 2.71 30.16
CG MSE D 110 -9.49 1.68 31.21
SE MSE D 110 -8.86 2.46 32.90
CE MSE D 110 -10.32 3.90 33.20
N GLU D 111 -10.89 3.96 27.37
CA GLU D 111 -11.85 4.78 26.64
C GLU D 111 -12.38 4.01 25.45
N HIS D 112 -11.48 3.26 24.78
CA HIS D 112 -11.79 2.43 23.63
C HIS D 112 -12.73 1.28 23.99
N LEU D 113 -12.48 0.65 25.15
CA LEU D 113 -13.27 -0.46 25.68
C LEU D 113 -14.67 0.03 26.02
N LEU D 114 -14.77 1.19 26.66
CA LEU D 114 -16.04 1.79 27.03
C LEU D 114 -16.86 2.15 25.79
N ALA D 115 -16.18 2.73 24.77
CA ALA D 115 -16.75 3.11 23.48
C ALA D 115 -17.31 1.87 22.79
N GLY D 116 -16.57 0.76 22.90
CA GLY D 116 -16.91 -0.55 22.35
C GLY D 116 -18.13 -1.13 23.04
N LEU D 117 -18.18 -1.01 24.39
CA LEU D 117 -19.29 -1.50 25.21
C LEU D 117 -20.59 -0.74 24.90
N ILE D 118 -20.45 0.60 24.76
CA ILE D 118 -21.52 1.52 24.41
C ILE D 118 -22.06 1.15 23.05
N ALA D 119 -21.15 0.84 22.10
CA ALA D 119 -21.50 0.45 20.74
C ALA D 119 -22.30 -0.86 20.68
N ILE D 120 -21.98 -1.85 21.57
CA ILE D 120 -22.65 -3.16 21.65
C ILE D 120 -24.05 -3.04 22.28
N ASP D 121 -24.13 -2.49 23.49
CA ASP D 121 -25.38 -2.28 24.22
C ASP D 121 -25.24 -1.03 25.07
N ALA D 122 -25.72 0.10 24.53
CA ALA D 122 -25.65 1.41 25.19
C ALA D 122 -26.30 1.41 26.56
N ALA D 123 -27.54 0.88 26.65
CA ALA D 123 -28.30 0.81 27.89
C ALA D 123 -27.49 0.10 28.97
N ARG D 124 -26.96 -1.09 28.66
CA ARG D 124 -26.14 -1.88 29.58
C ARG D 124 -24.84 -1.17 29.97
N ALA D 125 -24.20 -0.50 28.98
CA ALA D 125 -22.93 0.20 29.20
C ALA D 125 -23.06 1.54 29.93
N ALA D 126 -24.25 2.17 29.88
CA ALA D 126 -24.54 3.47 30.48
C ALA D 126 -24.06 3.59 31.94
N VAL D 127 -24.33 2.55 32.73
CA VAL D 127 -23.95 2.46 34.15
C VAL D 127 -22.43 2.49 34.37
N LEU D 128 -21.65 2.04 33.37
CA LEU D 128 -20.19 1.95 33.42
C LEU D 128 -19.46 3.24 33.05
N CYS D 129 -20.18 4.29 32.64
CA CYS D 129 -19.60 5.58 32.26
C CYS D 129 -18.98 6.37 33.44
N ASN D 130 -19.58 6.20 34.62
CA ASN D 130 -19.15 6.81 35.87
C ASN D 130 -18.43 5.73 36.72
N SER D 131 -17.15 5.98 37.07
CA SER D 131 -16.34 5.05 37.87
C SER D 131 -16.38 5.37 39.38
N ALA E 1 34.82 -18.72 -4.78
CA ALA E 1 35.35 -17.99 -3.63
C ALA E 1 36.32 -18.83 -2.80
N ALA E 2 36.03 -20.16 -2.65
CA ALA E 2 36.79 -21.17 -1.89
C ALA E 2 36.19 -22.56 -2.14
N LEU E 3 34.85 -22.71 -1.90
CA LEU E 3 34.06 -23.95 -2.05
C LEU E 3 33.45 -24.08 -3.44
N SER E 4 34.17 -23.61 -4.45
CA SER E 4 33.79 -23.60 -5.86
C SER E 4 34.62 -24.62 -6.64
N LEU E 5 35.80 -24.94 -6.11
CA LEU E 5 36.76 -25.87 -6.71
C LEU E 5 36.32 -27.33 -6.55
N GLU E 6 35.23 -27.75 -7.25
CA GLU E 6 34.70 -29.13 -7.14
C GLU E 6 34.42 -29.84 -8.48
N PRO E 7 35.48 -30.28 -9.20
CA PRO E 7 35.26 -31.04 -10.46
C PRO E 7 35.06 -32.53 -10.20
N GLU E 8 35.25 -32.97 -8.92
CA GLU E 8 35.09 -34.35 -8.47
C GLU E 8 33.63 -34.72 -8.43
N ALA E 9 32.74 -33.72 -8.22
CA ALA E 9 31.29 -33.90 -8.24
C ALA E 9 30.86 -34.30 -9.65
N LEU E 10 31.61 -33.82 -10.64
CA LEU E 10 31.40 -34.13 -12.04
C LEU E 10 31.73 -35.60 -12.33
N GLN E 11 32.79 -36.15 -11.69
CA GLN E 11 33.18 -37.56 -11.86
C GLN E 11 32.08 -38.43 -11.31
N ILE E 12 31.57 -38.09 -10.09
CA ILE E 12 30.47 -38.75 -9.39
C ILE E 12 29.26 -38.82 -10.32
N ALA E 13 28.99 -37.71 -11.02
CA ALA E 13 27.92 -37.64 -11.99
C ALA E 13 28.08 -38.68 -13.12
N ASP E 14 29.34 -38.89 -13.60
CA ASP E 14 29.65 -39.86 -14.64
C ASP E 14 29.63 -41.30 -14.12
N ASN E 15 30.47 -41.62 -13.08
CA ASN E 15 30.61 -42.94 -12.44
C ASN E 15 29.27 -43.44 -11.87
N GLU E 16 28.72 -42.68 -10.90
CA GLU E 16 27.45 -42.94 -10.24
C GLU E 16 26.38 -42.11 -10.99
N GLY E 17 25.19 -41.99 -10.42
CA GLY E 17 24.12 -41.24 -11.06
C GLY E 17 24.26 -39.73 -11.02
N THR E 18 23.16 -39.08 -11.29
CA THR E 18 23.08 -37.63 -11.21
C THR E 18 22.63 -37.24 -9.83
N GLU E 19 21.73 -38.01 -9.23
CA GLU E 19 21.20 -37.83 -7.88
C GLU E 19 22.35 -37.90 -6.88
N ALA E 20 23.31 -38.83 -7.10
CA ALA E 20 24.49 -39.05 -6.26
C ALA E 20 25.39 -37.86 -6.25
N ALA E 21 25.58 -37.24 -7.44
CA ALA E 21 26.43 -36.06 -7.63
C ALA E 21 25.87 -34.90 -6.84
N LEU E 22 24.55 -34.63 -6.98
CA LEU E 22 23.84 -33.56 -6.27
C LEU E 22 23.81 -33.84 -4.77
N SER E 23 23.43 -35.08 -4.39
CA SER E 23 23.37 -35.56 -3.00
C SER E 23 24.71 -35.33 -2.31
N TRP E 24 25.82 -35.53 -3.07
CA TRP E 24 27.17 -35.31 -2.59
C TRP E 24 27.34 -33.85 -2.35
N LEU E 25 26.93 -33.00 -3.30
CA LEU E 25 27.03 -31.54 -3.20
C LEU E 25 26.29 -30.98 -1.97
N GLN E 26 25.06 -31.47 -1.72
CA GLN E 26 24.16 -31.09 -0.63
C GLN E 26 24.78 -31.35 0.72
N ALA E 27 25.23 -32.59 0.99
CA ALA E 27 25.89 -32.92 2.26
C ALA E 27 27.27 -32.22 2.33
N ARG E 28 28.19 -32.62 1.41
CA ARG E 28 29.58 -32.21 1.19
C ARG E 28 30.25 -31.49 2.41
N PRO E 29 30.11 -30.15 2.65
CA PRO E 29 30.86 -29.54 3.76
C PRO E 29 30.02 -29.10 4.97
N GLY E 30 30.67 -28.30 5.82
CA GLY E 30 30.07 -27.62 6.96
C GLY E 30 29.64 -26.23 6.54
N ILE E 31 29.05 -26.15 5.32
CA ILE E 31 28.50 -24.99 4.59
C ILE E 31 27.64 -24.12 5.53
N GLN E 32 27.80 -22.79 5.42
CA GLN E 32 27.04 -21.90 6.28
C GLN E 32 26.51 -20.68 5.54
N SER E 33 27.41 -19.80 5.07
CA SER E 33 27.12 -18.55 4.36
C SER E 33 26.11 -18.72 3.24
N ASP E 34 25.29 -17.69 2.98
CA ASP E 34 24.35 -17.74 1.87
C ASP E 34 25.15 -17.70 0.55
N ARG E 35 26.40 -17.17 0.61
CA ARG E 35 27.39 -17.11 -0.47
C ARG E 35 27.75 -18.54 -0.84
N SER E 36 28.26 -19.33 0.12
CA SER E 36 28.62 -20.72 -0.13
C SER E 36 27.44 -21.52 -0.66
N ASN E 37 26.25 -21.37 -0.06
CA ASN E 37 25.05 -22.07 -0.50
C ASN E 37 24.75 -21.81 -1.98
N TRP E 38 24.74 -20.51 -2.38
CA TRP E 38 24.50 -20.06 -3.76
C TRP E 38 25.57 -20.62 -4.73
N LEU E 39 26.85 -20.63 -4.31
CA LEU E 39 27.92 -21.16 -5.13
C LEU E 39 27.79 -22.67 -5.29
N LEU E 40 27.48 -23.37 -4.21
CA LEU E 40 27.27 -24.81 -4.17
C LEU E 40 26.14 -25.18 -5.12
N ARG E 41 25.08 -24.36 -5.08
CA ARG E 41 23.91 -24.51 -5.92
C ARG E 41 24.21 -24.22 -7.41
N LEU E 42 25.23 -23.36 -7.68
CA LEU E 42 25.68 -23.06 -9.04
C LEU E 42 26.39 -24.30 -9.59
N LEU E 43 27.18 -24.99 -8.73
CA LEU E 43 27.88 -26.22 -9.09
C LEU E 43 26.88 -27.26 -9.49
N MSE E 44 25.76 -27.34 -8.75
CA MSE E 44 24.67 -28.26 -9.03
C MSE E 44 24.10 -28.00 -10.41
O MSE E 44 23.82 -28.94 -11.15
CB MSE E 44 23.57 -28.10 -7.99
CG MSE E 44 23.99 -28.47 -6.59
SE MSE E 44 22.52 -28.56 -5.31
CE MSE E 44 21.08 -27.77 -6.43
N ALA E 45 23.92 -26.71 -10.78
CA ALA E 45 23.39 -26.30 -12.07
C ALA E 45 24.39 -26.62 -13.19
N ARG E 46 25.70 -26.47 -12.89
CA ARG E 46 26.79 -26.73 -13.81
C ARG E 46 26.88 -28.23 -14.09
N VAL E 47 26.83 -29.06 -13.04
CA VAL E 47 26.89 -30.49 -13.14
C VAL E 47 25.64 -31.05 -13.87
N ALA E 48 24.49 -30.38 -13.75
CA ALA E 48 23.26 -30.77 -14.43
C ALA E 48 23.29 -30.39 -15.93
N GLU E 49 24.32 -29.69 -16.37
CA GLU E 49 24.44 -29.30 -17.77
C GLU E 49 25.31 -30.31 -18.51
N GLN E 50 25.98 -31.22 -17.77
CA GLN E 50 26.85 -32.20 -18.37
C GLN E 50 26.09 -33.31 -19.06
N THR E 51 25.38 -34.21 -18.34
CA THR E 51 24.60 -35.20 -19.10
C THR E 51 23.18 -34.59 -19.25
N GLY E 52 22.21 -35.38 -19.75
CA GLY E 52 20.82 -35.00 -20.03
C GLY E 52 20.33 -33.79 -19.27
N LYS E 53 19.80 -34.06 -18.04
CA LYS E 53 19.28 -33.15 -17.00
C LYS E 53 18.52 -31.94 -17.54
N ASN E 54 19.21 -30.90 -18.09
CA ASN E 54 18.69 -29.69 -18.77
C ASN E 54 17.55 -28.99 -18.05
N ASP E 55 16.36 -29.59 -18.01
CA ASP E 55 15.18 -29.09 -17.31
C ASP E 55 15.53 -28.85 -15.83
N LEU E 56 16.32 -29.77 -15.23
CA LEU E 56 16.81 -29.66 -13.85
C LEU E 56 17.72 -28.46 -13.75
N ALA E 57 18.67 -28.32 -14.71
CA ALA E 57 19.59 -27.20 -14.75
C ALA E 57 18.85 -25.87 -14.90
N LEU E 58 17.79 -25.83 -15.72
CA LEU E 58 16.97 -24.64 -15.95
C LEU E 58 16.28 -24.19 -14.68
N HIS E 59 15.74 -25.15 -13.90
CA HIS E 59 15.07 -24.92 -12.63
C HIS E 59 16.06 -24.37 -11.61
N LEU E 60 17.23 -24.96 -11.56
CA LEU E 60 18.34 -24.60 -10.66
C LEU E 60 18.82 -23.18 -10.96
N LEU E 61 18.99 -22.87 -12.25
CA LEU E 61 19.49 -21.58 -12.72
C LEU E 61 18.47 -20.47 -12.49
N ALA E 62 17.17 -20.78 -12.65
CA ALA E 62 16.08 -19.81 -12.45
C ALA E 62 16.07 -19.32 -10.99
N GLU E 63 16.29 -20.25 -10.06
CA GLU E 63 16.36 -20.03 -8.60
C GLU E 63 17.55 -19.14 -8.26
N LEU E 64 18.72 -19.44 -8.82
CA LEU E 64 19.95 -18.68 -8.60
C LEU E 64 19.82 -17.27 -9.14
N ASP E 65 19.21 -17.13 -10.33
CA ASP E 65 18.99 -15.85 -11.01
C ASP E 65 18.04 -14.97 -10.21
N GLU E 66 16.98 -15.58 -9.64
CA GLU E 66 15.98 -14.90 -8.83
C GLU E 66 16.60 -14.39 -7.51
N ARG E 67 17.45 -15.21 -6.85
CA ARG E 67 18.17 -14.85 -5.62
C ARG E 67 19.17 -13.72 -5.88
N ALA E 68 19.82 -13.75 -7.06
CA ALA E 68 20.79 -12.75 -7.50
C ALA E 68 20.11 -11.40 -7.70
N THR E 69 18.87 -11.41 -8.23
CA THR E 69 18.06 -10.22 -8.48
C THR E 69 17.69 -9.55 -7.14
N ARG E 70 17.25 -10.37 -6.17
CA ARG E 70 16.89 -9.92 -4.82
C ARG E 70 18.10 -9.33 -4.13
N LEU E 71 19.20 -10.09 -4.05
CA LEU E 71 20.46 -9.69 -3.41
C LEU E 71 21.24 -8.60 -4.17
N THR E 72 20.70 -8.15 -5.35
CA THR E 72 21.25 -7.18 -6.31
C THR E 72 22.74 -7.50 -6.55
N LEU E 73 23.01 -8.77 -6.92
CA LEU E 73 24.31 -9.37 -7.15
C LEU E 73 24.90 -8.97 -8.50
N SER E 74 24.12 -8.33 -9.37
CA SER E 74 24.66 -7.86 -10.65
C SER E 74 25.76 -6.78 -10.40
N GLN E 75 25.71 -6.11 -9.22
CA GLN E 75 26.63 -5.05 -8.77
C GLN E 75 27.86 -5.65 -8.08
N TRP E 76 27.64 -6.54 -7.10
CA TRP E 76 28.69 -7.24 -6.35
C TRP E 76 28.76 -8.63 -6.99
N GLU E 77 29.86 -9.03 -7.68
CA GLU E 77 29.97 -10.35 -8.37
C GLU E 77 29.14 -10.43 -9.70
N PRO E 78 29.42 -9.56 -10.70
CA PRO E 78 28.65 -9.60 -11.96
C PRO E 78 28.96 -10.78 -12.88
N GLU E 79 30.22 -11.28 -12.84
CA GLU E 79 30.66 -12.40 -13.66
C GLU E 79 29.84 -13.66 -13.38
N LEU E 80 29.52 -13.89 -12.10
CA LEU E 80 28.71 -15.03 -11.65
C LEU E 80 27.30 -14.90 -12.16
N VAL E 81 26.71 -13.70 -12.06
CA VAL E 81 25.36 -13.41 -12.58
C VAL E 81 25.33 -13.58 -14.10
N PHE E 82 26.34 -13.04 -14.80
CA PHE E 82 26.47 -13.17 -16.26
C PHE E 82 26.46 -14.64 -16.64
N GLU E 83 27.24 -15.48 -15.93
CA GLU E 83 27.31 -16.92 -16.13
C GLU E 83 25.92 -17.57 -16.03
N VAL E 84 25.22 -17.32 -14.91
CA VAL E 84 23.87 -17.82 -14.63
C VAL E 84 22.91 -17.43 -15.74
N LYS E 85 22.87 -16.13 -16.09
CA LYS E 85 21.99 -15.59 -17.12
C LYS E 85 22.27 -16.21 -18.50
N ALA E 86 23.56 -16.32 -18.86
CA ALA E 86 23.98 -16.88 -20.14
C ALA E 86 23.62 -18.35 -20.26
N ARG E 87 23.90 -19.15 -19.19
CA ARG E 87 23.58 -20.58 -19.11
C ARG E 87 22.08 -20.77 -19.25
N ARG E 88 21.30 -19.93 -18.55
CA ARG E 88 19.86 -19.98 -18.58
C ARG E 88 19.33 -19.69 -20.01
N LEU E 89 19.95 -18.72 -20.71
CA LEU E 89 19.58 -18.32 -22.07
C LEU E 89 19.92 -19.40 -23.06
N LYS E 90 21.11 -20.02 -22.94
CA LYS E 90 21.57 -21.12 -23.80
C LYS E 90 20.56 -22.26 -23.79
N LEU E 91 20.21 -22.76 -22.60
CA LEU E 91 19.31 -23.86 -22.39
C LEU E 91 17.87 -23.57 -22.80
N LEU E 92 17.42 -22.31 -22.63
CA LEU E 92 16.07 -21.93 -23.02
C LEU E 92 15.96 -21.93 -24.53
N ARG E 93 17.05 -21.53 -25.23
CA ARG E 93 17.16 -21.49 -26.68
C ARG E 93 17.07 -22.91 -27.26
N MSE E 94 17.66 -23.88 -26.56
CA MSE E 94 17.63 -25.29 -26.91
C MSE E 94 16.24 -25.87 -26.71
O MSE E 94 15.79 -26.62 -27.57
CB MSE E 94 18.61 -26.06 -26.05
CG MSE E 94 20.05 -25.74 -26.35
SE MSE E 94 21.22 -26.56 -25.02
CE MSE E 94 22.99 -26.07 -25.80
N LYS E 95 15.56 -25.50 -25.59
CA LYS E 95 14.19 -25.92 -25.28
C LYS E 95 13.21 -25.32 -26.33
N SER E 96 13.50 -24.07 -26.76
CA SER E 96 12.76 -23.33 -27.77
C SER E 96 12.98 -23.93 -29.17
N ALA E 97 14.15 -24.58 -29.41
CA ALA E 97 14.50 -25.22 -30.68
C ALA E 97 13.77 -26.56 -30.86
N LYS E 98 13.61 -27.32 -29.75
CA LYS E 98 12.94 -28.63 -29.72
C LYS E 98 11.47 -28.53 -30.12
N THR E 99 10.75 -27.57 -29.54
CA THR E 99 9.32 -27.36 -29.80
C THR E 99 9.00 -25.87 -29.95
N GLU E 100 8.36 -25.48 -31.07
CA GLU E 100 8.02 -24.09 -31.35
C GLU E 100 6.75 -23.62 -30.63
N SER E 101 6.02 -24.55 -29.98
CA SER E 101 4.80 -24.25 -29.23
C SER E 101 5.13 -23.39 -28.01
N ASP E 102 6.26 -23.70 -27.33
CA ASP E 102 6.74 -22.95 -26.17
C ASP E 102 7.67 -21.79 -26.54
N ARG E 103 8.19 -21.76 -27.79
CA ARG E 103 9.05 -20.68 -28.29
C ARG E 103 8.41 -19.30 -28.05
N VAL E 104 7.10 -19.19 -28.24
CA VAL E 104 6.33 -17.97 -28.03
C VAL E 104 6.20 -17.63 -26.52
N ARG E 105 6.04 -18.65 -25.62
CA ARG E 105 5.94 -18.40 -24.18
C ARG E 105 7.29 -18.18 -23.51
N LEU E 106 8.39 -18.70 -24.13
CA LEU E 106 9.76 -18.54 -23.63
C LEU E 106 10.39 -17.24 -24.12
N GLN E 107 9.88 -16.67 -25.25
CA GLN E 107 10.34 -15.41 -25.85
C GLN E 107 10.49 -14.26 -24.86
N PRO E 108 9.51 -13.93 -23.96
CA PRO E 108 9.74 -12.82 -23.01
C PRO E 108 10.92 -13.06 -22.04
N ASP E 109 11.05 -14.30 -21.51
CA ASP E 109 12.09 -14.74 -20.57
C ASP E 109 13.47 -14.63 -21.20
N MSE E 110 13.59 -15.01 -22.47
CA MSE E 110 14.83 -14.96 -23.22
C MSE E 110 15.29 -13.54 -23.54
O MSE E 110 16.48 -13.28 -23.51
CB MSE E 110 14.69 -15.76 -24.50
CG MSE E 110 15.09 -17.20 -24.33
SE MSE E 110 14.64 -18.29 -25.88
CE MSE E 110 15.30 -17.11 -27.42
N GLU E 111 14.33 -12.65 -23.87
CA GLU E 111 14.62 -11.24 -24.17
C GLU E 111 15.10 -10.54 -22.92
N HIS E 112 14.47 -10.84 -21.76
CA HIS E 112 14.79 -10.28 -20.45
C HIS E 112 16.21 -10.69 -20.02
N LEU E 113 16.57 -11.95 -20.27
CA LEU E 113 17.88 -12.54 -19.95
C LEU E 113 18.97 -11.85 -20.74
N LEU E 114 18.71 -11.66 -22.04
CA LEU E 114 19.63 -11.00 -22.97
C LEU E 114 19.82 -9.53 -22.58
N ALA E 115 18.71 -8.85 -22.20
CA ALA E 115 18.72 -7.46 -21.73
C ALA E 115 19.58 -7.34 -20.48
N GLY E 116 19.45 -8.33 -19.60
CA GLY E 116 20.20 -8.46 -18.35
C GLY E 116 21.67 -8.65 -18.59
N LEU E 117 22.01 -9.54 -19.56
CA LEU E 117 23.38 -9.88 -19.95
C LEU E 117 24.07 -8.66 -20.57
N ILE E 118 23.33 -7.93 -21.42
CA ILE E 118 23.77 -6.71 -22.08
C ILE E 118 24.08 -5.66 -21.01
N ALA E 119 23.22 -5.57 -19.98
CA ALA E 119 23.36 -4.65 -18.86
C ALA E 119 24.61 -4.90 -18.04
N ILE E 120 25.00 -6.19 -17.86
CA ILE E 120 26.19 -6.63 -17.09
C ILE E 120 27.49 -6.38 -17.88
N ASP E 121 27.58 -6.94 -19.10
CA ASP E 121 28.74 -6.78 -19.97
C ASP E 121 28.26 -6.80 -21.41
N ALA E 122 28.04 -5.60 -21.99
CA ALA E 122 27.56 -5.43 -23.35
C ALA E 122 28.44 -6.12 -24.36
N ALA E 123 29.77 -5.90 -24.29
CA ALA E 123 30.74 -6.49 -25.22
C ALA E 123 30.60 -8.02 -25.25
N ARG E 124 30.62 -8.65 -24.06
CA ARG E 124 30.46 -10.09 -23.92
C ARG E 124 29.11 -10.60 -24.42
N ALA E 125 28.03 -9.84 -24.14
CA ALA E 125 26.68 -10.22 -24.53
C ALA E 125 26.36 -9.99 -26.02
N ALA E 126 27.09 -9.08 -26.68
CA ALA E 126 26.89 -8.70 -28.07
C ALA E 126 26.75 -9.89 -29.03
N VAL E 127 27.64 -10.88 -28.86
CA VAL E 127 27.71 -12.13 -29.65
C VAL E 127 26.44 -12.99 -29.54
N LEU E 128 25.74 -12.87 -28.40
CA LEU E 128 24.55 -13.64 -28.07
C LEU E 128 23.24 -13.05 -28.64
N CYS E 129 23.30 -11.86 -29.29
CA CYS E 129 22.12 -11.18 -29.86
C CYS E 129 21.51 -11.89 -31.08
N ASN E 130 22.39 -12.53 -31.86
CA ASN E 130 22.05 -13.33 -33.05
C ASN E 130 22.12 -14.84 -32.67
N SER E 131 20.98 -15.55 -32.82
CA SER E 131 20.86 -16.99 -32.49
C SER E 131 21.13 -17.92 -33.68
N ALA F 1 -37.03 14.72 -2.45
CA ALA F 1 -36.80 15.41 -1.18
C ALA F 1 -37.52 16.77 -1.11
N ALA F 2 -37.56 17.53 -2.25
CA ALA F 2 -38.20 18.84 -2.43
C ALA F 2 -38.19 19.24 -3.92
N LEU F 3 -36.97 19.25 -4.54
CA LEU F 3 -36.71 19.59 -5.94
C LEU F 3 -36.71 18.36 -6.87
N SER F 4 -37.58 17.40 -6.55
CA SER F 4 -37.79 16.14 -7.27
C SER F 4 -39.11 16.18 -8.03
N LEU F 5 -40.04 17.04 -7.56
CA LEU F 5 -41.38 17.21 -8.12
C LEU F 5 -41.35 18.03 -9.43
N GLU F 6 -40.78 17.44 -10.51
CA GLU F 6 -40.67 18.11 -11.81
C GLU F 6 -41.17 17.28 -13.01
N PRO F 7 -42.51 17.16 -13.19
CA PRO F 7 -43.03 16.48 -14.39
C PRO F 7 -43.12 17.48 -15.56
N GLU F 8 -42.88 18.79 -15.26
CA GLU F 8 -42.90 19.91 -16.20
C GLU F 8 -41.73 19.84 -17.19
N ALA F 9 -40.61 19.22 -16.76
CA ALA F 9 -39.39 19.01 -17.54
C ALA F 9 -39.65 17.91 -18.58
N LEU F 10 -40.52 16.93 -18.24
CA LEU F 10 -40.93 15.83 -19.11
C LEU F 10 -41.64 16.40 -20.36
N GLN F 11 -42.42 17.49 -20.16
CA GLN F 11 -43.19 18.19 -21.17
C GLN F 11 -42.26 18.85 -22.19
N ILE F 12 -41.26 19.65 -21.70
CA ILE F 12 -40.27 20.40 -22.50
C ILE F 12 -39.49 19.47 -23.44
N ALA F 13 -39.33 18.18 -23.08
CA ALA F 13 -38.65 17.18 -23.91
C ALA F 13 -39.49 16.81 -25.15
N ASP F 14 -40.85 16.87 -25.03
CA ASP F 14 -41.79 16.57 -26.12
C ASP F 14 -42.14 17.80 -26.96
N ASN F 15 -42.43 18.94 -26.30
CA ASN F 15 -42.73 20.22 -26.95
C ASN F 15 -41.46 20.73 -27.67
N GLU F 16 -40.38 21.08 -26.91
CA GLU F 16 -39.08 21.48 -27.46
C GLU F 16 -38.23 20.20 -27.65
N GLY F 17 -36.91 20.35 -27.76
CA GLY F 17 -36.00 19.22 -27.91
C GLY F 17 -35.65 18.55 -26.60
N THR F 18 -34.82 17.50 -26.66
CA THR F 18 -34.35 16.76 -25.47
C THR F 18 -33.25 17.58 -24.76
N GLU F 19 -32.42 18.27 -25.57
CA GLU F 19 -31.34 19.15 -25.12
C GLU F 19 -31.94 20.28 -24.27
N ALA F 20 -33.09 20.82 -24.71
CA ALA F 20 -33.80 21.90 -24.04
C ALA F 20 -34.29 21.49 -22.67
N ALA F 21 -34.79 20.23 -22.55
CA ALA F 21 -35.29 19.65 -21.31
C ALA F 21 -34.16 19.56 -20.29
N LEU F 22 -32.99 19.01 -20.71
CA LEU F 22 -31.81 18.87 -19.85
C LEU F 22 -31.23 20.22 -19.49
N SER F 23 -31.08 21.14 -20.49
CA SER F 23 -30.57 22.51 -20.30
C SER F 23 -31.45 23.28 -19.31
N TRP F 24 -32.79 23.00 -19.33
CA TRP F 24 -33.76 23.56 -18.41
C TRP F 24 -33.44 23.08 -16.99
N LEU F 25 -33.16 21.77 -16.85
CA LEU F 25 -32.86 21.12 -15.57
C LEU F 25 -31.58 21.67 -14.95
N GLN F 26 -30.50 21.73 -15.76
CA GLN F 26 -29.20 22.26 -15.38
C GLN F 26 -29.34 23.69 -14.88
N ALA F 27 -30.30 24.43 -15.47
CA ALA F 27 -30.63 25.81 -15.09
C ALA F 27 -31.31 25.81 -13.70
N ARG F 28 -32.67 25.63 -13.61
CA ARG F 28 -33.47 25.59 -12.38
C ARG F 28 -33.10 26.81 -11.41
N PRO F 29 -33.37 26.83 -10.08
CA PRO F 29 -32.96 28.00 -9.28
C PRO F 29 -31.57 27.80 -8.64
N GLY F 30 -31.42 28.28 -7.41
CA GLY F 30 -30.20 28.21 -6.63
C GLY F 30 -29.98 26.97 -5.79
N ILE F 31 -29.64 25.84 -6.45
CA ILE F 31 -29.32 24.56 -5.80
C ILE F 31 -27.93 24.69 -5.14
N GLN F 32 -27.69 23.90 -4.08
CA GLN F 32 -26.44 23.98 -3.31
C GLN F 32 -25.93 22.57 -2.93
N SER F 33 -26.84 21.73 -2.44
CA SER F 33 -26.58 20.40 -1.93
C SER F 33 -26.20 19.40 -3.01
N ASP F 34 -25.30 18.46 -2.66
CA ASP F 34 -24.94 17.38 -3.55
C ASP F 34 -26.16 16.43 -3.70
N ARG F 35 -27.08 16.47 -2.70
CA ARG F 35 -28.35 15.75 -2.65
C ARG F 35 -29.22 16.25 -3.81
N SER F 36 -29.45 17.58 -3.84
CA SER F 36 -30.26 18.24 -4.86
C SER F 36 -29.67 18.10 -6.27
N ASN F 37 -28.35 18.06 -6.40
CA ASN F 37 -27.67 17.84 -7.69
C ASN F 37 -27.95 16.41 -8.21
N TRP F 38 -27.76 15.39 -7.33
CA TRP F 38 -27.99 13.97 -7.61
C TRP F 38 -29.44 13.71 -8.02
N LEU F 39 -30.40 14.34 -7.31
CA LEU F 39 -31.83 14.19 -7.61
C LEU F 39 -32.17 14.81 -8.96
N LEU F 40 -31.65 16.01 -9.22
CA LEU F 40 -31.80 16.74 -10.49
C LEU F 40 -31.27 15.89 -11.64
N ARG F 41 -30.12 15.26 -11.40
CA ARG F 41 -29.46 14.37 -12.35
C ARG F 41 -30.26 13.07 -12.58
N LEU F 42 -31.05 12.64 -11.57
CA LEU F 42 -31.92 11.47 -11.68
C LEU F 42 -33.08 11.82 -12.62
N LEU F 43 -33.61 13.06 -12.49
CA LEU F 43 -34.69 13.58 -13.35
C LEU F 43 -34.22 13.56 -14.78
N MSE F 44 -32.96 13.95 -15.02
CA MSE F 44 -32.33 13.94 -16.33
C MSE F 44 -32.32 12.53 -16.91
O MSE F 44 -32.61 12.34 -18.09
CB MSE F 44 -30.91 14.46 -16.24
CG MSE F 44 -30.80 15.89 -15.81
SE MSE F 44 -29.01 16.63 -15.98
CE MSE F 44 -28.01 15.03 -16.39
N ALA F 45 -32.00 11.53 -16.08
CA ALA F 45 -31.94 10.13 -16.50
C ALA F 45 -33.36 9.61 -16.79
N ARG F 46 -34.35 10.08 -16.00
CA ARG F 46 -35.76 9.70 -16.14
C ARG F 46 -36.32 10.28 -17.43
N VAL F 47 -36.03 11.57 -17.70
CA VAL F 47 -36.47 12.27 -18.91
C VAL F 47 -35.82 11.67 -20.17
N ALA F 48 -34.61 11.14 -20.05
CA ALA F 48 -33.92 10.49 -21.16
C ALA F 48 -34.46 9.07 -21.44
N GLU F 49 -35.38 8.59 -20.61
CA GLU F 49 -35.98 7.28 -20.80
C GLU F 49 -37.29 7.42 -21.55
N GLN F 50 -37.79 8.66 -21.72
CA GLN F 50 -39.05 8.91 -22.40
C GLN F 50 -38.95 8.71 -23.91
N THR F 51 -38.24 9.56 -24.66
CA THR F 51 -38.12 9.27 -26.10
C THR F 51 -36.78 8.50 -26.25
N GLY F 52 -36.34 8.27 -27.50
CA GLY F 52 -35.14 7.53 -27.88
C GLY F 52 -34.07 7.43 -26.82
N LYS F 53 -33.19 8.46 -26.77
CA LYS F 53 -32.08 8.74 -25.83
C LYS F 53 -31.31 7.47 -25.40
N ASN F 54 -31.87 6.63 -24.47
CA ASN F 54 -31.37 5.34 -23.97
C ASN F 54 -29.89 5.31 -23.57
N ASP F 55 -28.98 5.40 -24.55
CA ASP F 55 -27.55 5.47 -24.35
C ASP F 55 -27.23 6.64 -23.41
N LEU F 56 -27.91 7.78 -23.60
CA LEU F 56 -27.77 8.96 -22.76
C LEU F 56 -28.22 8.62 -21.34
N ALA F 57 -29.39 7.97 -21.22
CA ALA F 57 -29.94 7.57 -19.93
C ALA F 57 -29.00 6.59 -19.21
N LEU F 58 -28.39 5.64 -19.96
CA LEU F 58 -27.46 4.65 -19.43
C LEU F 58 -26.23 5.31 -18.84
N HIS F 59 -25.70 6.34 -19.54
CA HIS F 59 -24.52 7.10 -19.12
C HIS F 59 -24.82 7.87 -17.83
N LEU F 60 -26.01 8.50 -17.80
CA LEU F 60 -26.51 9.28 -16.68
C LEU F 60 -26.72 8.40 -15.44
N LEU F 61 -27.32 7.20 -15.64
CA LEU F 61 -27.60 6.23 -14.59
C LEU F 61 -26.34 5.61 -14.03
N ALA F 62 -25.33 5.34 -14.89
CA ALA F 62 -24.06 4.76 -14.48
C ALA F 62 -23.33 5.70 -13.49
N GLU F 63 -23.39 7.01 -13.78
CA GLU F 63 -22.82 8.09 -13.00
C GLU F 63 -23.48 8.17 -11.63
N LEU F 64 -24.83 8.14 -11.60
CA LEU F 64 -25.61 8.21 -10.37
C LEU F 64 -25.34 7.00 -9.51
N ASP F 65 -25.26 5.81 -10.13
CA ASP F 65 -25.00 4.53 -9.46
C ASP F 65 -23.63 4.51 -8.84
N GLU F 66 -22.63 5.05 -9.55
CA GLU F 66 -21.24 5.14 -9.10
C GLU F 66 -21.12 6.10 -7.89
N ARG F 67 -21.80 7.26 -7.93
CA ARG F 67 -21.85 8.24 -6.85
C ARG F 67 -22.56 7.66 -5.61
N ALA F 68 -23.62 6.86 -5.83
CA ALA F 68 -24.39 6.19 -4.78
C ALA F 68 -23.54 5.15 -4.05
N THR F 69 -22.63 4.46 -4.80
CA THR F 69 -21.72 3.45 -4.28
C THR F 69 -20.72 4.13 -3.36
N ARG F 70 -20.14 5.25 -3.81
CA ARG F 70 -19.18 6.05 -3.05
C ARG F 70 -19.82 6.59 -1.77
N LEU F 71 -20.95 7.30 -1.91
CA LEU F 71 -21.71 7.87 -0.80
C LEU F 71 -22.41 6.83 0.11
N THR F 72 -22.28 5.51 -0.24
CA THR F 72 -22.92 4.33 0.40
C THR F 72 -24.41 4.64 0.71
N LEU F 73 -25.12 5.06 -0.34
CA LEU F 73 -26.51 5.48 -0.33
C LEU F 73 -27.47 4.29 -0.32
N SER F 74 -26.97 3.05 -0.47
CA SER F 74 -27.85 1.88 -0.40
C SER F 74 -28.43 1.76 1.02
N GLN F 75 -27.72 2.36 2.02
CA GLN F 75 -28.08 2.35 3.45
C GLN F 75 -29.07 3.47 3.79
N TRP F 76 -28.73 4.70 3.39
CA TRP F 76 -29.56 5.90 3.58
C TRP F 76 -30.19 6.16 2.20
N GLU F 77 -31.53 6.06 2.05
CA GLU F 77 -32.23 6.23 0.75
C GLU F 77 -32.05 5.01 -0.21
N PRO F 78 -32.49 3.79 0.20
CA PRO F 78 -32.31 2.61 -0.66
C PRO F 78 -33.24 2.57 -1.88
N GLU F 79 -34.45 3.13 -1.75
CA GLU F 79 -35.47 3.18 -2.81
C GLU F 79 -34.94 3.86 -4.05
N LEU F 80 -34.20 4.98 -3.85
CA LEU F 80 -33.60 5.76 -4.92
C LEU F 80 -32.54 4.95 -5.64
N VAL F 81 -31.67 4.26 -4.87
CA VAL F 81 -30.61 3.41 -5.44
C VAL F 81 -31.24 2.23 -6.20
N PHE F 82 -32.28 1.59 -5.61
CA PHE F 82 -33.01 0.50 -6.24
C PHE F 82 -33.52 0.94 -7.62
N GLU F 83 -34.14 2.14 -7.68
CA GLU F 83 -34.67 2.73 -8.90
C GLU F 83 -33.57 2.83 -9.96
N VAL F 84 -32.42 3.48 -9.59
CA VAL F 84 -31.26 3.68 -10.46
C VAL F 84 -30.77 2.34 -11.00
N LYS F 85 -30.52 1.38 -10.10
CA LYS F 85 -30.01 0.04 -10.47
C LYS F 85 -30.97 -0.69 -11.41
N ALA F 86 -32.28 -0.65 -11.09
CA ALA F 86 -33.32 -1.32 -11.88
C ALA F 86 -33.45 -0.71 -13.27
N ARG F 87 -33.46 0.65 -13.36
CA ARG F 87 -33.54 1.38 -14.63
C ARG F 87 -32.32 1.04 -15.48
N ARG F 88 -31.13 0.99 -14.85
CA ARG F 88 -29.88 0.66 -15.50
C ARG F 88 -29.92 -0.79 -16.07
N LEU F 89 -30.44 -1.73 -15.27
CA LEU F 89 -30.59 -3.14 -15.67
C LEU F 89 -31.57 -3.29 -16.85
N LYS F 90 -32.75 -2.62 -16.77
CA LYS F 90 -33.80 -2.63 -17.79
C LYS F 90 -33.23 -2.25 -19.16
N LEU F 91 -32.55 -1.09 -19.23
CA LEU F 91 -31.94 -0.52 -20.42
C LEU F 91 -30.79 -1.33 -20.95
N LEU F 92 -30.01 -1.97 -20.06
CA LEU F 92 -28.90 -2.80 -20.48
C LEU F 92 -29.43 -4.08 -21.14
N ARG F 93 -30.56 -4.60 -20.62
CA ARG F 93 -31.23 -5.78 -21.14
C ARG F 93 -31.75 -5.52 -22.56
N MSE F 94 -32.22 -4.28 -22.81
CA MSE F 94 -32.70 -3.83 -24.11
C MSE F 94 -31.55 -3.68 -25.08
O MSE F 94 -31.68 -4.09 -26.24
CB MSE F 94 -33.42 -2.49 -23.98
CG MSE F 94 -34.72 -2.59 -23.24
SE MSE F 94 -35.46 -0.83 -22.86
CE MSE F 94 -37.16 -1.40 -21.98
N LYS F 95 -30.40 -3.13 -24.62
CA LYS F 95 -29.18 -2.97 -25.42
C LYS F 95 -28.60 -4.35 -25.76
N SER F 96 -28.72 -5.31 -24.81
CA SER F 96 -28.29 -6.70 -24.95
C SER F 96 -29.21 -7.47 -25.92
N ALA F 97 -30.49 -7.05 -26.05
CA ALA F 97 -31.47 -7.66 -26.94
C ALA F 97 -31.26 -7.24 -28.40
N LYS F 98 -30.87 -5.96 -28.62
CA LYS F 98 -30.61 -5.38 -29.94
C LYS F 98 -29.46 -6.08 -30.67
N THR F 99 -28.32 -6.29 -29.97
CA THR F 99 -27.14 -6.94 -30.53
C THR F 99 -26.53 -7.92 -29.52
N GLU F 100 -26.32 -9.17 -29.94
CA GLU F 100 -25.78 -10.23 -29.09
C GLU F 100 -24.24 -10.17 -28.95
N SER F 101 -23.57 -9.30 -29.72
CA SER F 101 -22.12 -9.10 -29.68
C SER F 101 -21.70 -8.50 -28.34
N ASP F 102 -22.51 -7.53 -27.83
CA ASP F 102 -22.28 -6.88 -26.54
C ASP F 102 -22.95 -7.61 -25.37
N ARG F 103 -23.89 -8.55 -25.64
CA ARG F 103 -24.57 -9.35 -24.62
C ARG F 103 -23.57 -10.01 -23.67
N VAL F 104 -22.46 -10.53 -24.23
CA VAL F 104 -21.38 -11.17 -23.49
C VAL F 104 -20.58 -10.15 -22.64
N ARG F 105 -20.34 -8.91 -23.15
CA ARG F 105 -19.60 -7.90 -22.40
C ARG F 105 -20.47 -7.18 -21.37
N LEU F 106 -21.81 -7.16 -21.58
CA LEU F 106 -22.76 -6.54 -20.67
C LEU F 106 -23.18 -7.49 -19.54
N GLN F 107 -23.04 -8.82 -19.77
CA GLN F 107 -23.37 -9.88 -18.81
C GLN F 107 -22.79 -9.66 -17.39
N PRO F 108 -21.48 -9.33 -17.18
CA PRO F 108 -21.01 -9.09 -15.81
C PRO F 108 -21.70 -7.92 -15.10
N ASP F 109 -21.92 -6.78 -15.83
CA ASP F 109 -22.56 -5.55 -15.35
C ASP F 109 -23.99 -5.80 -14.93
N MSE F 110 -24.72 -6.61 -15.70
CA MSE F 110 -26.11 -6.96 -15.45
C MSE F 110 -26.27 -7.86 -14.24
O MSE F 110 -27.23 -7.70 -13.49
CB MSE F 110 -26.71 -7.61 -16.68
CG MSE F 110 -27.36 -6.62 -17.62
SE MSE F 110 -27.91 -7.39 -19.35
CE MSE F 110 -28.80 -9.13 -18.72
N GLU F 111 -25.35 -8.84 -14.05
CA GLU F 111 -25.38 -9.76 -12.92
C GLU F 111 -25.12 -9.01 -11.62
N HIS F 112 -24.17 -8.04 -11.67
CA HIS F 112 -23.78 -7.20 -10.54
C HIS F 112 -24.92 -6.28 -10.11
N LEU F 113 -25.66 -5.74 -11.08
CA LEU F 113 -26.79 -4.84 -10.85
C LEU F 113 -27.92 -5.60 -10.17
N LEU F 114 -28.21 -6.82 -10.67
CA LEU F 114 -29.23 -7.70 -10.11
C LEU F 114 -28.88 -8.08 -8.67
N ALA F 115 -27.59 -8.41 -8.42
CA ALA F 115 -27.04 -8.73 -7.11
C ALA F 115 -27.24 -7.56 -6.16
N GLY F 116 -27.03 -6.35 -6.68
CA GLY F 116 -27.19 -5.10 -5.95
C GLY F 116 -28.63 -4.84 -5.59
N LEU F 117 -29.54 -5.10 -6.54
CA LEU F 117 -30.99 -4.94 -6.38
C LEU F 117 -31.53 -5.93 -5.33
N ILE F 118 -31.05 -7.19 -5.41
CA ILE F 118 -31.38 -8.26 -4.48
C ILE F 118 -30.93 -7.85 -3.08
N ALA F 119 -29.71 -7.26 -2.95
CA ALA F 119 -29.12 -6.77 -1.72
C ALA F 119 -29.95 -5.67 -1.05
N ILE F 120 -30.58 -4.80 -1.85
CA ILE F 120 -31.40 -3.68 -1.37
C ILE F 120 -32.81 -4.15 -0.91
N ASP F 121 -33.53 -4.86 -1.80
CA ASP F 121 -34.87 -5.39 -1.53
C ASP F 121 -35.05 -6.65 -2.34
N ALA F 122 -34.77 -7.80 -1.71
CA ALA F 122 -34.86 -9.11 -2.36
C ALA F 122 -36.24 -9.40 -2.95
N ALA F 123 -37.32 -9.14 -2.16
CA ALA F 123 -38.71 -9.35 -2.55
C ALA F 123 -39.00 -8.62 -3.85
N ARG F 124 -38.69 -7.30 -3.91
CA ARG F 124 -38.86 -6.46 -5.09
C ARG F 124 -38.03 -6.92 -6.27
N ALA F 125 -36.78 -7.34 -6.01
CA ALA F 125 -35.87 -7.80 -7.06
C ALA F 125 -36.15 -9.20 -7.60
N ALA F 126 -36.87 -10.03 -6.83
CA ALA F 126 -37.21 -11.42 -7.18
C ALA F 126 -37.79 -11.58 -8.59
N VAL F 127 -38.72 -10.68 -8.95
CA VAL F 127 -39.40 -10.63 -10.24
C VAL F 127 -38.44 -10.39 -11.43
N LEU F 128 -37.31 -9.70 -11.16
CA LEU F 128 -36.31 -9.33 -12.16
C LEU F 128 -35.28 -10.40 -12.46
N CYS F 129 -35.31 -11.55 -11.73
CA CYS F 129 -34.36 -12.66 -11.91
C CYS F 129 -34.51 -13.42 -13.21
N ASN F 130 -35.76 -13.48 -13.71
CA ASN F 130 -36.13 -14.12 -14.97
C ASN F 130 -36.36 -13.02 -16.04
N SER F 131 -35.57 -13.09 -17.14
CA SER F 131 -35.63 -12.13 -18.25
C SER F 131 -36.51 -12.63 -19.40
N ALA G 1 38.70 -7.08 -1.92
CA ALA G 1 38.44 -7.91 -3.09
C ALA G 1 39.56 -7.82 -4.14
N ALA G 2 40.10 -6.59 -4.36
CA ALA G 2 41.19 -6.26 -5.30
C ALA G 2 41.66 -4.82 -5.06
N LEU G 3 40.72 -3.83 -5.08
CA LEU G 3 40.95 -2.38 -4.90
C LEU G 3 40.79 -1.94 -3.43
N SER G 4 41.18 -2.84 -2.52
CA SER G 4 41.13 -2.67 -1.07
C SER G 4 42.54 -2.48 -0.50
N LEU G 5 43.54 -2.97 -1.24
CA LEU G 5 44.96 -2.93 -0.91
C LEU G 5 45.55 -1.53 -1.10
N GLU G 6 45.14 -0.56 -0.25
CA GLU G 6 45.62 0.83 -0.33
C GLU G 6 46.08 1.42 1.03
N PRO G 7 47.28 1.00 1.52
CA PRO G 7 47.81 1.58 2.77
C PRO G 7 48.59 2.89 2.52
N GLU G 8 48.84 3.21 1.23
CA GLU G 8 49.52 4.43 0.78
C GLU G 8 48.61 5.64 1.00
N ALA G 9 47.27 5.40 0.93
CA ALA G 9 46.21 6.38 1.16
C ALA G 9 46.31 6.90 2.59
N LEU G 10 46.71 6.02 3.51
CA LEU G 10 46.93 6.34 4.92
C LEU G 10 48.15 7.26 5.09
N GLN G 11 49.21 7.06 4.27
CA GLN G 11 50.43 7.90 4.27
C GLN G 11 50.09 9.33 3.86
N ILE G 12 49.33 9.49 2.74
CA ILE G 12 48.85 10.76 2.19
C ILE G 12 48.15 11.61 3.27
N ALA G 13 47.37 10.92 4.14
CA ALA G 13 46.63 11.53 5.25
C ALA G 13 47.55 12.21 6.25
N ASP G 14 48.74 11.61 6.50
CA ASP G 14 49.75 12.11 7.44
C ASP G 14 50.63 13.21 6.83
N ASN G 15 51.15 13.00 5.57
CA ASN G 15 52.02 13.94 4.83
C ASN G 15 51.26 15.19 4.41
N GLU G 16 50.16 14.99 3.66
CA GLU G 16 49.29 16.07 3.21
C GLU G 16 48.11 16.13 4.20
N GLY G 17 47.00 16.73 3.79
CA GLY G 17 45.82 16.83 4.64
C GLY G 17 44.93 15.59 4.59
N THR G 18 43.80 15.66 5.28
CA THR G 18 42.80 14.58 5.28
C THR G 18 41.99 14.63 3.99
N GLU G 19 41.71 15.84 3.47
CA GLU G 19 41.00 16.08 2.22
C GLU G 19 41.80 15.44 1.07
N ALA G 20 43.14 15.60 1.08
CA ALA G 20 44.06 15.07 0.07
C ALA G 20 44.00 13.56 0.01
N ALA G 21 43.86 12.92 1.19
CA ALA G 21 43.76 11.47 1.32
C ALA G 21 42.50 10.97 0.64
N LEU G 22 41.33 11.57 1.00
CA LEU G 22 40.00 11.26 0.43
C LEU G 22 39.94 11.55 -1.06
N SER G 23 40.39 12.75 -1.49
CA SER G 23 40.37 13.08 -2.91
C SER G 23 41.20 12.08 -3.75
N TRP G 24 42.36 11.58 -3.21
CA TRP G 24 43.18 10.55 -3.89
C TRP G 24 42.38 9.27 -4.17
N LEU G 25 41.52 8.89 -3.23
CA LEU G 25 40.65 7.73 -3.31
C LEU G 25 39.51 7.99 -4.30
N GLN G 26 38.88 9.21 -4.26
CA GLN G 26 37.74 9.62 -5.12
C GLN G 26 38.04 9.53 -6.62
N ALA G 27 39.34 9.46 -6.97
CA ALA G 27 39.76 9.30 -8.34
C ALA G 27 40.67 8.04 -8.41
N ARG G 28 40.04 6.82 -8.40
CA ARG G 28 40.77 5.55 -8.41
C ARG G 28 41.77 5.54 -9.61
N PRO G 29 41.40 5.35 -10.92
CA PRO G 29 40.15 4.85 -11.51
C PRO G 29 40.39 3.33 -11.75
N GLY G 30 39.77 2.64 -12.73
CA GLY G 30 38.63 3.01 -13.56
C GLY G 30 37.44 2.38 -12.91
N ILE G 31 37.20 2.82 -11.65
CA ILE G 31 36.15 2.38 -10.72
C ILE G 31 34.81 2.26 -11.44
N GLN G 32 34.18 1.10 -11.32
CA GLN G 32 32.92 0.88 -12.01
C GLN G 32 31.83 0.30 -11.12
N SER G 33 32.11 -0.90 -10.61
CA SER G 33 31.25 -1.72 -9.77
C SER G 33 30.79 -1.02 -8.52
N ASP G 34 29.56 -1.33 -8.07
CA ASP G 34 29.05 -0.78 -6.81
C ASP G 34 29.86 -1.39 -5.63
N ARG G 35 30.47 -2.57 -5.88
CA ARG G 35 31.37 -3.30 -4.99
C ARG G 35 32.60 -2.44 -4.72
N SER G 36 33.35 -2.06 -5.80
CA SER G 36 34.57 -1.25 -5.72
C SER G 36 34.31 0.14 -5.18
N ASN G 37 33.09 0.69 -5.38
CA ASN G 37 32.72 1.99 -4.83
C ASN G 37 32.59 1.88 -3.29
N TRP G 38 31.83 0.87 -2.82
CA TRP G 38 31.58 0.59 -1.40
C TRP G 38 32.89 0.29 -0.67
N LEU G 39 33.80 -0.46 -1.28
CA LEU G 39 35.09 -0.79 -0.68
C LEU G 39 35.97 0.44 -0.57
N LEU G 40 36.02 1.25 -1.64
CA LEU G 40 36.77 2.51 -1.70
C LEU G 40 36.27 3.45 -0.61
N ARG G 41 34.94 3.48 -0.43
CA ARG G 41 34.27 4.29 0.57
C ARG G 41 34.56 3.79 1.99
N LEU G 42 34.85 2.47 2.13
CA LEU G 42 35.22 1.86 3.42
C LEU G 42 36.62 2.34 3.79
N LEU G 43 37.53 2.42 2.79
CA LEU G 43 38.90 2.92 2.97
C LEU G 43 38.83 4.35 3.47
N MSE G 44 37.92 5.16 2.89
CA MSE G 44 37.70 6.54 3.30
C MSE G 44 37.30 6.60 4.77
O MSE G 44 37.79 7.46 5.50
CB MSE G 44 36.58 7.16 2.47
CG MSE G 44 36.90 7.27 1.00
SE MSE G 44 35.62 8.34 -0.06
CE MSE G 44 34.23 8.56 1.34
N ALA G 45 36.41 5.68 5.22
CA ALA G 45 35.95 5.62 6.62
C ALA G 45 37.08 5.16 7.53
N ARG G 46 37.95 4.26 7.03
CA ARG G 46 39.09 3.72 7.75
C ARG G 46 40.12 4.83 7.96
N VAL G 47 40.43 5.57 6.88
CA VAL G 47 41.40 6.66 6.90
C VAL G 47 40.91 7.81 7.79
N ALA G 48 39.59 8.02 7.90
CA ALA G 48 38.98 9.02 8.75
C ALA G 48 39.01 8.63 10.24
N GLU G 49 39.42 7.40 10.55
CA GLU G 49 39.50 6.93 11.91
C GLU G 49 40.91 7.12 12.45
N GLN G 50 41.88 7.45 11.56
CA GLN G 50 43.26 7.64 11.95
C GLN G 50 43.48 8.92 12.70
N THR G 51 43.39 10.12 12.09
CA THR G 51 43.52 11.31 12.92
C THR G 51 42.09 11.72 13.34
N GLY G 52 41.94 12.90 13.95
CA GLY G 52 40.68 13.48 14.46
C GLY G 52 39.42 12.91 13.85
N LYS G 53 38.99 13.54 12.71
CA LYS G 53 37.88 13.22 11.81
C LYS G 53 36.60 12.73 12.54
N ASN G 54 36.55 11.43 13.01
CA ASN G 54 35.50 10.78 13.81
C ASN G 54 34.07 11.00 13.32
N ASP G 55 33.54 12.23 13.45
CA ASP G 55 32.22 12.63 12.96
C ASP G 55 32.12 12.32 11.45
N LEU G 56 33.22 12.58 10.69
CA LEU G 56 33.32 12.27 9.26
C LEU G 56 33.23 10.76 9.09
N ALA G 57 34.00 10.00 9.88
CA ALA G 57 34.01 8.54 9.83
C ALA G 57 32.63 7.97 10.16
N LEU G 58 31.92 8.57 11.15
CA LEU G 58 30.59 8.12 11.56
C LEU G 58 29.58 8.29 10.45
N HIS G 59 29.64 9.43 9.71
CA HIS G 59 28.79 9.74 8.58
C HIS G 59 29.04 8.76 7.45
N LEU G 60 30.33 8.47 7.18
CA LEU G 60 30.81 7.55 6.16
C LEU G 60 30.34 6.14 6.44
N LEU G 61 30.47 5.71 7.71
CA LEU G 61 30.09 4.38 8.18
C LEU G 61 28.60 4.16 8.19
N ALA G 62 27.81 5.20 8.55
CA ALA G 62 26.35 5.13 8.57
C ALA G 62 25.81 4.84 7.15
N GLU G 63 26.41 5.50 6.14
CA GLU G 63 26.12 5.36 4.70
C GLU G 63 26.41 3.93 4.25
N LEU G 64 27.62 3.40 4.60
CA LEU G 64 28.04 2.05 4.22
C LEU G 64 27.13 1.01 4.84
N ASP G 65 26.77 1.21 6.12
CA ASP G 65 25.92 0.31 6.89
C ASP G 65 24.52 0.27 6.33
N GLU G 66 24.00 1.44 5.91
CA GLU G 66 22.67 1.59 5.33
C GLU G 66 22.61 0.87 3.96
N ARG G 67 23.67 1.02 3.12
CA ARG G 67 23.77 0.37 1.81
C ARG G 67 23.89 -1.15 1.97
N ALA G 68 24.61 -1.60 3.02
CA ALA G 68 24.80 -3.01 3.33
C ALA G 68 23.47 -3.67 3.72
N THR G 69 22.61 -2.92 4.46
CA THR G 69 21.29 -3.36 4.92
C THR G 69 20.38 -3.57 3.71
N ARG G 70 20.38 -2.60 2.78
CA ARG G 70 19.59 -2.65 1.56
C ARG G 70 20.05 -3.84 0.70
N LEU G 71 21.36 -3.89 0.39
CA LEU G 71 21.97 -4.95 -0.43
C LEU G 71 22.01 -6.34 0.25
N THR G 72 21.53 -6.42 1.52
CA THR G 72 21.52 -7.58 2.43
C THR G 72 22.90 -8.30 2.38
N LEU G 73 23.95 -7.50 2.62
CA LEU G 73 25.35 -7.87 2.58
C LEU G 73 25.78 -8.64 3.81
N SER G 74 24.94 -8.72 4.85
CA SER G 74 25.27 -9.50 6.04
C SER G 74 25.39 -11.00 5.66
N GLN G 75 24.72 -11.42 4.54
CA GLN G 75 24.70 -12.78 4.03
C GLN G 75 25.91 -13.06 3.10
N TRP G 76 26.15 -12.16 2.13
CA TRP G 76 27.26 -12.23 1.18
C TRP G 76 28.27 -11.20 1.72
N GLU G 77 29.47 -11.61 2.17
CA GLU G 77 30.50 -10.69 2.75
C GLU G 77 30.14 -10.20 4.19
N PRO G 78 29.99 -11.12 5.18
CA PRO G 78 29.61 -10.69 6.53
C PRO G 78 30.71 -9.99 7.32
N GLU G 79 31.97 -10.37 7.05
CA GLU G 79 33.16 -9.85 7.74
C GLU G 79 33.27 -8.35 7.55
N LEU G 80 32.97 -7.87 6.32
CA LEU G 80 32.97 -6.46 5.94
C LEU G 80 31.89 -5.71 6.70
N VAL G 81 30.66 -6.28 6.75
CA VAL G 81 29.53 -5.70 7.49
C VAL G 81 29.85 -5.62 8.99
N PHE G 82 30.41 -6.72 9.55
CA PHE G 82 30.82 -6.80 10.95
C PHE G 82 31.77 -5.66 11.26
N GLU G 83 32.77 -5.44 10.40
CA GLU G 83 33.76 -4.37 10.52
C GLU G 83 33.07 -3.01 10.62
N VAL G 84 32.18 -2.70 9.63
CA VAL G 84 31.43 -1.44 9.55
C VAL G 84 30.61 -1.23 10.82
N LYS G 85 29.84 -2.24 11.21
CA LYS G 85 28.98 -2.18 12.42
C LYS G 85 29.79 -1.96 13.69
N ALA G 86 30.90 -2.70 13.84
CA ALA G 86 31.79 -2.61 15.01
C ALA G 86 32.46 -1.25 15.09
N ARG G 87 32.97 -0.73 13.95
CA ARG G 87 33.62 0.59 13.86
C ARG G 87 32.61 1.65 14.27
N ARG G 88 31.38 1.51 13.74
CA ARG G 88 30.29 2.43 14.00
C ARG G 88 29.95 2.48 15.49
N LEU G 89 29.88 1.32 16.13
CA LEU G 89 29.57 1.18 17.56
C LEU G 89 30.65 1.84 18.44
N LYS G 90 31.95 1.54 18.13
CA LYS G 90 33.14 2.06 18.81
C LYS G 90 33.11 3.58 18.87
N LEU G 91 32.95 4.21 17.71
CA LEU G 91 32.90 5.65 17.57
C LEU G 91 31.66 6.26 18.18
N LEU G 92 30.52 5.54 18.12
CA LEU G 92 29.27 6.00 18.69
C LEU G 92 29.40 6.09 20.18
N ARG G 93 30.03 5.04 20.76
CA ARG G 93 30.31 4.90 22.18
C ARG G 93 31.20 6.06 22.66
N MSE G 94 32.26 6.39 21.89
CA MSE G 94 33.18 7.49 22.19
C MSE G 94 32.46 8.83 22.20
O MSE G 94 32.73 9.64 23.08
CB MSE G 94 34.31 7.55 21.17
CG MSE G 94 35.25 6.39 21.29
SE MSE G 94 36.53 6.53 19.87
CE MSE G 94 37.64 4.89 20.27
N LYS G 95 31.52 9.05 21.25
CA LYS G 95 30.71 10.25 21.16
C LYS G 95 29.76 10.31 22.37
N SER G 96 29.27 9.14 22.81
CA SER G 96 28.40 8.96 23.97
C SER G 96 29.20 9.20 25.29
N ALA G 97 30.53 8.95 25.29
CA ALA G 97 31.41 9.14 26.45
C ALA G 97 31.74 10.62 26.67
N LYS G 98 31.93 11.38 25.55
CA LYS G 98 32.26 12.81 25.56
C LYS G 98 31.14 13.65 26.19
N THR G 99 29.88 13.40 25.81
CA THR G 99 28.71 14.12 26.32
C THR G 99 27.56 13.15 26.61
N GLU G 100 27.02 13.19 27.84
CA GLU G 100 25.93 12.29 28.27
C GLU G 100 24.55 12.75 27.79
N SER G 101 24.47 13.97 27.21
CA SER G 101 23.22 14.53 26.68
C SER G 101 22.74 13.72 25.48
N ASP G 102 23.68 13.30 24.61
CA ASP G 102 23.37 12.48 23.43
C ASP G 102 23.42 10.97 23.72
N ARG G 103 24.00 10.55 24.88
CA ARG G 103 24.07 9.14 25.30
C ARG G 103 22.70 8.47 25.24
N VAL G 104 21.64 9.20 25.67
CA VAL G 104 20.26 8.75 25.67
C VAL G 104 19.69 8.64 24.22
N ARG G 105 20.05 9.60 23.31
CA ARG G 105 19.56 9.55 21.92
C ARG G 105 20.35 8.56 21.04
N LEU G 106 21.60 8.24 21.43
CA LEU G 106 22.46 7.29 20.72
C LEU G 106 22.20 5.85 21.15
N GLN G 107 21.67 5.65 22.38
CA GLN G 107 21.33 4.36 22.99
C GLN G 107 20.53 3.41 22.06
N PRO G 108 19.44 3.83 21.37
CA PRO G 108 18.76 2.89 20.47
C PRO G 108 19.63 2.39 19.29
N ASP G 109 20.40 3.30 18.66
CA ASP G 109 21.30 3.04 17.52
C ASP G 109 22.40 2.06 17.91
N MSE G 110 22.93 2.20 19.12
CA MSE G 110 23.99 1.34 19.65
C MSE G 110 23.51 -0.06 19.96
O MSE G 110 24.26 -1.01 19.75
CB MSE G 110 24.61 1.98 20.88
CG MSE G 110 25.78 2.85 20.55
SE MSE G 110 26.36 3.88 22.05
CE MSE G 110 26.45 2.46 23.51
N GLU G 111 22.27 -0.19 20.50
CA GLU G 111 21.68 -1.49 20.85
C GLU G 111 21.42 -2.27 19.57
N HIS G 112 20.95 -1.58 18.52
CA HIS G 112 20.63 -2.14 17.21
C HIS G 112 21.90 -2.66 16.50
N LEU G 113 23.00 -1.90 16.63
CA LEU G 113 24.29 -2.23 16.03
C LEU G 113 24.85 -3.49 16.69
N LEU G 114 24.76 -3.56 18.03
CA LEU G 114 25.22 -4.69 18.81
C LEU G 114 24.41 -5.96 18.45
N ALA G 115 23.07 -5.80 18.32
CA ALA G 115 22.15 -6.87 17.92
C ALA G 115 22.52 -7.41 16.53
N GLY G 116 22.93 -6.49 15.65
CA GLY G 116 23.38 -6.78 14.28
C GLY G 116 24.69 -7.54 14.27
N LEU G 117 25.63 -7.10 15.13
CA LEU G 117 26.95 -7.72 15.27
C LEU G 117 26.85 -9.14 15.82
N ILE G 118 25.99 -9.32 16.82
CA ILE G 118 25.72 -10.61 17.41
C ILE G 118 25.18 -11.53 16.33
N ALA G 119 24.19 -11.02 15.54
CA ALA G 119 23.54 -11.74 14.43
C ALA G 119 24.55 -12.28 13.41
N ILE G 120 25.62 -11.50 13.12
CA ILE G 120 26.66 -11.84 12.14
C ILE G 120 27.63 -12.90 12.70
N ASP G 121 28.24 -12.61 13.86
CA ASP G 121 29.20 -13.50 14.54
C ASP G 121 29.09 -13.25 16.04
N ALA G 122 28.30 -14.10 16.73
CA ALA G 122 28.05 -13.97 18.18
C ALA G 122 29.31 -14.09 18.99
N ALA G 123 30.20 -15.05 18.64
CA ALA G 123 31.46 -15.28 19.32
C ALA G 123 32.30 -13.99 19.32
N ARG G 124 32.49 -13.41 18.12
CA ARG G 124 33.24 -12.16 17.95
C ARG G 124 32.56 -10.98 18.65
N ALA G 125 31.20 -10.94 18.60
CA ALA G 125 30.36 -9.88 19.17
C ALA G 125 30.08 -10.00 20.65
N ALA G 126 30.49 -11.13 21.28
CA ALA G 126 30.29 -11.39 22.71
C ALA G 126 31.06 -10.42 23.60
N VAL G 127 32.32 -10.14 23.22
CA VAL G 127 33.25 -9.26 23.93
C VAL G 127 32.73 -7.80 24.02
N LEU G 128 31.95 -7.39 23.02
CA LEU G 128 31.41 -6.03 22.88
C LEU G 128 30.14 -5.75 23.67
N CYS G 129 29.53 -6.78 24.28
CA CYS G 129 28.28 -6.61 25.03
C CYS G 129 28.43 -5.77 26.30
N ASN G 130 29.48 -6.07 27.08
CA ASN G 130 29.84 -5.34 28.30
C ASN G 130 30.64 -4.08 27.92
N SER G 131 30.18 -2.90 28.37
CA SER G 131 30.84 -1.61 28.11
C SER G 131 31.63 -1.12 29.34
N ALA H 1 -36.81 11.22 9.91
CA ALA H 1 -37.26 10.64 8.65
C ALA H 1 -38.64 9.97 8.80
N ALA H 2 -38.89 9.31 9.97
CA ALA H 2 -40.13 8.61 10.34
C ALA H 2 -40.09 8.21 11.83
N LEU H 3 -39.02 7.45 12.22
CA LEU H 3 -38.78 6.93 13.58
C LEU H 3 -37.91 7.88 14.43
N SER H 4 -38.09 9.18 14.22
CA SER H 4 -37.38 10.26 14.89
C SER H 4 -38.30 10.96 15.89
N LEU H 5 -39.61 10.85 15.65
CA LEU H 5 -40.67 11.48 16.44
C LEU H 5 -40.89 10.73 17.77
N GLU H 6 -39.91 10.79 18.71
CA GLU H 6 -40.00 10.09 20.00
C GLU H 6 -39.70 10.95 21.24
N PRO H 7 -40.67 11.80 21.67
CA PRO H 7 -40.46 12.62 22.89
C PRO H 7 -40.86 11.86 24.16
N GLU H 8 -41.52 10.68 23.99
CA GLU H 8 -41.95 9.80 25.07
C GLU H 8 -40.74 9.11 25.71
N ALA H 9 -39.68 8.89 24.89
CA ALA H 9 -38.40 8.31 25.29
C ALA H 9 -37.75 9.21 26.35
N LEU H 10 -37.94 10.53 26.20
CA LEU H 10 -37.45 11.54 27.13
C LEU H 10 -38.18 11.46 28.47
N GLN H 11 -39.50 11.15 28.45
CA GLN H 11 -40.32 10.98 29.66
C GLN H 11 -39.81 9.81 30.47
N ILE H 12 -39.60 8.63 29.82
CA ILE H 12 -39.12 7.38 30.41
C ILE H 12 -37.83 7.62 31.21
N ALA H 13 -36.95 8.49 30.68
CA ALA H 13 -35.68 8.88 31.29
C ALA H 13 -35.86 9.56 32.64
N ASP H 14 -36.91 10.38 32.77
CA ASP H 14 -37.23 11.12 33.99
C ASP H 14 -38.01 10.26 35.00
N ASN H 15 -39.04 9.53 34.53
CA ASN H 15 -39.89 8.65 35.34
C ASN H 15 -39.06 7.47 35.86
N GLU H 16 -38.55 6.62 34.95
CA GLU H 16 -37.70 5.48 35.27
C GLU H 16 -36.22 5.94 35.20
N GLY H 17 -35.28 5.01 35.04
CA GLY H 17 -33.87 5.33 34.92
C GLY H 17 -33.44 5.75 33.52
N THR H 18 -32.14 6.04 33.36
CA THR H 18 -31.58 6.41 32.06
C THR H 18 -31.40 5.17 31.20
N GLU H 19 -31.01 4.04 31.85
CA GLU H 19 -30.83 2.73 31.22
C GLU H 19 -32.16 2.28 30.61
N ALA H 20 -33.28 2.51 31.33
CA ALA H 20 -34.64 2.15 30.92
C ALA H 20 -35.05 2.89 29.65
N ALA H 21 -34.69 4.18 29.57
CA ALA H 21 -34.99 5.01 28.40
C ALA H 21 -34.30 4.45 27.20
N LEU H 22 -32.95 4.23 27.29
CA LEU H 22 -32.12 3.68 26.20
C LEU H 22 -32.60 2.30 25.82
N SER H 23 -32.86 1.44 26.84
CA SER H 23 -33.35 0.07 26.70
C SER H 23 -34.65 0.06 25.88
N TRP H 24 -35.50 1.12 26.08
CA TRP H 24 -36.76 1.33 25.35
C TRP H 24 -36.47 1.52 23.86
N LEU H 25 -35.59 2.47 23.52
CA LEU H 25 -35.17 2.79 22.14
C LEU H 25 -34.58 1.57 21.42
N GLN H 26 -33.70 0.79 22.10
CA GLN H 26 -33.07 -0.42 21.57
C GLN H 26 -34.10 -1.49 21.10
N ALA H 27 -35.40 -1.31 21.45
CA ALA H 27 -36.52 -2.18 21.08
C ALA H 27 -37.72 -1.40 20.47
N ARG H 28 -37.61 -1.04 19.17
CA ARG H 28 -38.62 -0.30 18.42
C ARG H 28 -38.51 -0.56 16.89
N PRO H 29 -39.57 -1.13 16.21
CA PRO H 29 -39.48 -1.40 14.74
C PRO H 29 -39.91 -0.23 13.80
N GLY H 30 -39.60 -0.27 12.48
CA GLY H 30 -38.86 -1.29 11.74
C GLY H 30 -37.36 -1.11 11.87
N ILE H 31 -36.82 -1.67 12.96
CA ILE H 31 -35.40 -1.63 13.33
C ILE H 31 -34.60 -2.45 12.30
N GLN H 32 -34.25 -1.77 11.19
CA GLN H 32 -33.47 -2.40 10.12
C GLN H 32 -32.49 -1.43 9.47
N SER H 33 -33.00 -0.50 8.61
CA SER H 33 -32.21 0.49 7.88
C SER H 33 -31.11 1.05 8.76
N ASP H 34 -29.91 1.24 8.18
CA ASP H 34 -28.82 1.83 8.92
C ASP H 34 -29.17 3.30 9.25
N ARG H 35 -30.10 3.89 8.45
CA ARG H 35 -30.67 5.24 8.60
C ARG H 35 -31.45 5.29 9.92
N SER H 36 -32.45 4.40 10.06
CA SER H 36 -33.28 4.29 11.26
C SER H 36 -32.45 4.03 12.52
N ASN H 37 -31.42 3.17 12.43
CA ASN H 37 -30.50 2.84 13.54
C ASN H 37 -29.75 4.10 13.99
N TRP H 38 -29.15 4.85 13.05
CA TRP H 38 -28.40 6.09 13.27
C TRP H 38 -29.30 7.17 13.91
N LEU H 39 -30.55 7.28 13.44
CA LEU H 39 -31.50 8.25 13.98
C LEU H 39 -31.88 7.89 15.42
N LEU H 40 -32.18 6.61 15.65
CA LEU H 40 -32.51 6.05 16.95
C LEU H 40 -31.36 6.32 17.93
N ARG H 41 -30.13 6.12 17.45
CA ARG H 41 -28.91 6.33 18.20
C ARG H 41 -28.68 7.82 18.49
N LEU H 42 -29.20 8.73 17.61
CA LEU H 42 -29.12 10.18 17.81
C LEU H 42 -30.03 10.55 18.97
N LEU H 43 -31.24 9.93 19.04
CA LEU H 43 -32.20 10.14 20.11
C LEU H 43 -31.56 9.75 21.42
N MSE H 44 -30.80 8.63 21.43
CA MSE H 44 -30.08 8.16 22.60
C MSE H 44 -29.08 9.21 23.08
O MSE H 44 -28.97 9.43 24.28
CB MSE H 44 -29.34 6.87 22.27
CG MSE H 44 -30.25 5.70 21.92
SE MSE H 44 -29.35 3.95 21.79
CE MSE H 44 -27.46 4.61 21.95
N ALA H 45 -28.37 9.87 22.13
CA ALA H 45 -27.38 10.90 22.45
C ALA H 45 -28.08 12.16 22.97
N ARG H 46 -29.27 12.46 22.42
CA ARG H 46 -30.09 13.62 22.81
C ARG H 46 -30.62 13.40 24.23
N VAL H 47 -31.15 12.21 24.52
CA VAL H 47 -31.70 11.84 25.81
C VAL H 47 -30.59 11.82 26.89
N ALA H 48 -29.36 11.50 26.50
CA ALA H 48 -28.21 11.48 27.40
C ALA H 48 -27.69 12.90 27.71
N GLU H 49 -28.25 13.91 27.04
CA GLU H 49 -27.84 15.29 27.27
C GLU H 49 -28.78 15.94 28.27
N GLN H 50 -29.92 15.27 28.61
CA GLN H 50 -30.90 15.82 29.53
C GLN H 50 -30.41 15.78 30.97
N THR H 51 -30.30 14.60 31.62
CA THR H 51 -29.76 14.62 32.98
C THR H 51 -28.23 14.40 32.83
N GLY H 52 -27.53 14.18 33.96
CA GLY H 52 -26.07 13.98 34.06
C GLY H 52 -25.39 13.50 32.80
N LYS H 53 -25.35 12.16 32.63
CA LYS H 53 -24.86 11.34 31.51
C LYS H 53 -23.56 11.87 30.86
N ASN H 54 -23.65 12.96 30.02
CA ASN H 54 -22.57 13.71 29.37
C ASN H 54 -21.49 12.86 28.69
N ASP H 55 -20.65 12.14 29.47
CA ASP H 55 -19.62 11.22 29.00
C ASP H 55 -20.27 10.19 28.08
N LEU H 56 -21.47 9.68 28.46
CA LEU H 56 -22.27 8.74 27.67
C LEU H 56 -22.65 9.40 26.36
N ALA H 57 -23.18 10.64 26.43
CA ALA H 57 -23.58 11.40 25.25
C ALA H 57 -22.40 11.64 24.32
N LEU H 58 -21.20 11.95 24.88
CA LEU H 58 -19.97 12.20 24.13
C LEU H 58 -19.54 10.98 23.33
N HIS H 59 -19.62 9.78 23.98
CA HIS H 59 -19.29 8.50 23.37
C HIS H 59 -20.26 8.20 22.24
N LEU H 60 -21.56 8.42 22.47
CA LEU H 60 -22.65 8.22 21.53
C LEU H 60 -22.50 9.12 20.32
N LEU H 61 -22.17 10.40 20.55
CA LEU H 61 -21.98 11.40 19.50
C LEU H 61 -20.75 11.15 18.66
N ALA H 62 -19.64 10.67 19.27
CA ALA H 62 -18.39 10.37 18.58
C ALA H 62 -18.62 9.28 17.56
N GLU H 63 -19.41 8.25 17.93
CA GLU H 63 -19.83 7.08 17.13
C GLU H 63 -20.64 7.54 15.93
N LEU H 64 -21.65 8.40 16.16
CA LEU H 64 -22.53 8.93 15.11
C LEU H 64 -21.74 9.78 14.13
N ASP H 65 -20.82 10.62 14.66
CA ASP H 65 -19.97 11.53 13.87
C ASP H 65 -19.03 10.74 12.99
N GLU H 66 -18.45 9.65 13.52
CA GLU H 66 -17.54 8.77 12.82
C GLU H 66 -18.26 8.04 11.68
N ARG H 67 -19.49 7.54 11.92
CA ARG H 67 -20.33 6.85 10.92
C ARG H 67 -20.75 7.82 9.82
N ALA H 68 -21.02 9.09 10.18
CA ALA H 68 -21.42 10.16 9.26
C ALA H 68 -20.26 10.51 8.32
N THR H 69 -19.02 10.47 8.84
CA THR H 69 -17.79 10.75 8.08
C THR H 69 -17.60 9.67 7.03
N ARG H 70 -17.74 8.39 7.44
CA ARG H 70 -17.63 7.23 6.56
C ARG H 70 -18.70 7.29 5.45
N LEU H 71 -19.98 7.41 5.85
CA LEU H 71 -21.13 7.50 4.95
C LEU H 71 -21.21 8.82 4.14
N THR H 72 -20.24 9.75 4.37
CA THR H 72 -20.11 11.11 3.78
C THR H 72 -21.50 11.81 3.79
N LEU H 73 -22.11 11.83 5.00
CA LEU H 73 -23.42 12.36 5.31
C LEU H 73 -23.41 13.88 5.39
N SER H 74 -22.25 14.53 5.37
CA SER H 74 -22.19 15.99 5.39
C SER H 74 -22.83 16.54 4.11
N GLN H 75 -22.87 15.73 3.02
CA GLN H 75 -23.41 16.05 1.70
C GLN H 75 -24.92 15.79 1.62
N TRP H 76 -25.34 14.60 2.03
CA TRP H 76 -26.75 14.19 2.07
C TRP H 76 -27.13 14.27 3.56
N GLU H 77 -28.06 15.16 3.97
CA GLU H 77 -28.45 15.37 5.40
C GLU H 77 -27.38 16.15 6.22
N PRO H 78 -27.02 17.40 5.82
CA PRO H 78 -26.02 18.16 6.57
C PRO H 78 -26.46 18.68 7.93
N GLU H 79 -27.77 18.98 8.06
CA GLU H 79 -28.38 19.50 9.29
C GLU H 79 -28.16 18.52 10.45
N LEU H 80 -28.32 17.21 10.19
CA LEU H 80 -28.14 16.16 11.17
C LEU H 80 -26.68 16.09 11.61
N VAL H 81 -25.74 16.16 10.64
CA VAL H 81 -24.30 16.14 10.92
C VAL H 81 -23.91 17.38 11.72
N PHE H 82 -24.41 18.56 11.30
CA PHE H 82 -24.18 19.82 12.00
C PHE H 82 -24.60 19.69 13.48
N GLU H 83 -25.79 19.12 13.73
CA GLU H 83 -26.32 18.87 15.07
C GLU H 83 -25.35 18.03 15.89
N VAL H 84 -24.95 16.87 15.35
CA VAL H 84 -24.01 15.94 16.00
C VAL H 84 -22.69 16.64 16.33
N LYS H 85 -22.07 17.30 15.35
CA LYS H 85 -20.80 18.01 15.52
C LYS H 85 -20.89 19.13 16.57
N ALA H 86 -21.99 19.92 16.51
CA ALA H 86 -22.23 21.02 17.45
C ALA H 86 -22.41 20.52 18.88
N ARG H 87 -23.25 19.46 19.07
CA ARG H 87 -23.51 18.83 20.36
C ARG H 87 -22.21 18.31 20.95
N ARG H 88 -21.39 17.65 20.09
CA ARG H 88 -20.10 17.10 20.46
C ARG H 88 -19.16 18.20 20.94
N LEU H 89 -19.12 19.33 20.20
CA LEU H 89 -18.30 20.50 20.52
C LEU H 89 -18.73 21.14 21.85
N LYS H 90 -20.06 21.36 22.04
CA LYS H 90 -20.66 21.94 23.25
C LYS H 90 -20.22 21.20 24.51
N LEU H 91 -20.38 19.86 24.50
CA LEU H 91 -20.05 18.96 25.61
C LEU H 91 -18.55 18.85 25.86
N LEU H 92 -17.73 18.93 24.80
CA LEU H 92 -16.28 18.89 24.93
C LEU H 92 -15.78 20.18 25.58
N ARG H 93 -16.42 21.31 25.24
CA ARG H 93 -16.12 22.62 25.81
C ARG H 93 -16.43 22.67 27.30
N MSE H 94 -17.51 21.97 27.72
CA MSE H 94 -17.94 21.84 29.10
C MSE H 94 -16.95 20.97 29.85
O MSE H 94 -16.61 21.33 30.98
CB MSE H 94 -19.32 21.21 29.19
CG MSE H 94 -20.41 22.12 28.74
SE MSE H 94 -22.10 21.18 28.72
CE MSE H 94 -23.28 22.69 28.07
N LYS H 95 -16.48 19.86 29.24
CA LYS H 95 -15.50 18.95 29.84
C LYS H 95 -14.17 19.66 30.00
N SER H 96 -13.81 20.53 29.05
CA SER H 96 -12.61 21.33 29.10
C SER H 96 -12.72 22.40 30.19
N ALA H 97 -13.94 22.99 30.39
CA ALA H 97 -14.22 24.02 31.41
C ALA H 97 -14.08 23.49 32.85
N LYS H 98 -14.49 22.22 33.09
CA LYS H 98 -14.42 21.51 34.38
C LYS H 98 -12.99 21.32 34.87
N THR H 99 -12.07 20.95 33.96
CA THR H 99 -10.66 20.74 34.25
C THR H 99 -9.79 21.21 33.06
N GLU H 100 -8.84 22.17 33.28
CA GLU H 100 -7.99 22.68 32.18
C GLU H 100 -6.81 21.75 31.85
N SER H 101 -6.67 20.63 32.60
CA SER H 101 -5.63 19.62 32.36
C SER H 101 -5.90 18.91 31.03
N ASP H 102 -7.20 18.63 30.74
CA ASP H 102 -7.63 17.99 29.48
C ASP H 102 -7.94 19.00 28.38
N ARG H 103 -8.12 20.31 28.72
CA ARG H 103 -8.38 21.39 27.77
C ARG H 103 -7.36 21.36 26.62
N VAL H 104 -6.07 21.10 26.96
CA VAL H 104 -4.97 21.02 26.02
C VAL H 104 -5.06 19.74 25.12
N ARG H 105 -5.52 18.59 25.68
CA ARG H 105 -5.64 17.36 24.91
C ARG H 105 -6.94 17.31 24.06
N LEU H 106 -7.97 18.08 24.48
CA LEU H 106 -9.24 18.18 23.77
C LEU H 106 -9.21 19.23 22.66
N GLN H 107 -8.27 20.21 22.78
CA GLN H 107 -8.06 21.31 21.81
C GLN H 107 -7.98 20.85 20.34
N PRO H 108 -7.21 19.80 19.94
CA PRO H 108 -7.23 19.38 18.52
C PRO H 108 -8.61 18.91 18.01
N ASP H 109 -9.33 18.09 18.83
CA ASP H 109 -10.66 17.54 18.54
C ASP H 109 -11.70 18.63 18.36
N MSE H 110 -11.62 19.66 19.20
CA MSE H 110 -12.53 20.80 19.16
C MSE H 110 -12.32 21.69 17.96
O MSE H 110 -13.29 22.19 17.41
CB MSE H 110 -12.39 21.62 20.45
CG MSE H 110 -13.32 21.16 21.57
SE MSE H 110 -12.90 21.99 23.29
CE MSE H 110 -12.72 23.95 22.71
N GLU H 111 -11.04 21.89 17.54
CA GLU H 111 -10.69 22.71 16.37
C GLU H 111 -11.20 22.04 15.11
N HIS H 112 -11.06 20.71 15.03
CA HIS H 112 -11.50 19.89 13.92
C HIS H 112 -13.03 19.90 13.75
N LEU H 113 -13.76 19.84 14.88
CA LEU H 113 -15.22 19.86 14.95
C LEU H 113 -15.74 21.21 14.47
N LEU H 114 -15.10 22.30 14.92
CA LEU H 114 -15.47 23.66 14.55
C LEU H 114 -15.25 23.87 13.07
N ALA H 115 -14.10 23.35 12.54
CA ALA H 115 -13.73 23.39 11.11
C ALA H 115 -14.78 22.68 10.29
N GLY H 116 -15.26 21.55 10.81
CA GLY H 116 -16.29 20.71 10.20
C GLY H 116 -17.63 21.42 10.15
N LEU H 117 -17.99 22.09 11.27
CA LEU H 117 -19.24 22.87 11.40
C LEU H 117 -19.25 24.05 10.44
N ILE H 118 -18.10 24.76 10.35
CA ILE H 118 -17.87 25.89 9.47
C ILE H 118 -18.03 25.43 8.03
N ALA H 119 -17.50 24.23 7.71
CA ALA H 119 -17.58 23.62 6.38
C ALA H 119 -19.02 23.32 5.95
N ILE H 120 -19.88 22.88 6.90
CA ILE H 120 -21.30 22.54 6.68
C ILE H 120 -22.16 23.80 6.48
N ASP H 121 -22.13 24.71 7.46
CA ASP H 121 -22.89 25.96 7.45
C ASP H 121 -22.08 27.01 8.21
N ALA H 122 -21.30 27.80 7.47
CA ALA H 122 -20.44 28.85 8.02
C ALA H 122 -21.24 29.86 8.83
N ALA H 123 -22.37 30.37 8.28
CA ALA H 123 -23.25 31.35 8.92
C ALA H 123 -23.65 30.85 10.32
N ARG H 124 -24.21 29.62 10.38
CA ARG H 124 -24.63 28.97 11.62
C ARG H 124 -23.46 28.74 12.57
N ALA H 125 -22.30 28.32 12.06
CA ALA H 125 -21.13 28.03 12.88
C ALA H 125 -20.37 29.27 13.38
N ALA H 126 -20.54 30.43 12.70
CA ALA H 126 -19.86 31.69 13.02
C ALA H 126 -19.95 32.08 14.50
N VAL H 127 -21.16 31.93 15.08
CA VAL H 127 -21.49 32.22 16.48
C VAL H 127 -20.71 31.34 17.47
N LEU H 128 -20.31 30.14 17.04
CA LEU H 128 -19.60 29.15 17.85
C LEU H 128 -18.08 29.34 17.90
N CYS H 129 -17.53 30.33 17.16
CA CYS H 129 -16.08 30.61 17.14
C CYS H 129 -15.54 31.21 18.44
N ASN H 130 -16.40 31.98 19.12
CA ASN H 130 -16.14 32.62 20.42
C ASN H 130 -16.89 31.81 21.53
N SER H 131 -16.14 31.29 22.52
CA SER H 131 -16.70 30.48 23.60
C SER H 131 -17.09 31.31 24.84
N ALA I 1 24.32 26.10 -16.82
CA ALA I 1 24.16 25.41 -18.10
C ALA I 1 24.19 26.38 -19.28
N ALA I 2 23.71 27.64 -19.04
CA ALA I 2 23.60 28.76 -19.99
C ALA I 2 22.86 29.89 -19.30
N LEU I 3 21.74 29.57 -18.61
CA LEU I 3 20.84 30.51 -17.94
C LEU I 3 21.26 30.73 -16.52
N SER I 4 22.55 30.52 -16.23
CA SER I 4 23.09 30.67 -14.88
C SER I 4 24.08 31.81 -14.83
N LEU I 5 24.27 32.51 -15.94
CA LEU I 5 25.20 33.63 -16.00
C LEU I 5 24.50 34.95 -15.69
N GLU I 6 24.00 35.14 -14.46
CA GLU I 6 23.41 36.43 -14.12
C GLU I 6 24.02 37.16 -12.84
N PRO I 7 25.16 37.90 -13.09
CA PRO I 7 25.73 38.78 -12.07
C PRO I 7 25.15 40.20 -12.30
N GLU I 8 24.10 40.33 -13.15
CA GLU I 8 23.37 41.59 -13.37
C GLU I 8 22.09 41.56 -12.53
N ALA I 9 21.74 40.35 -12.02
CA ALA I 9 20.63 40.15 -11.10
C ALA I 9 21.16 40.83 -9.87
N LEU I 10 22.45 40.59 -9.61
CA LEU I 10 23.18 41.20 -8.51
C LEU I 10 23.25 42.70 -8.64
N GLN I 11 23.39 43.25 -9.89
CA GLN I 11 23.33 44.71 -10.13
C GLN I 11 21.99 45.21 -9.68
N ILE I 12 20.91 44.73 -10.34
CA ILE I 12 19.53 45.10 -10.04
C ILE I 12 19.27 45.08 -8.56
N ALA I 13 19.72 44.01 -7.88
CA ALA I 13 19.55 43.81 -6.45
C ALA I 13 20.06 44.98 -5.62
N ASP I 14 21.22 45.54 -6.01
CA ASP I 14 21.87 46.62 -5.30
C ASP I 14 21.35 47.98 -5.68
N ASN I 15 21.15 48.22 -6.98
CA ASN I 15 20.62 49.49 -7.48
C ASN I 15 19.14 49.66 -7.08
N GLU I 16 18.27 48.76 -7.57
CA GLU I 16 16.85 48.72 -7.24
C GLU I 16 16.65 47.86 -5.98
N GLY I 17 15.41 47.46 -5.67
CA GLY I 17 15.17 46.60 -4.52
C GLY I 17 15.53 45.13 -4.70
N THR I 18 15.25 44.29 -3.69
CA THR I 18 15.49 42.84 -3.79
C THR I 18 14.36 42.18 -4.58
N GLU I 19 13.13 42.72 -4.44
CA GLU I 19 11.94 42.29 -5.16
C GLU I 19 12.15 42.49 -6.66
N ALA I 20 12.79 43.60 -7.05
CA ALA I 20 13.10 43.94 -8.44
C ALA I 20 14.08 42.98 -9.06
N ALA I 21 15.07 42.53 -8.27
CA ALA I 21 16.05 41.55 -8.72
C ALA I 21 15.39 40.23 -9.03
N LEU I 22 14.53 39.71 -8.10
CA LEU I 22 13.80 38.47 -8.28
C LEU I 22 12.81 38.60 -9.41
N SER I 23 12.08 39.75 -9.45
CA SER I 23 11.07 40.07 -10.47
C SER I 23 11.67 39.99 -11.86
N TRP I 24 12.96 40.37 -11.98
CA TRP I 24 13.77 40.33 -13.20
C TRP I 24 13.93 38.91 -13.67
N LEU I 25 14.40 38.06 -12.75
CA LEU I 25 14.69 36.65 -12.95
C LEU I 25 13.42 35.91 -13.35
N GLN I 26 12.28 36.26 -12.73
CA GLN I 26 10.97 35.66 -13.03
C GLN I 26 10.53 36.03 -14.43
N ALA I 27 10.73 37.31 -14.80
CA ALA I 27 10.44 37.85 -16.12
C ALA I 27 11.27 37.21 -17.25
N ARG I 28 12.56 36.89 -16.99
CA ARG I 28 13.50 36.39 -17.99
C ARG I 28 12.91 35.23 -18.85
N PRO I 29 12.66 35.51 -20.17
CA PRO I 29 12.14 34.47 -21.08
C PRO I 29 13.27 33.69 -21.79
N GLY I 30 12.94 32.77 -22.70
CA GLY I 30 11.61 32.26 -23.01
C GLY I 30 11.47 30.92 -22.34
N ILE I 31 11.81 30.89 -20.99
CA ILE I 31 11.83 29.75 -20.04
C ILE I 31 10.83 28.64 -20.42
N GLN I 32 11.37 27.42 -20.58
CA GLN I 32 10.56 26.28 -20.96
C GLN I 32 10.93 25.06 -20.10
N SER I 33 12.24 24.79 -20.03
CA SER I 33 12.83 23.63 -19.36
C SER I 33 12.70 23.68 -17.86
N ASP I 34 12.48 22.51 -17.22
CA ASP I 34 12.46 22.45 -15.75
C ASP I 34 13.88 22.70 -15.22
N ARG I 35 14.90 22.44 -16.09
CA ARG I 35 16.32 22.67 -15.86
C ARG I 35 16.52 24.20 -15.70
N SER I 36 16.14 24.98 -16.72
CA SER I 36 16.26 26.43 -16.72
C SER I 36 15.50 27.07 -15.55
N ASN I 37 14.31 26.55 -15.19
CA ASN I 37 13.51 27.03 -14.06
C ASN I 37 14.28 26.85 -12.74
N TRP I 38 14.81 25.62 -12.48
CA TRP I 38 15.60 25.26 -11.30
C TRP I 38 16.86 26.13 -11.19
N LEU I 39 17.53 26.38 -12.32
CA LEU I 39 18.74 27.20 -12.36
C LEU I 39 18.43 28.65 -12.03
N LEU I 40 17.35 29.18 -12.64
CA LEU I 40 16.85 30.53 -12.44
C LEU I 40 16.52 30.73 -10.96
N ARG I 41 15.91 29.71 -10.37
CA ARG I 41 15.53 29.68 -8.98
C ARG I 41 16.76 29.61 -8.05
N LEU I 42 17.88 29.02 -8.53
CA LEU I 42 19.15 28.95 -7.79
C LEU I 42 19.75 30.35 -7.76
N LEU I 43 19.60 31.10 -8.88
CA LEU I 43 20.06 32.49 -8.96
C LEU I 43 19.32 33.33 -7.93
N MSE I 44 18.02 33.12 -7.84
CA MSE I 44 17.19 33.79 -6.86
C MSE I 44 17.71 33.55 -5.46
O MSE I 44 17.77 34.49 -4.67
CB MSE I 44 15.76 33.27 -6.96
CG MSE I 44 15.10 33.58 -8.27
SE MSE I 44 13.19 33.18 -8.35
CE MSE I 44 13.00 32.28 -6.63
N ALA I 45 18.11 32.30 -5.16
CA ALA I 45 18.63 31.92 -3.84
C ALA I 45 19.99 32.55 -3.61
N ARG I 46 20.81 32.65 -4.67
CA ARG I 46 22.15 33.22 -4.62
C ARG I 46 22.06 34.73 -4.38
N VAL I 47 21.16 35.40 -5.12
CA VAL I 47 20.94 36.83 -4.99
C VAL I 47 20.36 37.20 -3.62
N ALA I 48 19.56 36.29 -3.01
CA ALA I 48 18.99 36.47 -1.69
C ALA I 48 20.04 36.26 -0.58
N GLU I 49 21.24 35.83 -0.93
CA GLU I 49 22.28 35.63 0.06
C GLU I 49 23.17 36.85 0.14
N GLN I 50 23.01 37.81 -0.80
CA GLN I 50 23.83 39.01 -0.82
C GLN I 50 23.45 39.99 0.26
N THR I 51 22.26 40.65 0.21
CA THR I 51 21.93 41.51 1.33
C THR I 51 21.10 40.63 2.31
N GLY I 52 20.50 41.25 3.35
CA GLY I 52 19.72 40.61 4.42
C GLY I 52 19.17 39.26 4.06
N LYS I 53 17.95 39.28 3.47
CA LYS I 53 17.11 38.19 2.94
C LYS I 53 17.16 36.89 3.79
N ASN I 54 18.26 36.08 3.71
CA ASN I 54 18.57 34.87 4.49
C ASN I 54 17.43 33.88 4.64
N ASP I 55 16.38 34.21 5.41
CA ASP I 55 15.18 33.42 5.58
C ASP I 55 14.57 33.10 4.20
N LEU I 56 14.57 34.10 3.28
CA LEU I 56 14.10 33.96 1.89
C LEU I 56 14.99 32.99 1.17
N ALA I 57 16.30 33.14 1.30
CA ALA I 57 17.27 32.25 0.68
C ALA I 57 17.12 30.83 1.19
N LEU I 58 16.86 30.65 2.51
CA LEU I 58 16.66 29.34 3.14
C LEU I 58 15.46 28.64 2.57
N HIS I 59 14.35 29.37 2.38
CA HIS I 59 13.10 28.87 1.81
C HIS I 59 13.32 28.43 0.37
N LEU I 60 14.04 29.26 -0.40
CA LEU I 60 14.37 29.04 -1.81
C LEU I 60 15.24 27.81 -1.96
N LEU I 61 16.25 27.68 -1.08
CA LEU I 61 17.21 26.57 -1.06
C LEU I 61 16.56 25.25 -0.67
N ALA I 62 15.63 25.29 0.30
CA ALA I 62 14.90 24.11 0.76
C ALA I 62 14.10 23.48 -0.38
N GLU I 63 13.45 24.33 -1.19
CA GLU I 63 12.65 23.99 -2.37
C GLU I 63 13.53 23.34 -3.44
N LEU I 64 14.71 23.94 -3.72
CA LEU I 64 15.64 23.44 -4.72
C LEU I 64 16.17 22.11 -4.32
N ASP I 65 16.49 21.97 -3.02
CA ASP I 65 17.05 20.74 -2.45
C ASP I 65 16.06 19.61 -2.51
N GLU I 66 14.77 19.90 -2.24
CA GLU I 66 13.68 18.95 -2.28
C GLU I 66 13.45 18.45 -3.72
N ARG I 67 13.46 19.37 -4.70
CA ARG I 67 13.31 19.04 -6.12
C ARG I 67 14.48 18.19 -6.63
N ALA I 68 15.70 18.49 -6.14
CA ALA I 68 16.94 17.79 -6.48
C ALA I 68 16.89 16.33 -5.99
N THR I 69 16.28 16.12 -4.78
CA THR I 69 16.12 14.83 -4.14
C THR I 69 15.18 13.97 -4.98
N ARG I 70 14.04 14.56 -5.39
CA ARG I 70 13.03 13.91 -6.25
C ARG I 70 13.64 13.54 -7.60
N LEU I 71 14.20 14.52 -8.31
CA LEU I 71 14.82 14.33 -9.61
C LEU I 71 16.13 13.52 -9.60
N THR I 72 16.61 13.11 -8.38
CA THR I 72 17.88 12.39 -8.07
C THR I 72 19.05 13.04 -8.89
N LEU I 73 19.20 14.36 -8.73
CA LEU I 73 20.19 15.20 -9.38
C LEU I 73 21.56 15.05 -8.72
N SER I 74 21.68 14.36 -7.58
CA SER I 74 22.99 14.15 -6.97
C SER I 74 23.87 13.32 -7.92
N GLN I 75 23.24 12.56 -8.86
CA GLN I 75 23.89 11.69 -9.85
C GLN I 75 24.27 12.46 -11.13
N TRP I 76 23.33 13.22 -11.69
CA TRP I 76 23.50 14.08 -12.86
C TRP I 76 23.58 15.49 -12.28
N GLU I 77 24.71 16.21 -12.38
CA GLU I 77 24.85 17.58 -11.78
C GLU I 77 25.08 17.55 -10.22
N PRO I 78 26.14 16.85 -9.71
CA PRO I 78 26.35 16.80 -8.25
C PRO I 78 26.83 18.11 -7.64
N GLU I 79 27.60 18.89 -8.43
CA GLU I 79 28.22 20.16 -8.02
C GLU I 79 27.14 21.14 -7.65
N LEU I 80 26.01 21.15 -8.42
CA LEU I 80 24.84 22.02 -8.19
C LEU I 80 24.17 21.67 -6.89
N VAL I 81 23.97 20.37 -6.65
CA VAL I 81 23.34 19.88 -5.42
C VAL I 81 24.24 20.18 -4.22
N PHE I 82 25.58 19.92 -4.34
CA PHE I 82 26.55 20.20 -3.29
C PHE I 82 26.44 21.66 -2.89
N GLU I 83 26.39 22.58 -3.89
CA GLU I 83 26.23 24.03 -3.68
C GLU I 83 25.00 24.33 -2.84
N VAL I 84 23.82 23.82 -3.27
CA VAL I 84 22.52 24.01 -2.60
C VAL I 84 22.60 23.54 -1.16
N LYS I 85 23.08 22.30 -0.95
CA LYS I 85 23.19 21.69 0.39
C LYS I 85 24.12 22.50 1.30
N ALA I 86 25.30 22.90 0.76
CA ALA I 86 26.29 23.67 1.50
C ALA I 86 25.77 25.04 1.91
N ARG I 87 25.11 25.76 0.95
CA ARG I 87 24.51 27.08 1.17
C ARG I 87 23.47 26.97 2.25
N ARG I 88 22.63 25.91 2.15
CA ARG I 88 21.56 25.64 3.10
C ARG I 88 22.12 25.40 4.52
N LEU I 89 23.22 24.61 4.62
CA LEU I 89 23.91 24.31 5.87
C LEU I 89 24.51 25.58 6.51
N LYS I 90 25.21 26.41 5.69
CA LYS I 90 25.84 27.68 6.08
C LYS I 90 24.83 28.61 6.78
N LEU I 91 23.70 28.86 6.11
CA LEU I 91 22.63 29.73 6.56
C LEU I 91 21.89 29.18 7.77
N LEU I 92 21.75 27.84 7.87
CA LEU I 92 21.09 27.20 9.01
C LEU I 92 21.96 27.35 10.22
N ARG I 93 23.30 27.24 10.04
CA ARG I 93 24.30 27.41 11.09
C ARG I 93 24.24 28.85 11.64
N MSE I 94 24.00 29.85 10.77
CA MSE I 94 23.83 31.24 11.19
C MSE I 94 22.51 31.40 11.92
O MSE I 94 22.50 32.05 12.95
CB MSE I 94 23.83 32.18 10.00
CG MSE I 94 25.17 32.37 9.38
SE MSE I 94 24.99 33.14 7.57
CE MSE I 94 26.93 33.02 7.03
N LYS I 95 21.40 30.83 11.41
CA LYS I 95 20.09 30.93 12.08
C LYS I 95 20.15 30.28 13.46
N SER I 96 20.93 29.18 13.55
CA SER I 96 21.17 28.43 14.77
C SER I 96 22.08 29.22 15.74
N ALA I 97 22.94 30.14 15.21
CA ALA I 97 23.82 30.99 16.01
C ALA I 97 23.06 32.18 16.63
N LYS I 98 22.08 32.74 15.91
CA LYS I 98 21.27 33.86 16.36
C LYS I 98 20.44 33.51 17.59
N THR I 99 19.76 32.35 17.57
CA THR I 99 18.91 31.90 18.69
C THR I 99 19.11 30.40 18.93
N GLU I 100 19.40 30.01 20.20
CA GLU I 100 19.64 28.62 20.54
C GLU I 100 18.35 27.81 20.75
N SER I 101 17.19 28.49 20.75
CA SER I 101 15.87 27.86 20.91
C SER I 101 15.56 26.95 19.72
N ASP I 102 15.92 27.41 18.51
CA ASP I 102 15.73 26.66 17.28
C ASP I 102 16.92 25.77 16.93
N ARG I 103 18.11 25.98 17.57
CA ARG I 103 19.30 25.15 17.38
C ARG I 103 18.98 23.65 17.52
N VAL I 104 18.13 23.30 18.50
CA VAL I 104 17.67 21.93 18.76
C VAL I 104 16.73 21.42 17.63
N ARG I 105 15.84 22.28 17.08
CA ARG I 105 14.92 21.86 16.02
C ARG I 105 15.58 21.86 14.63
N LEU I 106 16.68 22.64 14.46
CA LEU I 106 17.45 22.73 13.21
C LEU I 106 18.51 21.63 13.13
N GLN I 107 18.94 21.09 14.29
CA GLN I 107 19.94 20.03 14.41
C GLN I 107 19.69 18.81 13.49
N PRO I 108 18.45 18.22 13.40
CA PRO I 108 18.28 17.08 12.47
C PRO I 108 18.51 17.45 10.99
N ASP I 109 18.02 18.63 10.55
CA ASP I 109 18.14 19.17 9.19
C ASP I 109 19.59 19.39 8.81
N MSE I 110 20.40 19.91 9.74
CA MSE I 110 21.82 20.18 9.55
C MSE I 110 22.65 18.92 9.44
O MSE I 110 23.60 18.89 8.66
CB MSE I 110 22.33 21.05 10.69
CG MSE I 110 22.23 22.53 10.42
SE MSE I 110 22.67 23.69 11.97
CE MSE I 110 24.32 22.80 12.61
N GLU I 111 22.30 17.88 10.24
CA GLU I 111 23.02 16.59 10.22
C GLU I 111 22.79 15.88 8.90
N HIS I 112 21.54 15.95 8.41
CA HIS I 112 21.10 15.34 7.16
C HIS I 112 21.81 15.98 5.96
N LEU I 113 21.95 17.31 5.99
CA LEU I 113 22.58 18.12 4.96
C LEU I 113 24.06 17.78 4.86
N LEU I 114 24.72 17.66 6.02
CA LEU I 114 26.13 17.30 6.12
C LEU I 114 26.37 15.88 5.57
N ALA I 115 25.47 14.94 5.93
CA ALA I 115 25.47 13.55 5.47
C ALA I 115 25.37 13.52 3.95
N GLY I 116 24.49 14.38 3.41
CA GLY I 116 24.25 14.54 1.97
C GLY I 116 25.45 15.09 1.25
N LEU I 117 26.11 16.10 1.84
CA LEU I 117 27.31 16.74 1.30
C LEU I 117 28.48 15.76 1.27
N ILE I 118 28.63 14.97 2.37
CA ILE I 118 29.65 13.93 2.51
C ILE I 118 29.43 12.86 1.44
N ALA I 119 28.15 12.50 1.18
CA ALA I 119 27.74 11.54 0.17
C ALA I 119 28.11 11.98 -1.25
N ILE I 120 28.02 13.29 -1.55
CA ILE I 120 28.34 13.86 -2.87
C ILE I 120 29.85 13.95 -3.10
N ASP I 121 30.56 14.65 -2.20
CA ASP I 121 32.01 14.83 -2.27
C ASP I 121 32.55 14.90 -0.83
N ALA I 122 33.01 13.73 -0.34
CA ALA I 122 33.54 13.56 1.00
C ALA I 122 34.69 14.52 1.27
N ALA I 123 35.69 14.57 0.35
CA ALA I 123 36.88 15.41 0.48
C ALA I 123 36.46 16.86 0.74
N ARG I 124 35.59 17.40 -0.14
CA ARG I 124 35.07 18.76 -0.06
C ARG I 124 34.27 19.00 1.24
N ALA I 125 33.45 18.02 1.64
CA ALA I 125 32.61 18.14 2.83
C ALA I 125 33.33 17.95 4.16
N ALA I 126 34.50 17.27 4.14
CA ALA I 126 35.29 16.92 5.34
C ALA I 126 35.54 18.11 6.28
N VAL I 127 35.89 19.25 5.68
CA VAL I 127 36.17 20.53 6.37
C VAL I 127 34.95 21.07 7.15
N LEU I 128 33.72 20.73 6.67
CA LEU I 128 32.46 21.19 7.21
C LEU I 128 31.95 20.38 8.41
N CYS I 129 32.65 19.30 8.80
CA CYS I 129 32.26 18.41 9.92
C CYS I 129 32.36 19.06 11.30
N ASN I 130 33.35 19.94 11.45
CA ASN I 130 33.61 20.71 12.65
C ASN I 130 33.06 22.17 12.45
N SER I 131 32.14 22.60 13.34
CA SER I 131 31.54 23.94 13.29
C SER I 131 32.24 24.92 14.23
N ALA J 1 30.68 14.81 -22.79
CA ALA J 1 30.70 15.89 -21.80
C ALA J 1 31.53 15.50 -20.58
N ALA J 2 32.67 14.86 -20.80
CA ALA J 2 33.33 14.81 -22.10
C ALA J 2 33.08 13.52 -22.88
N LEU J 3 32.33 12.59 -22.32
CA LEU J 3 32.40 11.22 -22.82
C LEU J 3 31.92 11.26 -24.24
N SER J 4 30.87 12.02 -24.46
CA SER J 4 30.12 11.91 -25.69
C SER J 4 31.08 12.26 -26.78
N LEU J 5 31.94 13.22 -26.51
CA LEU J 5 33.21 13.31 -27.21
C LEU J 5 33.85 11.96 -27.31
N GLU J 6 33.47 11.23 -28.35
CA GLU J 6 34.34 10.12 -28.82
C GLU J 6 33.89 9.54 -30.21
N PRO J 7 34.24 10.23 -31.33
CA PRO J 7 33.88 9.69 -32.67
C PRO J 7 34.90 8.64 -33.12
N GLU J 8 35.99 8.49 -32.35
CA GLU J 8 37.07 7.53 -32.58
C GLU J 8 36.58 6.13 -32.28
N ALA J 9 35.61 6.02 -31.33
CA ALA J 9 34.94 4.77 -30.93
C ALA J 9 34.21 4.18 -32.12
N LEU J 10 33.66 5.05 -32.96
CA LEU J 10 32.97 4.67 -34.19
C LEU J 10 33.94 4.10 -35.22
N GLN J 11 35.18 4.65 -35.29
CA GLN J 11 36.25 4.17 -36.19
C GLN J 11 36.65 2.75 -35.83
N ILE J 12 36.89 2.49 -34.50
CA ILE J 12 37.27 1.19 -33.92
C ILE J 12 36.29 0.10 -34.36
N ALA J 13 34.99 0.45 -34.43
CA ALA J 13 33.92 -0.44 -34.84
C ALA J 13 34.09 -0.93 -36.27
N ASP J 14 34.57 -0.06 -37.16
CA ASP J 14 34.78 -0.36 -38.57
C ASP J 14 36.10 -1.08 -38.83
N ASN J 15 37.21 -0.58 -38.22
CA ASN J 15 38.56 -1.13 -38.34
C ASN J 15 38.61 -2.52 -37.68
N GLU J 16 38.38 -2.57 -36.35
CA GLU J 16 38.34 -3.82 -35.58
C GLU J 16 36.87 -4.30 -35.57
N GLY J 17 36.51 -5.17 -34.62
CA GLY J 17 35.14 -5.68 -34.51
C GLY J 17 34.18 -4.76 -33.77
N THR J 18 32.92 -5.19 -33.61
CA THR J 18 31.90 -4.45 -32.86
C THR J 18 32.14 -4.61 -31.35
N GLU J 19 32.59 -5.82 -30.92
CA GLU J 19 32.93 -6.13 -29.54
C GLU J 19 34.09 -5.23 -29.09
N ALA J 20 35.07 -5.02 -29.98
CA ALA J 20 36.25 -4.19 -29.72
C ALA J 20 35.87 -2.74 -29.44
N ALA J 21 34.86 -2.24 -30.18
CA ALA J 21 34.38 -0.87 -30.02
C ALA J 21 33.73 -0.70 -28.67
N LEU J 22 32.86 -1.65 -28.28
CA LEU J 22 32.18 -1.62 -26.99
C LEU J 22 33.18 -1.84 -25.86
N SER J 23 34.11 -2.80 -26.04
CA SER J 23 35.18 -3.13 -25.10
C SER J 23 36.07 -1.93 -24.83
N TRP J 24 36.33 -1.13 -25.89
CA TRP J 24 37.11 0.10 -25.81
C TRP J 24 36.33 1.14 -24.99
N LEU J 25 35.07 1.31 -25.33
CA LEU J 25 34.24 2.19 -24.59
C LEU J 25 34.12 1.67 -23.19
N GLN J 26 33.92 0.37 -23.07
CA GLN J 26 33.75 -0.19 -21.75
C GLN J 26 35.06 0.03 -21.06
N ALA J 27 36.13 -0.17 -21.80
CA ALA J 27 37.43 -0.17 -21.19
C ALA J 27 37.67 1.20 -20.60
N ARG J 28 37.26 2.23 -21.31
CA ARG J 28 38.04 3.45 -21.34
C ARG J 28 38.06 3.99 -19.94
N PRO J 29 39.27 4.60 -19.56
CA PRO J 29 39.38 4.81 -18.13
C PRO J 29 39.28 6.28 -17.81
N GLY J 30 38.57 6.62 -16.73
CA GLY J 30 37.38 5.88 -16.36
C GLY J 30 36.25 6.79 -15.91
N ILE J 31 35.02 6.38 -16.19
CA ILE J 31 33.85 7.06 -15.64
C ILE J 31 33.76 6.82 -14.14
N GLN J 32 33.14 7.76 -13.46
CA GLN J 32 32.57 7.54 -12.13
C GLN J 32 31.12 7.98 -11.97
N SER J 33 30.73 9.12 -12.56
CA SER J 33 29.39 9.66 -12.42
C SER J 33 28.33 8.68 -12.91
N ASP J 34 27.21 8.58 -12.15
CA ASP J 34 26.08 7.72 -12.52
C ASP J 34 25.53 8.27 -13.85
N ARG J 35 25.86 9.56 -14.13
CA ARG J 35 25.55 10.32 -15.35
C ARG J 35 26.41 9.80 -16.49
N SER J 36 27.65 10.29 -16.65
CA SER J 36 28.63 9.93 -17.66
C SER J 36 28.63 8.44 -18.11
N ASN J 37 28.32 7.49 -17.20
CA ASN J 37 28.10 6.07 -17.50
C ASN J 37 26.96 5.96 -18.55
N TRP J 38 25.84 6.69 -18.33
CA TRP J 38 24.66 6.80 -19.21
C TRP J 38 25.09 7.35 -20.59
N LEU J 39 25.99 8.35 -20.61
CA LEU J 39 26.48 8.93 -21.86
C LEU J 39 27.32 7.93 -22.66
N LEU J 40 28.22 7.21 -21.94
CA LEU J 40 29.10 6.15 -22.47
C LEU J 40 28.22 5.05 -23.08
N ARG J 41 27.15 4.70 -22.35
CA ARG J 41 26.19 3.69 -22.74
C ARG J 41 25.36 4.14 -23.96
N LEU J 42 25.16 5.47 -24.13
CA LEU J 42 24.46 6.03 -25.29
C LEU J 42 25.34 5.85 -26.51
N LEU J 43 26.66 6.08 -26.36
CA LEU J 43 27.66 5.91 -27.43
C LEU J 43 27.63 4.47 -27.88
N MSE J 44 27.53 3.53 -26.93
CA MSE J 44 27.42 2.10 -27.23
C MSE J 44 26.19 1.83 -28.09
O MSE J 44 26.29 1.07 -29.04
CB MSE J 44 27.31 1.31 -25.94
CG MSE J 44 28.54 1.38 -25.06
SE MSE J 44 28.53 0.09 -23.57
CE MSE J 44 26.68 -0.51 -23.66
N ALA J 45 25.05 2.45 -27.77
CA ALA J 45 23.79 2.28 -28.52
C ALA J 45 23.91 2.89 -29.91
N ARG J 46 24.64 4.02 -30.01
CA ARG J 46 24.87 4.74 -31.25
C ARG J 46 25.76 3.92 -32.16
N VAL J 47 26.86 3.38 -31.60
CA VAL J 47 27.82 2.56 -32.33
C VAL J 47 27.17 1.24 -32.81
N ALA J 48 26.20 0.71 -32.06
CA ALA J 48 25.47 -0.49 -32.41
C ALA J 48 24.40 -0.20 -33.50
N GLU J 49 24.24 1.06 -33.90
CA GLU J 49 23.28 1.39 -34.95
C GLU J 49 24.03 1.59 -36.27
N GLN J 50 25.39 1.61 -36.19
CA GLN J 50 26.29 1.89 -37.30
C GLN J 50 26.51 0.72 -38.31
N THR J 51 26.52 -0.59 -37.89
CA THR J 51 26.45 -1.77 -38.75
C THR J 51 25.26 -2.59 -38.17
N GLY J 52 25.02 -3.82 -38.67
CA GLY J 52 23.90 -4.69 -38.28
C GLY J 52 23.27 -4.42 -36.93
N LYS J 53 23.88 -5.05 -35.88
CA LYS J 53 23.61 -4.99 -34.42
C LYS J 53 22.11 -4.90 -34.05
N ASN J 54 21.45 -3.71 -34.24
CA ASN J 54 20.01 -3.41 -34.06
C ASN J 54 19.37 -3.96 -32.80
N ASP J 55 19.21 -5.29 -32.66
CA ASP J 55 18.68 -5.95 -31.47
C ASP J 55 19.51 -5.53 -30.24
N LEU J 56 20.87 -5.47 -30.41
CA LEU J 56 21.80 -5.01 -29.37
C LEU J 56 21.47 -3.57 -29.04
N ALA J 57 21.34 -2.72 -30.08
CA ALA J 57 21.02 -1.32 -29.90
C ALA J 57 19.67 -1.12 -29.21
N LEU J 58 18.66 -1.96 -29.54
CA LEU J 58 17.32 -1.89 -28.95
C LEU J 58 17.38 -2.17 -27.47
N HIS J 59 18.20 -3.17 -27.06
CA HIS J 59 18.38 -3.57 -25.66
C HIS J 59 19.04 -2.44 -24.89
N LEU J 60 20.09 -1.86 -25.49
CA LEU J 60 20.88 -0.75 -24.97
C LEU J 60 20.02 0.49 -24.76
N LEU J 61 19.17 0.80 -25.77
CA LEU J 61 18.28 1.96 -25.77
C LEU J 61 17.15 1.82 -24.77
N ALA J 62 16.61 0.59 -24.60
CA ALA J 62 15.54 0.32 -23.66
C ALA J 62 16.00 0.63 -22.24
N GLU J 63 17.24 0.24 -21.92
CA GLU J 63 17.93 0.43 -20.63
C GLU J 63 18.10 1.91 -20.35
N LEU J 64 18.61 2.67 -21.34
CA LEU J 64 18.83 4.13 -21.23
C LEU J 64 17.52 4.86 -21.03
N ASP J 65 16.47 4.46 -21.79
CA ASP J 65 15.16 5.05 -21.74
C ASP J 65 14.52 4.82 -20.41
N GLU J 66 14.67 3.59 -19.84
CA GLU J 66 14.13 3.19 -18.55
C GLU J 66 14.80 3.99 -17.41
N ARG J 67 16.13 4.18 -17.47
CA ARG J 67 16.91 4.97 -16.51
C ARG J 67 16.53 6.46 -16.57
N ALA J 68 16.24 6.96 -17.79
CA ALA J 68 15.81 8.33 -18.05
C ALA J 68 14.44 8.60 -17.44
N THR J 69 13.54 7.59 -17.50
CA THR J 69 12.18 7.66 -16.96
C THR J 69 12.26 7.78 -15.45
N ARG J 70 13.10 6.93 -14.81
CA ARG J 70 13.32 6.91 -13.36
C ARG J 70 13.88 8.26 -12.91
N LEU J 71 15.01 8.66 -13.51
CA LEU J 71 15.71 9.91 -13.21
C LEU J 71 14.97 11.20 -13.66
N THR J 72 13.77 11.03 -14.29
CA THR J 72 12.88 12.05 -14.88
C THR J 72 13.73 13.07 -15.69
N LEU J 73 14.55 12.51 -16.61
CA LEU J 73 15.49 13.19 -17.49
C LEU J 73 14.78 13.89 -18.66
N SER J 74 13.50 13.64 -18.88
CA SER J 74 12.78 14.34 -19.95
C SER J 74 12.74 15.85 -19.64
N GLN J 75 12.88 16.22 -18.33
CA GLN J 75 12.84 17.60 -17.82
C GLN J 75 14.24 18.25 -17.89
N TRP J 76 15.27 17.55 -17.39
CA TRP J 76 16.67 17.96 -17.38
C TRP J 76 17.31 17.17 -18.52
N GLU J 77 17.79 17.79 -19.61
CA GLU J 77 18.37 17.07 -20.79
C GLU J 77 17.29 16.38 -21.70
N PRO J 78 16.30 17.13 -22.27
CA PRO J 78 15.26 16.48 -23.08
C PRO J 78 15.71 16.00 -24.45
N GLU J 79 16.70 16.69 -25.04
CA GLU J 79 17.24 16.39 -26.37
C GLU J 79 17.84 15.00 -26.41
N LEU J 80 18.52 14.61 -25.32
CA LEU J 80 19.11 13.28 -25.17
C LEU J 80 18.03 12.22 -25.10
N VAL J 81 16.98 12.47 -24.30
CA VAL J 81 15.85 11.55 -24.15
C VAL J 81 15.12 11.42 -25.49
N PHE J 82 14.85 12.56 -26.18
CA PHE J 82 14.21 12.57 -27.49
C PHE J 82 14.99 11.65 -28.45
N GLU J 83 16.32 11.76 -28.48
CA GLU J 83 17.20 10.95 -29.31
C GLU J 83 16.99 9.48 -29.01
N VAL J 84 17.09 9.08 -27.72
CA VAL J 84 16.92 7.71 -27.25
C VAL J 84 15.55 7.16 -27.67
N LYS J 85 14.47 7.90 -27.36
CA LYS J 85 13.11 7.49 -27.69
C LYS J 85 12.90 7.32 -29.17
N ALA J 86 13.39 8.28 -29.97
CA ALA J 86 13.28 8.26 -31.43
C ALA J 86 14.02 7.08 -32.04
N ARG J 87 15.28 6.83 -31.59
CA ARG J 87 16.12 5.73 -32.06
C ARG J 87 15.41 4.42 -31.76
N ARG J 88 14.85 4.33 -30.54
CA ARG J 88 14.12 3.15 -30.06
C ARG J 88 12.88 2.88 -30.91
N LEU J 89 12.10 3.94 -31.24
CA LEU J 89 10.91 3.83 -32.08
C LEU J 89 11.27 3.42 -33.52
N LYS J 90 12.32 4.03 -34.10
CA LYS J 90 12.81 3.70 -35.46
C LYS J 90 13.07 2.18 -35.57
N LEU J 91 13.84 1.65 -34.61
CA LEU J 91 14.26 0.25 -34.53
C LEU J 91 13.13 -0.69 -34.17
N LEU J 92 12.07 -0.19 -33.48
CA LEU J 92 10.92 -1.03 -33.12
C LEU J 92 10.03 -1.19 -34.33
N ARG J 93 9.67 -0.06 -34.96
CA ARG J 93 8.86 -0.04 -36.17
C ARG J 93 9.53 -0.92 -37.23
N MSE J 94 10.86 -1.02 -37.16
CA MSE J 94 11.66 -1.86 -38.03
C MSE J 94 11.40 -3.30 -37.71
O MSE J 94 11.15 -4.05 -38.64
CB MSE J 94 13.13 -1.58 -37.83
CG MSE J 94 13.65 -0.53 -38.74
SE MSE J 94 15.57 -0.58 -38.71
CE MSE J 94 15.91 1.28 -39.44
N LYS J 95 11.50 -3.68 -36.41
CA LYS J 95 11.32 -5.06 -35.93
C LYS J 95 9.93 -5.58 -36.34
N SER J 96 8.94 -4.70 -36.21
CA SER J 96 7.54 -4.86 -36.52
C SER J 96 7.30 -4.86 -38.07
N ALA J 97 8.34 -4.60 -38.85
CA ALA J 97 8.21 -4.65 -40.30
C ALA J 97 8.99 -5.84 -40.91
N LYS J 98 10.14 -6.29 -40.25
CA LYS J 98 10.99 -7.43 -40.61
C LYS J 98 10.06 -8.62 -40.71
N THR J 99 9.20 -8.72 -39.71
CA THR J 99 8.14 -9.70 -39.59
C THR J 99 6.95 -8.97 -39.05
N GLU J 100 5.76 -9.49 -39.31
CA GLU J 100 4.49 -8.87 -38.87
C GLU J 100 3.86 -9.57 -37.64
N SER J 101 4.47 -10.69 -37.21
CA SER J 101 3.99 -11.45 -36.05
C SER J 101 4.24 -10.67 -34.75
N ASP J 102 5.39 -9.90 -34.69
CA ASP J 102 5.76 -9.03 -33.55
C ASP J 102 5.18 -7.63 -33.67
N ARG J 103 4.68 -7.26 -34.87
CA ARG J 103 4.10 -5.94 -35.14
C ARG J 103 3.05 -5.57 -34.10
N VAL J 104 2.35 -6.61 -33.63
CA VAL J 104 1.27 -6.54 -32.66
C VAL J 104 1.75 -6.51 -31.19
N ARG J 105 2.74 -7.35 -30.78
CA ARG J 105 3.23 -7.32 -29.39
C ARG J 105 3.87 -5.94 -29.04
N LEU J 106 4.62 -5.36 -30.01
CA LEU J 106 5.31 -4.09 -29.86
C LEU J 106 4.41 -2.89 -29.86
N GLN J 107 3.34 -2.87 -30.70
CA GLN J 107 2.40 -1.74 -30.86
C GLN J 107 2.18 -0.86 -29.59
N PRO J 108 1.89 -1.40 -28.38
CA PRO J 108 1.74 -0.52 -27.19
C PRO J 108 3.01 0.29 -26.81
N ASP J 109 4.20 -0.36 -26.86
CA ASP J 109 5.52 0.22 -26.56
C ASP J 109 5.84 1.35 -27.55
N MSE J 110 5.48 1.18 -28.83
CA MSE J 110 5.69 2.16 -29.88
C MSE J 110 4.85 3.40 -29.67
O MSE J 110 5.36 4.50 -29.84
CB MSE J 110 5.38 1.55 -31.24
CG MSE J 110 6.60 1.05 -31.95
SE MSE J 110 6.18 -0.25 -33.31
CE MSE J 110 4.97 0.83 -34.47
N GLU J 111 3.56 3.20 -29.29
CA GLU J 111 2.59 4.29 -29.05
C GLU J 111 2.99 5.13 -27.84
N HIS J 112 3.53 4.48 -26.81
CA HIS J 112 4.05 5.09 -25.61
C HIS J 112 5.30 5.95 -25.91
N LEU J 113 6.18 5.46 -26.78
CA LEU J 113 7.41 6.13 -27.22
C LEU J 113 7.05 7.38 -28.02
N LEU J 114 6.04 7.28 -28.91
CA LEU J 114 5.54 8.39 -29.73
C LEU J 114 4.87 9.46 -28.84
N ALA J 115 4.06 9.01 -27.87
CA ALA J 115 3.45 9.89 -26.88
C ALA J 115 4.59 10.70 -26.20
N GLY J 116 5.61 9.97 -25.73
CA GLY J 116 6.77 10.51 -25.07
C GLY J 116 7.51 11.53 -25.89
N LEU J 117 7.73 11.22 -27.20
CA LEU J 117 8.42 12.10 -28.15
C LEU J 117 7.64 13.39 -28.39
N ILE J 118 6.30 13.26 -28.55
CA ILE J 118 5.39 14.39 -28.76
C ILE J 118 5.37 15.30 -27.55
N ALA J 119 5.43 14.68 -26.38
CA ALA J 119 5.47 15.37 -25.11
C ALA J 119 6.74 16.20 -24.97
N ILE J 120 7.90 15.68 -25.41
CA ILE J 120 9.21 16.36 -25.34
C ILE J 120 9.26 17.53 -26.33
N ASP J 121 9.03 17.26 -27.63
CA ASP J 121 9.07 18.26 -28.69
C ASP J 121 8.10 17.82 -29.76
N ALA J 122 6.84 18.28 -29.67
CA ALA J 122 5.76 17.96 -30.62
C ALA J 122 6.09 18.37 -32.06
N ALA J 123 6.73 19.54 -32.28
CA ALA J 123 7.14 19.99 -33.61
C ALA J 123 8.05 18.93 -34.25
N ARG J 124 9.14 18.56 -33.53
CA ARG J 124 10.09 17.54 -33.98
C ARG J 124 9.47 16.16 -34.16
N ALA J 125 8.56 15.78 -33.24
CA ALA J 125 7.90 14.47 -33.27
C ALA J 125 6.82 14.34 -34.31
N ALA J 126 6.23 15.47 -34.75
CA ALA J 126 5.12 15.52 -35.72
C ALA J 126 5.35 14.68 -36.97
N VAL J 127 6.56 14.76 -37.52
CA VAL J 127 7.00 14.03 -38.71
C VAL J 127 6.99 12.51 -38.52
N LEU J 128 7.16 12.03 -37.26
CA LEU J 128 7.24 10.62 -36.89
C LEU J 128 5.87 9.94 -36.71
N CYS J 129 4.76 10.70 -36.79
CA CYS J 129 3.40 10.17 -36.62
C CYS J 129 2.93 9.27 -37.77
N ASN J 130 3.39 9.58 -38.98
CA ASN J 130 3.11 8.83 -40.20
C ASN J 130 4.38 8.02 -40.59
N SER J 131 4.25 6.68 -40.68
CA SER J 131 5.40 5.82 -41.05
C SER J 131 5.40 5.44 -42.55
N ALA K 1 -14.16 35.70 -11.25
CA ALA K 1 -14.50 35.10 -12.54
C ALA K 1 -15.80 35.69 -13.12
N ALA K 2 -16.82 35.95 -12.25
CA ALA K 2 -18.14 36.52 -12.57
C ALA K 2 -18.89 36.87 -11.25
N LEU K 3 -19.03 35.85 -10.36
CA LEU K 3 -19.70 35.94 -9.05
C LEU K 3 -18.72 36.28 -7.91
N SER K 4 -17.74 37.14 -8.23
CA SER K 4 -16.70 37.61 -7.31
C SER K 4 -16.94 39.06 -6.96
N LEU K 5 -17.68 39.77 -7.83
CA LEU K 5 -18.00 41.19 -7.71
C LEU K 5 -19.11 41.42 -6.65
N GLU K 6 -18.79 41.19 -5.35
CA GLU K 6 -19.75 41.37 -4.26
C GLU K 6 -19.25 42.23 -3.07
N PRO K 7 -19.21 43.58 -3.25
CA PRO K 7 -18.82 44.45 -2.13
C PRO K 7 -20.02 44.80 -1.26
N GLU K 8 -21.25 44.44 -1.70
CA GLU K 8 -22.52 44.66 -0.97
C GLU K 8 -22.59 43.74 0.24
N ALA K 9 -21.96 42.55 0.12
CA ALA K 9 -21.84 41.54 1.17
C ALA K 9 -21.07 42.13 2.35
N LEU K 10 -20.08 43.00 2.05
CA LEU K 10 -19.28 43.70 3.05
C LEU K 10 -20.14 44.73 3.81
N GLN K 11 -21.10 45.38 3.12
CA GLN K 11 -22.04 46.35 3.72
C GLN K 11 -22.91 45.65 4.73
N ILE K 12 -23.51 44.49 4.35
CA ILE K 12 -24.40 43.65 5.17
C ILE K 12 -23.75 43.34 6.52
N ALA K 13 -22.42 43.06 6.57
CA ALA K 13 -21.65 42.76 7.80
C ALA K 13 -21.54 43.95 8.76
N ASP K 14 -21.62 45.19 8.22
CA ASP K 14 -21.57 46.44 9.01
C ASP K 14 -22.99 46.87 9.45
N ASN K 15 -23.97 46.84 8.49
CA ASN K 15 -25.37 47.21 8.73
C ASN K 15 -26.00 46.20 9.71
N GLU K 16 -26.10 44.92 9.29
CA GLU K 16 -26.62 43.81 10.08
C GLU K 16 -25.46 43.10 10.77
N GLY K 17 -25.65 41.83 11.16
CA GLY K 17 -24.62 41.02 11.79
C GLY K 17 -23.67 40.39 10.81
N THR K 18 -22.67 39.64 11.32
CA THR K 18 -21.70 38.93 10.49
C THR K 18 -22.33 37.65 9.91
N GLU K 19 -23.20 37.01 10.70
CA GLU K 19 -23.97 35.82 10.34
C GLU K 19 -24.85 36.15 9.13
N ALA K 20 -25.47 37.35 9.12
CA ALA K 20 -26.35 37.83 8.06
C ALA K 20 -25.59 37.96 6.75
N ALA K 21 -24.33 38.43 6.81
CA ALA K 21 -23.44 38.62 5.66
C ALA K 21 -23.15 37.28 5.00
N LEU K 22 -22.74 36.28 5.82
CA LEU K 22 -22.43 34.92 5.37
C LEU K 22 -23.69 34.22 4.88
N SER K 23 -24.80 34.37 5.63
CA SER K 23 -26.11 33.80 5.32
C SER K 23 -26.59 34.28 3.95
N TRP K 24 -26.26 35.54 3.59
CA TRP K 24 -26.60 36.07 2.27
C TRP K 24 -25.81 35.32 1.20
N LEU K 25 -24.49 35.15 1.41
CA LEU K 25 -23.58 34.53 0.45
C LEU K 25 -23.99 33.13 0.00
N GLN K 26 -24.30 32.25 0.97
CA GLN K 26 -24.73 30.86 0.74
C GLN K 26 -25.93 30.88 -0.18
N ALA K 27 -26.94 31.70 0.17
CA ALA K 27 -28.11 31.92 -0.68
C ALA K 27 -27.70 32.92 -1.79
N ARG K 28 -26.77 32.50 -2.72
CA ARG K 28 -26.24 33.32 -3.82
C ARG K 28 -27.43 34.08 -4.44
N PRO K 29 -28.43 33.40 -5.09
CA PRO K 29 -28.54 31.99 -5.53
C PRO K 29 -28.32 31.87 -7.07
N GLY K 30 -27.82 30.76 -7.57
CA GLY K 30 -27.37 29.61 -6.82
C GLY K 30 -26.27 28.98 -7.61
N ILE K 31 -25.01 29.32 -7.22
CA ILE K 31 -23.73 28.85 -7.76
C ILE K 31 -23.78 27.33 -8.06
N GLN K 32 -23.25 26.88 -9.21
CA GLN K 32 -23.34 25.46 -9.56
C GLN K 32 -21.99 24.74 -9.78
N SER K 33 -20.91 25.52 -9.91
CA SER K 33 -19.57 24.99 -10.12
C SER K 33 -18.78 24.94 -8.82
N ASP K 34 -17.68 24.19 -8.80
CA ASP K 34 -16.80 24.14 -7.63
C ASP K 34 -15.93 25.42 -7.60
N ARG K 35 -15.72 26.04 -8.79
CA ARG K 35 -15.01 27.30 -8.99
C ARG K 35 -15.78 28.42 -8.27
N SER K 36 -17.07 28.61 -8.66
CA SER K 36 -17.95 29.62 -8.07
C SER K 36 -18.14 29.43 -6.57
N ASN K 37 -18.21 28.16 -6.09
CA ASN K 37 -18.31 27.85 -4.66
C ASN K 37 -17.07 28.34 -3.88
N TRP K 38 -15.87 28.01 -4.40
CA TRP K 38 -14.57 28.38 -3.85
C TRP K 38 -14.42 29.91 -3.80
N LEU K 39 -14.85 30.61 -4.86
CA LEU K 39 -14.77 32.06 -4.92
C LEU K 39 -15.71 32.71 -3.91
N LEU K 40 -16.94 32.19 -3.82
CA LEU K 40 -17.99 32.62 -2.88
C LEU K 40 -17.47 32.46 -1.44
N ARG K 41 -16.80 31.34 -1.19
CA ARG K 41 -16.20 31.00 0.09
C ARG K 41 -15.01 31.90 0.42
N LEU K 42 -14.31 32.43 -0.63
CA LEU K 42 -13.19 33.37 -0.47
C LEU K 42 -13.76 34.70 0.02
N LEU K 43 -14.93 35.12 -0.54
CA LEU K 43 -15.64 36.34 -0.15
C LEU K 43 -16.00 36.25 1.32
N MSE K 44 -16.46 35.08 1.75
CA MSE K 44 -16.79 34.82 3.14
C MSE K 44 -15.57 35.04 4.04
O MSE K 44 -15.70 35.62 5.12
CB MSE K 44 -17.27 33.38 3.31
CG MSE K 44 -18.57 33.08 2.57
SE MSE K 44 -19.38 31.31 2.97
CE MSE K 44 -17.91 30.58 4.06
N ALA K 45 -14.39 34.57 3.61
CA ALA K 45 -13.13 34.70 4.36
C ALA K 45 -12.68 36.16 4.38
N ARG K 46 -12.91 36.88 3.27
CA ARG K 46 -12.57 38.28 3.12
C ARG K 46 -13.43 39.13 4.05
N VAL K 47 -14.76 38.85 4.07
CA VAL K 47 -15.72 39.55 4.91
C VAL K 47 -15.46 39.30 6.40
N ALA K 48 -14.95 38.13 6.74
CA ALA K 48 -14.61 37.78 8.10
C ALA K 48 -13.31 38.44 8.57
N GLU K 49 -12.61 39.14 7.67
CA GLU K 49 -11.37 39.82 8.01
C GLU K 49 -11.66 41.27 8.34
N GLN K 50 -12.89 41.75 8.06
CA GLN K 50 -13.26 43.13 8.30
C GLN K 50 -13.44 43.44 9.77
N THR K 51 -14.48 42.92 10.45
CA THR K 51 -14.56 43.18 11.89
C THR K 51 -13.90 41.98 12.58
N GLY K 52 -13.99 41.89 13.92
CA GLY K 52 -13.41 40.86 14.79
C GLY K 52 -13.06 39.56 14.10
N LYS K 53 -14.06 38.63 14.03
CA LYS K 53 -14.11 37.31 13.38
C LYS K 53 -12.79 36.50 13.48
N ASN K 54 -11.75 36.85 12.67
CA ASN K 54 -10.37 36.32 12.65
C ASN K 54 -10.27 34.80 12.70
N ASP K 55 -10.60 34.17 13.84
CA ASP K 55 -10.62 32.72 14.02
C ASP K 55 -11.53 32.08 12.94
N LEU K 56 -12.69 32.73 12.64
CA LEU K 56 -13.62 32.31 11.60
C LEU K 56 -12.93 32.40 10.25
N ALA K 57 -12.26 33.55 9.98
CA ALA K 57 -11.54 33.77 8.73
C ALA K 57 -10.42 32.74 8.56
N LEU K 58 -9.69 32.40 9.66
CA LEU K 58 -8.61 31.41 9.65
C LEU K 58 -9.11 30.03 9.25
N HIS K 59 -10.29 29.63 9.79
CA HIS K 59 -10.94 28.36 9.51
C HIS K 59 -11.36 28.30 8.04
N LEU K 60 -11.95 29.40 7.56
CA LEU K 60 -12.42 29.56 6.18
C LEU K 60 -11.25 29.48 5.19
N LEU K 61 -10.14 30.18 5.52
CA LEU K 61 -8.95 30.24 4.70
C LEU K 61 -8.22 28.92 4.64
N ALA K 62 -8.18 28.17 5.79
CA ALA K 62 -7.52 26.87 5.89
C ALA K 62 -8.17 25.88 4.93
N GLU K 63 -9.51 25.91 4.86
CA GLU K 63 -10.37 25.11 4.00
C GLU K 63 -10.08 25.40 2.53
N LEU K 64 -10.03 26.69 2.15
CA LEU K 64 -9.77 27.14 0.78
C LEU K 64 -8.39 26.72 0.35
N ASP K 65 -7.41 26.87 1.26
CA ASP K 65 -6.01 26.53 1.02
C ASP K 65 -5.82 25.05 0.81
N GLU K 66 -6.54 24.23 1.61
CA GLU K 66 -6.51 22.77 1.51
C GLU K 66 -7.12 22.30 0.18
N ARG K 67 -8.26 22.90 -0.24
CA ARG K 67 -8.92 22.59 -1.52
C ARG K 67 -8.06 23.01 -2.71
N ALA K 68 -7.31 24.13 -2.57
CA ALA K 68 -6.40 24.65 -3.60
C ALA K 68 -5.23 23.70 -3.82
N THR K 69 -4.74 23.08 -2.72
CA THR K 69 -3.64 22.13 -2.72
C THR K 69 -4.07 20.87 -3.49
N ARG K 70 -5.28 20.36 -3.18
CA ARG K 70 -5.88 19.19 -3.84
C ARG K 70 -6.07 19.47 -5.34
N LEU K 71 -6.79 20.56 -5.67
CA LEU K 71 -7.07 20.99 -7.06
C LEU K 71 -5.81 21.47 -7.84
N THR K 72 -4.63 21.51 -7.16
CA THR K 72 -3.31 22.01 -7.62
C THR K 72 -3.50 23.35 -8.36
N LEU K 73 -4.18 24.29 -7.67
CA LEU K 73 -4.56 25.60 -8.13
C LEU K 73 -3.39 26.58 -8.12
N SER K 74 -2.25 26.22 -7.53
CA SER K 74 -1.08 27.10 -7.52
C SER K 74 -0.59 27.29 -8.98
N GLN K 75 -0.92 26.32 -9.87
CA GLN K 75 -0.54 26.30 -11.29
C GLN K 75 -1.51 27.10 -12.15
N TRP K 76 -2.82 26.82 -12.01
CA TRP K 76 -3.93 27.49 -12.69
C TRP K 76 -4.50 28.45 -11.66
N GLU K 77 -4.43 29.78 -11.85
CA GLU K 77 -4.92 30.78 -10.84
C GLU K 77 -3.98 30.92 -9.59
N PRO K 78 -2.68 31.30 -9.78
CA PRO K 78 -1.77 31.43 -8.64
C PRO K 78 -2.04 32.62 -7.73
N GLU K 79 -2.54 33.72 -8.32
CA GLU K 79 -2.84 34.98 -7.62
C GLU K 79 -3.84 34.77 -6.50
N LEU K 80 -4.88 33.93 -6.76
CA LEU K 80 -5.92 33.59 -5.80
C LEU K 80 -5.33 32.80 -4.66
N VAL K 81 -4.48 31.80 -4.98
CA VAL K 81 -3.81 30.96 -3.96
C VAL K 81 -2.87 31.82 -3.11
N PHE K 82 -2.09 32.71 -3.76
CA PHE K 82 -1.18 33.63 -3.09
C PHE K 82 -1.96 34.46 -2.07
N GLU K 83 -3.13 35.01 -2.49
CA GLU K 83 -4.02 35.80 -1.63
C GLU K 83 -4.42 35.00 -0.37
N VAL K 84 -4.97 33.77 -0.56
CA VAL K 84 -5.40 32.88 0.51
C VAL K 84 -4.24 32.60 1.47
N LYS K 85 -3.07 32.18 0.95
CA LYS K 85 -1.90 31.86 1.74
C LYS K 85 -1.41 33.05 2.53
N ALA K 86 -1.34 34.25 1.87
CA ALA K 86 -0.89 35.49 2.50
C ALA K 86 -1.83 35.94 3.62
N ARG K 87 -3.16 35.89 3.37
CA ARG K 87 -4.19 36.25 4.34
C ARG K 87 -4.08 35.33 5.54
N ARG K 88 -3.91 34.03 5.28
CA ARG K 88 -3.77 33.01 6.31
C ARG K 88 -2.54 33.27 7.18
N LEU K 89 -1.40 33.63 6.55
CA LEU K 89 -0.13 33.95 7.22
C LEU K 89 -0.27 35.20 8.11
N LYS K 90 -0.88 36.27 7.56
CA LYS K 90 -1.13 37.54 8.24
C LYS K 90 -1.85 37.33 9.57
N LEU K 91 -2.98 36.61 9.52
CA LEU K 91 -3.84 36.32 10.66
C LEU K 91 -3.20 35.39 11.68
N LEU K 92 -2.37 34.44 11.21
CA LEU K 92 -1.67 33.53 12.10
C LEU K 92 -0.60 34.29 12.88
N ARG K 93 0.05 35.27 12.21
CA ARG K 93 1.07 36.13 12.79
C ARG K 93 0.48 36.99 13.90
N MSE K 94 -0.78 37.42 13.71
CA MSE K 94 -1.54 38.21 14.69
C MSE K 94 -1.91 37.37 15.89
O MSE K 94 -1.78 37.84 17.02
CB MSE K 94 -2.80 38.79 14.05
CG MSE K 94 -2.48 39.85 13.03
SE MSE K 94 -4.04 40.31 12.00
CE MSE K 94 -3.23 41.83 10.92
N LYS K 95 -2.34 36.10 15.65
CA LYS K 95 -2.69 35.14 16.69
C LYS K 95 -1.43 34.76 17.49
N SER K 96 -0.28 34.68 16.78
CA SER K 96 1.04 34.40 17.36
C SER K 96 1.57 35.60 18.16
N ALA K 97 1.12 36.83 17.83
CA ALA K 97 1.52 38.07 18.51
C ALA K 97 0.78 38.23 19.83
N LYS K 98 -0.52 37.83 19.87
CA LYS K 98 -1.39 37.91 21.05
C LYS K 98 -0.89 37.04 22.20
N THR K 99 -0.50 35.80 21.91
CA THR K 99 -0.01 34.84 22.91
C THR K 99 1.20 34.05 22.36
N GLU K 100 2.32 34.07 23.10
CA GLU K 100 3.56 33.38 22.68
C GLU K 100 3.54 31.87 22.95
N SER K 101 2.51 31.38 23.69
CA SER K 101 2.34 29.97 24.02
C SER K 101 2.05 29.17 22.75
N ASP K 102 1.23 29.73 21.83
CA ASP K 102 0.90 29.09 20.56
C ASP K 102 1.88 29.45 19.44
N ARG K 103 2.72 30.50 19.64
CA ARG K 103 3.73 30.92 18.66
C ARG K 103 4.60 29.72 18.21
N VAL K 104 4.97 28.85 19.17
CA VAL K 104 5.76 27.64 18.92
C VAL K 104 4.96 26.57 18.12
N ARG K 105 3.64 26.41 18.39
CA ARG K 105 2.82 25.43 17.67
C ARG K 105 2.35 25.94 16.31
N LEU K 106 2.30 27.27 16.12
CA LEU K 106 1.91 27.90 14.86
C LEU K 106 3.09 28.06 13.91
N GLN K 107 4.33 28.05 14.44
CA GLN K 107 5.60 28.17 13.71
C GLN K 107 5.71 27.21 12.50
N PRO K 108 5.40 25.89 12.58
CA PRO K 108 5.48 25.05 11.37
C PRO K 108 4.50 25.48 10.25
N ASP K 109 3.24 25.81 10.61
CA ASP K 109 2.18 26.25 9.70
C ASP K 109 2.54 27.54 8.97
N MSE K 110 3.16 28.48 9.70
CA MSE K 110 3.59 29.76 9.17
C MSE K 110 4.77 29.63 8.21
O MSE K 110 4.80 30.36 7.22
CB MSE K 110 3.95 30.71 10.31
CG MSE K 110 2.75 31.53 10.78
SE MSE K 110 3.08 32.55 12.42
CE MSE K 110 4.87 33.33 12.00
N GLU K 111 5.72 28.73 8.51
CA GLU K 111 6.90 28.49 7.67
C GLU K 111 6.47 27.85 6.35
N HIS K 112 5.50 26.92 6.42
CA HIS K 112 4.95 26.21 5.28
C HIS K 112 4.20 27.17 4.34
N LEU K 113 3.46 28.13 4.92
CA LEU K 113 2.68 29.11 4.19
C LEU K 113 3.61 30.07 3.46
N LEU K 114 4.68 30.51 4.14
CA LEU K 114 5.69 31.40 3.58
C LEU K 114 6.42 30.69 2.43
N ALA K 115 6.79 29.40 2.63
CA ALA K 115 7.44 28.55 1.63
C ALA K 115 6.55 28.42 0.39
N GLY K 116 5.24 28.32 0.61
CA GLY K 116 4.22 28.21 -0.42
C GLY K 116 4.10 29.50 -1.21
N LEU K 117 4.11 30.64 -0.48
CA LEU K 117 4.03 31.98 -1.07
C LEU K 117 5.25 32.29 -1.92
N ILE K 118 6.44 31.92 -1.41
CA ILE K 118 7.73 32.05 -2.06
C ILE K 118 7.73 31.21 -3.35
N ALA K 119 7.16 29.99 -3.29
CA ALA K 119 7.02 29.09 -4.42
C ALA K 119 6.12 29.65 -5.54
N ILE K 120 5.05 30.39 -5.18
CA ILE K 120 4.11 31.00 -6.14
C ILE K 120 4.72 32.26 -6.80
N ASP K 121 5.17 33.23 -5.97
CA ASP K 121 5.78 34.46 -6.46
C ASP K 121 6.80 34.92 -5.45
N ALA K 122 8.08 34.54 -5.69
CA ALA K 122 9.20 34.86 -4.79
C ALA K 122 9.34 36.35 -4.53
N ALA K 123 9.32 37.16 -5.61
CA ALA K 123 9.44 38.62 -5.55
C ALA K 123 8.39 39.22 -4.61
N ARG K 124 7.11 38.85 -4.82
CA ARG K 124 5.99 39.30 -3.99
C ARG K 124 6.10 38.84 -2.55
N ALA K 125 6.54 37.59 -2.34
CA ALA K 125 6.67 37.01 -1.01
C ALA K 125 7.89 37.50 -0.22
N ALA K 126 8.93 38.00 -0.92
CA ALA K 126 10.19 38.47 -0.35
C ALA K 126 10.00 39.41 0.83
N VAL K 127 9.07 40.38 0.68
CA VAL K 127 8.72 41.39 1.69
C VAL K 127 8.16 40.77 3.01
N LEU K 128 7.52 39.61 2.89
CA LEU K 128 6.88 38.88 3.97
C LEU K 128 7.80 37.97 4.79
N CYS K 129 9.08 37.82 4.41
CA CYS K 129 9.99 36.95 5.16
C CYS K 129 10.36 37.47 6.51
N ASN K 130 10.54 38.79 6.59
CA ASN K 130 10.87 39.49 7.81
C ASN K 130 9.55 40.00 8.47
N SER K 131 9.28 39.55 9.72
CA SER K 131 8.08 39.94 10.48
C SER K 131 8.38 41.09 11.45
N ALA L 1 -7.65 32.54 -22.08
CA ALA L 1 -7.44 33.37 -20.90
C ALA L 1 -6.74 34.69 -21.24
N ALA L 2 -5.78 34.65 -22.20
CA ALA L 2 -4.99 35.80 -22.69
C ALA L 2 -4.18 35.38 -23.94
N LEU L 3 -3.34 34.30 -23.80
CA LEU L 3 -2.47 33.73 -24.84
C LEU L 3 -3.13 32.60 -25.62
N SER L 4 -4.44 32.74 -25.84
CA SER L 4 -5.30 31.80 -26.56
C SER L 4 -5.70 32.36 -27.91
N LEU L 5 -5.65 33.69 -28.03
CA LEU L 5 -6.02 34.45 -29.22
C LEU L 5 -4.95 34.34 -30.32
N GLU L 6 -4.77 33.14 -30.92
CA GLU L 6 -3.74 32.94 -31.95
C GLU L 6 -4.23 32.23 -33.24
N PRO L 7 -4.94 32.96 -34.13
CA PRO L 7 -5.39 32.36 -35.41
C PRO L 7 -4.30 32.49 -36.48
N GLU L 8 -3.23 33.27 -36.20
CA GLU L 8 -2.08 33.49 -37.09
C GLU L 8 -1.23 32.24 -37.16
N ALA L 9 -1.25 31.45 -36.06
CA ALA L 9 -0.55 30.17 -35.92
C ALA L 9 -1.11 29.18 -36.94
N LEU L 10 -2.42 29.27 -37.20
CA LEU L 10 -3.13 28.47 -38.18
C LEU L 10 -2.68 28.82 -39.61
N GLN L 11 -2.40 30.12 -39.88
CA GLN L 11 -1.91 30.60 -41.18
C GLN L 11 -0.53 30.00 -41.47
N ILE L 12 0.41 30.08 -40.48
CA ILE L 12 1.79 29.55 -40.53
C ILE L 12 1.79 28.09 -40.95
N ALA L 13 0.80 27.32 -40.47
CA ALA L 13 0.61 25.90 -40.78
C ALA L 13 0.34 25.67 -42.27
N ASP L 14 -0.40 26.59 -42.91
CA ASP L 14 -0.75 26.51 -44.32
C ASP L 14 0.37 27.05 -45.23
N ASN L 15 0.94 28.21 -44.87
CA ASN L 15 2.03 28.88 -45.60
C ASN L 15 3.32 28.03 -45.52
N GLU L 16 3.85 27.87 -44.29
CA GLU L 16 5.04 27.06 -44.02
C GLU L 16 4.57 25.61 -43.70
N GLY L 17 5.44 24.81 -43.10
CA GLY L 17 5.13 23.43 -42.71
C GLY L 17 4.36 23.30 -41.40
N THR L 18 3.90 22.06 -41.08
CA THR L 18 3.17 21.82 -39.82
C THR L 18 4.12 21.96 -38.63
N GLU L 19 5.37 21.53 -38.81
CA GLU L 19 6.43 21.67 -37.81
C GLU L 19 6.69 23.16 -37.50
N ALA L 20 6.72 24.04 -38.55
CA ALA L 20 6.93 25.49 -38.44
C ALA L 20 5.85 26.15 -37.60
N ALA L 21 4.63 25.73 -37.80
CA ALA L 21 3.57 26.25 -36.98
C ALA L 21 3.74 25.88 -35.53
N LEU L 22 4.02 24.62 -35.26
CA LEU L 22 4.10 24.15 -33.87
C LEU L 22 5.27 24.79 -33.22
N SER L 23 6.34 24.87 -33.98
CA SER L 23 7.58 25.38 -33.49
C SER L 23 7.31 26.79 -33.09
N TRP L 24 6.54 27.47 -33.91
CA TRP L 24 6.33 28.88 -33.69
C TRP L 24 5.69 29.01 -32.33
N LEU L 25 4.70 28.18 -32.07
CA LEU L 25 4.02 28.24 -30.80
C LEU L 25 4.98 27.91 -29.69
N GLN L 26 5.79 26.90 -29.88
CA GLN L 26 6.65 26.46 -28.78
C GLN L 26 7.53 27.62 -28.41
N ALA L 27 7.80 28.47 -29.39
CA ALA L 27 8.66 29.61 -29.16
C ALA L 27 8.05 30.47 -28.08
N ARG L 28 6.73 30.61 -28.08
CA ARG L 28 6.11 31.65 -27.30
C ARG L 28 6.60 32.93 -27.92
N PRO L 29 6.68 34.08 -27.13
CA PRO L 29 7.81 34.08 -26.23
C PRO L 29 7.40 34.19 -24.77
N GLY L 30 8.03 33.40 -23.90
CA GLY L 30 8.42 33.88 -22.60
C GLY L 30 7.28 33.89 -21.62
N ILE L 31 6.18 33.27 -22.02
CA ILE L 31 5.29 32.58 -21.11
C ILE L 31 6.15 31.92 -20.04
N GLN L 32 5.71 31.98 -18.79
CA GLN L 32 5.63 30.78 -17.96
C GLN L 32 4.24 30.20 -17.81
N SER L 33 3.27 31.05 -17.49
CA SER L 33 2.04 30.66 -16.79
C SER L 33 2.09 29.27 -16.19
N ASP L 34 1.93 28.31 -17.09
CA ASP L 34 1.55 26.94 -16.85
C ASP L 34 0.07 26.76 -16.93
N ARG L 35 -0.68 27.85 -16.89
CA ARG L 35 -1.89 27.92 -17.70
C ARG L 35 -1.58 27.93 -19.17
N SER L 36 -0.63 28.75 -19.56
CA SER L 36 -0.43 29.03 -20.95
C SER L 36 -0.03 27.74 -21.56
N ASN L 37 0.80 27.02 -20.86
CA ASN L 37 1.44 25.88 -21.45
C ASN L 37 0.35 24.93 -21.86
N TRP L 38 -0.66 24.80 -21.01
CA TRP L 38 -1.80 23.94 -21.34
C TRP L 38 -2.64 24.55 -22.49
N LEU L 39 -2.87 25.87 -22.46
CA LEU L 39 -3.63 26.57 -23.49
C LEU L 39 -2.87 26.58 -24.80
N LEU L 40 -1.56 26.87 -24.75
CA LEU L 40 -0.64 26.87 -25.90
C LEU L 40 -0.63 25.48 -26.56
N ARG L 41 -0.60 24.45 -25.71
CA ARG L 41 -0.63 23.05 -26.12
C ARG L 41 -1.98 22.67 -26.73
N LEU L 42 -3.08 23.35 -26.31
CA LEU L 42 -4.41 23.13 -26.88
C LEU L 42 -4.44 23.69 -28.31
N LEU L 43 -3.78 24.86 -28.52
CA LEU L 43 -3.67 25.50 -29.83
C LEU L 43 -2.94 24.55 -30.77
N MSE L 44 -1.89 23.89 -30.27
CA MSE L 44 -1.13 22.91 -31.02
C MSE L 44 -2.05 21.77 -31.47
O MSE L 44 -1.94 21.33 -32.61
CB MSE L 44 -0.02 22.34 -30.16
CG MSE L 44 1.04 23.35 -29.76
SE MSE L 44 2.63 22.56 -28.94
CE MSE L 44 2.00 20.73 -28.67
N ALA L 45 -2.96 21.30 -30.58
CA ALA L 45 -3.89 20.21 -30.88
C ALA L 45 -4.93 20.65 -31.88
N ARG L 46 -5.34 21.95 -31.79
CA ARG L 46 -6.33 22.57 -32.67
C ARG L 46 -5.73 22.70 -34.07
N VAL L 47 -4.48 23.21 -34.16
CA VAL L 47 -3.77 23.40 -35.42
C VAL L 47 -3.50 22.05 -36.10
N ALA L 48 -3.30 20.99 -35.32
CA ALA L 48 -3.06 19.64 -35.83
C ALA L 48 -4.37 18.99 -36.35
N GLU L 49 -5.50 19.63 -36.15
CA GLU L 49 -6.76 19.09 -36.61
C GLU L 49 -7.10 19.70 -37.97
N GLN L 50 -6.35 20.73 -38.41
CA GLN L 50 -6.62 21.39 -39.67
C GLN L 50 -6.20 20.56 -40.85
N THR L 51 -4.89 20.33 -41.11
CA THR L 51 -4.57 19.44 -42.22
C THR L 51 -4.42 18.02 -41.60
N GLY L 52 -3.96 17.04 -42.40
CA GLY L 52 -3.79 15.63 -42.04
C GLY L 52 -3.67 15.36 -40.55
N LYS L 53 -2.41 15.45 -40.05
CA LYS L 53 -1.91 15.33 -38.66
C LYS L 53 -2.65 14.24 -37.84
N ASN L 54 -3.90 14.49 -37.37
CA ASN L 54 -4.83 13.57 -36.67
C ASN L 54 -4.21 12.77 -35.52
N ASP L 55 -3.33 11.80 -35.84
CA ASP L 55 -2.58 11.00 -34.89
C ASP L 55 -1.81 11.93 -33.94
N LEU L 56 -1.21 13.01 -34.47
CA LEU L 56 -0.51 14.04 -33.70
C LEU L 56 -1.49 14.74 -32.78
N ALA L 57 -2.65 15.12 -33.33
CA ALA L 57 -3.70 15.78 -32.54
C ALA L 57 -4.21 14.87 -31.43
N LEU L 58 -4.37 13.55 -31.70
CA LEU L 58 -4.82 12.57 -30.73
C LEU L 58 -3.86 12.45 -29.52
N HIS L 59 -2.54 12.40 -29.78
CA HIS L 59 -1.51 12.35 -28.75
C HIS L 59 -1.52 13.63 -27.94
N LEU L 60 -1.64 14.78 -28.62
CA LEU L 60 -1.69 16.09 -27.99
C LEU L 60 -2.89 16.22 -27.07
N LEU L 61 -4.07 15.76 -27.54
CA LEU L 61 -5.33 15.80 -26.80
C LEU L 61 -5.35 14.85 -25.61
N ALA L 62 -4.77 13.65 -25.77
CA ALA L 62 -4.68 12.67 -24.71
C ALA L 62 -3.91 13.22 -23.51
N GLU L 63 -2.78 13.91 -23.78
CA GLU L 63 -1.89 14.57 -22.83
C GLU L 63 -2.64 15.66 -22.07
N LEU L 64 -3.38 16.53 -22.80
CA LEU L 64 -4.16 17.63 -22.22
C LEU L 64 -5.26 17.08 -21.33
N ASP L 65 -5.93 16.01 -21.79
CA ASP L 65 -7.03 15.36 -21.07
C ASP L 65 -6.55 14.73 -19.79
N GLU L 66 -5.36 14.10 -19.82
CA GLU L 66 -4.72 13.46 -18.68
C GLU L 66 -4.32 14.51 -17.63
N ARG L 67 -3.75 15.65 -18.05
CA ARG L 67 -3.37 16.76 -17.17
C ARG L 67 -4.59 17.40 -16.53
N ALA L 68 -5.71 17.49 -17.29
CA ALA L 68 -6.99 18.03 -16.84
C ALA L 68 -7.61 17.15 -15.76
N THR L 69 -7.44 15.81 -15.88
CA THR L 69 -7.95 14.82 -14.94
C THR L 69 -7.20 14.97 -13.62
N ARG L 70 -5.88 15.10 -13.68
CA ARG L 70 -5.01 15.28 -12.52
C ARG L 70 -5.36 16.59 -11.82
N LEU L 71 -5.33 17.71 -12.56
CA LEU L 71 -5.63 19.04 -12.04
C LEU L 71 -7.12 19.27 -11.67
N THR L 72 -7.98 18.22 -11.88
CA THR L 72 -9.44 18.19 -11.70
C THR L 72 -10.07 19.47 -12.28
N LEU L 73 -9.74 19.72 -13.56
CA LEU L 73 -10.13 20.88 -14.35
C LEU L 73 -11.56 20.79 -14.85
N SER L 74 -12.23 19.64 -14.69
CA SER L 74 -13.63 19.52 -15.09
C SER L 74 -14.49 20.47 -14.22
N GLN L 75 -13.99 20.82 -13.01
CA GLN L 75 -14.64 21.69 -12.02
C GLN L 75 -14.35 23.18 -12.29
N TRP L 76 -13.07 23.52 -12.46
CA TRP L 76 -12.58 24.86 -12.76
C TRP L 76 -12.29 24.83 -14.27
N GLU L 77 -13.00 25.59 -15.13
CA GLU L 77 -12.80 25.57 -16.62
C GLU L 77 -13.37 24.29 -17.31
N PRO L 78 -14.69 24.01 -17.19
CA PRO L 78 -15.25 22.78 -17.81
C PRO L 78 -15.37 22.82 -19.32
N GLU L 79 -15.58 24.03 -19.89
CA GLU L 79 -15.76 24.25 -21.32
C GLU L 79 -14.52 23.81 -22.10
N LEU L 80 -13.32 24.10 -21.54
CA LEU L 80 -12.03 23.70 -22.11
C LEU L 80 -11.90 22.18 -22.09
N VAL L 81 -12.27 21.53 -20.96
CA VAL L 81 -12.22 20.07 -20.83
C VAL L 81 -13.19 19.42 -21.81
N PHE L 82 -14.43 19.95 -21.87
CA PHE L 82 -15.45 19.49 -22.81
C PHE L 82 -14.91 19.48 -24.24
N GLU L 83 -14.26 20.60 -24.65
CA GLU L 83 -13.62 20.76 -25.94
C GLU L 83 -12.62 19.63 -26.21
N VAL L 84 -11.65 19.43 -25.28
CA VAL L 84 -10.61 18.41 -25.35
C VAL L 84 -11.23 17.02 -25.51
N LYS L 85 -12.18 16.68 -24.62
CA LYS L 85 -12.83 15.38 -24.64
C LYS L 85 -13.60 15.12 -25.93
N ALA L 86 -14.34 16.15 -26.40
CA ALA L 86 -15.13 16.07 -27.63
C ALA L 86 -14.26 15.88 -28.87
N ARG L 87 -13.16 16.68 -28.96
CA ARG L 87 -12.20 16.62 -30.06
C ARG L 87 -11.58 15.23 -30.08
N ARG L 88 -11.20 14.73 -28.90
CA ARG L 88 -10.59 13.42 -28.71
C ARG L 88 -11.53 12.31 -29.19
N LEU L 89 -12.82 12.39 -28.81
CA LEU L 89 -13.86 11.44 -29.20
C LEU L 89 -14.07 11.43 -30.73
N LYS L 90 -14.19 12.64 -31.34
CA LYS L 90 -14.39 12.85 -32.78
C LYS L 90 -13.33 12.10 -33.61
N LEU L 91 -12.05 12.34 -33.26
CA LEU L 91 -10.87 11.78 -33.92
C LEU L 91 -10.73 10.28 -33.71
N LEU L 92 -11.12 9.80 -32.51
CA LEU L 92 -11.06 8.37 -32.19
C LEU L 92 -12.10 7.62 -33.00
N ARG L 93 -13.28 8.24 -33.21
CA ARG L 93 -14.38 7.71 -34.00
C ARG L 93 -13.95 7.54 -35.46
N MSE L 94 -13.19 8.51 -35.98
CA MSE L 94 -12.67 8.45 -37.33
C MSE L 94 -11.62 7.37 -37.47
O MSE L 94 -11.66 6.62 -38.44
CB MSE L 94 -12.10 9.81 -37.71
CG MSE L 94 -13.13 10.88 -37.74
SE MSE L 94 -12.25 12.59 -37.87
CE MSE L 94 -13.84 13.76 -38.12
N LYS L 95 -10.72 7.24 -36.48
CA LYS L 95 -9.66 6.20 -36.45
C LYS L 95 -10.28 4.80 -36.42
N SER L 96 -11.49 4.73 -35.85
CA SER L 96 -12.31 3.54 -35.73
C SER L 96 -12.94 3.25 -37.10
N ALA L 97 -13.48 4.28 -37.76
CA ALA L 97 -14.10 4.18 -39.09
C ALA L 97 -13.12 3.88 -40.24
N LYS L 98 -11.78 3.92 -39.97
CA LYS L 98 -10.74 3.64 -40.96
C LYS L 98 -10.41 2.14 -41.00
N THR L 99 -10.26 1.52 -39.81
CA THR L 99 -9.95 0.10 -39.65
C THR L 99 -10.69 -0.43 -38.43
N GLU L 100 -11.37 -1.57 -38.61
CA GLU L 100 -12.17 -2.21 -37.54
C GLU L 100 -11.34 -3.03 -36.55
N SER L 101 -10.04 -3.22 -36.84
CA SER L 101 -9.09 -3.94 -36.00
C SER L 101 -8.89 -3.21 -34.66
N ASP L 102 -8.77 -1.86 -34.72
CA ASP L 102 -8.60 -0.99 -33.56
C ASP L 102 -9.94 -0.56 -32.94
N ARG L 103 -11.08 -0.69 -33.69
CA ARG L 103 -12.41 -0.33 -33.22
C ARG L 103 -12.71 -0.95 -31.84
N VAL L 104 -12.31 -2.23 -31.68
CA VAL L 104 -12.49 -3.00 -30.45
C VAL L 104 -11.59 -2.47 -29.31
N ARG L 105 -10.32 -2.08 -29.61
CA ARG L 105 -9.40 -1.57 -28.58
C ARG L 105 -9.68 -0.11 -28.22
N LEU L 106 -10.32 0.65 -29.14
CA LEU L 106 -10.67 2.07 -28.93
C LEU L 106 -12.01 2.23 -28.23
N GLN L 107 -12.89 1.20 -28.33
CA GLN L 107 -14.23 1.16 -27.71
C GLN L 107 -14.25 1.55 -26.21
N PRO L 108 -13.37 1.02 -25.31
CA PRO L 108 -13.41 1.47 -23.91
C PRO L 108 -13.11 2.97 -23.71
N ASP L 109 -12.09 3.50 -24.45
CA ASP L 109 -11.64 4.89 -24.40
C ASP L 109 -12.75 5.84 -24.84
N MSE L 110 -13.48 5.47 -25.89
CA MSE L 110 -14.57 6.26 -26.45
C MSE L 110 -15.78 6.31 -25.52
O MSE L 110 -16.42 7.36 -25.44
CB MSE L 110 -14.99 5.68 -27.79
CG MSE L 110 -14.26 6.29 -28.95
SE MSE L 110 -14.59 5.32 -30.62
CE MSE L 110 -16.61 5.17 -30.61
N GLU L 111 -16.09 5.19 -24.84
CA GLU L 111 -17.23 5.13 -23.92
C GLU L 111 -16.96 6.01 -22.71
N HIS L 112 -15.71 5.99 -22.23
CA HIS L 112 -15.24 6.76 -21.09
C HIS L 112 -15.27 8.27 -21.38
N LEU L 113 -14.89 8.66 -22.60
CA LEU L 113 -14.86 10.04 -23.06
C LEU L 113 -16.28 10.60 -23.12
N LEU L 114 -17.21 9.80 -23.67
CA LEU L 114 -18.61 10.17 -23.79
C LEU L 114 -19.23 10.36 -22.41
N ALA L 115 -18.92 9.43 -21.48
CA ALA L 115 -19.35 9.46 -20.09
C ALA L 115 -18.86 10.74 -19.41
N GLY L 116 -17.62 11.13 -19.74
CA GLY L 116 -16.97 12.33 -19.23
C GLY L 116 -17.62 13.59 -19.74
N LEU L 117 -17.97 13.61 -21.05
CA LEU L 117 -18.63 14.73 -21.71
C LEU L 117 -20.04 14.94 -21.16
N ILE L 118 -20.74 13.81 -20.94
CA ILE L 118 -22.09 13.75 -20.37
C ILE L 118 -22.05 14.33 -18.96
N ALA L 119 -20.98 13.98 -18.19
CA ALA L 119 -20.76 14.46 -16.83
C ALA L 119 -20.57 15.99 -16.75
N ILE L 120 -19.90 16.58 -17.76
CA ILE L 120 -19.61 18.02 -17.84
C ILE L 120 -20.86 18.82 -18.25
N ASP L 121 -21.47 18.45 -19.39
CA ASP L 121 -22.68 19.10 -19.93
C ASP L 121 -23.47 18.06 -20.69
N ALA L 122 -24.46 17.47 -20.01
CA ALA L 122 -25.33 16.41 -20.56
C ALA L 122 -26.03 16.85 -21.83
N ALA L 123 -26.67 18.06 -21.78
CA ALA L 123 -27.41 18.65 -22.90
C ALA L 123 -26.52 18.70 -24.16
N ARG L 124 -25.32 19.31 -24.03
CA ARG L 124 -24.34 19.43 -25.11
C ARG L 124 -23.86 18.07 -25.62
N ALA L 125 -23.62 17.12 -24.70
CA ALA L 125 -23.14 15.79 -25.04
C ALA L 125 -24.19 14.86 -25.64
N ALA L 126 -25.50 15.12 -25.37
CA ALA L 126 -26.62 14.30 -25.83
C ALA L 126 -26.60 13.95 -27.32
N VAL L 127 -26.26 14.95 -28.14
CA VAL L 127 -26.15 14.85 -29.61
C VAL L 127 -25.05 13.87 -30.06
N LEU L 128 -24.01 13.68 -29.22
CA LEU L 128 -22.85 12.84 -29.48
C LEU L 128 -23.04 11.37 -29.14
N CYS L 129 -24.21 11.00 -28.57
CA CYS L 129 -24.51 9.61 -28.18
C CYS L 129 -24.73 8.66 -29.36
N ASN L 130 -25.25 9.21 -30.46
CA ASN L 130 -25.50 8.51 -31.72
C ASN L 130 -24.39 8.90 -32.73
N SER L 131 -23.65 7.89 -33.23
CA SER L 131 -22.54 8.07 -34.17
C SER L 131 -22.96 7.95 -35.65
#